data_5JRH
#
_entry.id   5JRH
#
_cell.length_a   60.193
_cell.length_b   144.339
_cell.length_c   71.734
_cell.angle_alpha   90.00
_cell.angle_beta   91.73
_cell.angle_gamma   90.00
#
_symmetry.space_group_name_H-M   'P 1 21 1'
#
loop_
_entity.id
_entity.type
_entity.pdbx_description
1 polymer 'Acetyl-coenzyme A synthetase'
2 non-polymer 'COENZYME A'
3 non-polymer "ADENOSINE-3',5'-CYCLIC-MONOPHOSPHATE"
4 non-polymer 'MAGNESIUM ION'
5 non-polymer (R,R)-2,3-BUTANEDIOL
6 water water
#
_entity_poly.entity_id   1
_entity_poly.type   'polypeptide(L)'
_entity_poly.pdbx_seq_one_letter_code
;MSQTHKHAIPANIADRCLINPEQYETKYKQSINDPDTFWGEQGKILDWITPYQKVKNTSFAPGNVSIKWYEDGTLNLAAN
CLDRHLQENGDRTAIIWEGDDTSQSKHISYRELHRDVCRFANTLLDLGIKKGDVVAIYMPMVPEAAVAMLACARIGAVHS
VIFGGFSPEAVAGRIIDSSSRLVITADEGVRAGRSIPLKKNVDDALKNPNVTSVEHVIVLKRTGSDIDWQEGRDLWWRDL
IEKASPEHQPEAMNAEDPLFILYTSGSTGKPKGVLHTTGGYLVYAATTFKYVFDYHPGDIYWCTADVGWVTGHSYLLYGP
LACGATTLMFEGVPNWPTPARMCQVVDKHQVNILYTAPTAIRALMAEGDKAIEGTDRSSLRILGSVGEPINPEAWEWYWK
KIGKEKCPVVDTWWQTETGGFMITPLPGAIELKAGSATRPFFGVQPALVDNEGHPQEGATEGNLVITDSWPGQARTLFGD
HERFEQTYFSTFKNMYFSGDGARRDEDGYYWITGRVDDVLNVSGHRLGTAEIESALVAHPKIAEAAVVGIPHAIKGQAIY
AYVTLNHGEEPSPELYAEVRNWVRKEIGPLATPDVLHWTDSLPKTRSGKIMRRILRKIAAGDTSNLGDTSTLADPGVVEK
LLEEKQAIAMPSLEHHHHHH
;
_entity_poly.pdbx_strand_id   A,B
#
# COMPACT_ATOMS: atom_id res chain seq x y z
N HIS A 5 34.26 10.29 18.13
CA HIS A 5 33.74 11.60 17.74
C HIS A 5 32.53 11.99 18.59
N LYS A 6 32.76 12.79 19.64
CA LYS A 6 31.69 13.35 20.45
C LYS A 6 31.24 14.69 19.87
N HIS A 7 29.92 14.85 19.69
CA HIS A 7 29.33 16.12 19.29
C HIS A 7 29.17 17.04 20.49
N ALA A 8 29.73 18.24 20.40
CA ALA A 8 29.60 19.23 21.47
C ALA A 8 28.16 19.70 21.63
N ILE A 9 27.83 20.19 22.82
CA ILE A 9 26.55 20.84 23.08
C ILE A 9 26.57 22.25 22.47
N PRO A 10 25.66 22.54 21.53
CA PRO A 10 25.73 23.85 20.86
C PRO A 10 25.31 24.99 21.79
N ALA A 11 25.77 26.20 21.49
CA ALA A 11 25.58 27.33 22.38
C ALA A 11 24.10 27.68 22.56
N ASN A 12 23.29 27.57 21.51
CA ASN A 12 21.88 27.92 21.62
C ASN A 12 21.16 27.02 22.60
N ILE A 13 21.61 25.77 22.65
CA ILE A 13 21.05 24.79 23.58
C ILE A 13 21.58 25.02 24.99
N ALA A 14 22.88 25.28 25.12
CA ALA A 14 23.48 25.59 26.42
C ALA A 14 22.83 26.83 27.04
N ASP A 15 22.40 27.77 26.22
CA ASP A 15 21.86 29.03 26.72
C ASP A 15 20.48 28.86 27.33
N ARG A 16 19.74 27.86 26.87
CA ARG A 16 18.35 27.71 27.27
C ARG A 16 18.09 26.46 28.12
N CYS A 17 19.09 25.58 28.24
CA CYS A 17 18.77 24.23 28.73
C CYS A 17 18.34 24.22 30.19
N LEU A 18 17.46 23.28 30.50
CA LEU A 18 16.95 23.10 31.86
C LEU A 18 17.99 22.42 32.73
N ILE A 19 18.75 21.49 32.14
CA ILE A 19 19.77 20.73 32.84
C ILE A 19 21.12 20.81 32.10
N ASN A 20 22.13 21.36 32.76
CA ASN A 20 23.46 21.44 32.17
C ASN A 20 24.32 20.26 32.69
N PRO A 21 25.58 20.14 32.25
CA PRO A 21 26.35 18.96 32.66
C PRO A 21 26.52 18.79 34.18
N GLU A 22 26.83 19.90 34.88
CA GLU A 22 26.98 19.82 36.32
C GLU A 22 25.68 19.46 37.00
N GLN A 23 24.58 20.05 36.53
CA GLN A 23 23.27 19.76 37.10
C GLN A 23 22.89 18.30 36.86
N TYR A 24 23.24 17.76 35.69
CA TYR A 24 23.00 16.34 35.44
C TYR A 24 23.78 15.50 36.43
N GLU A 25 25.06 15.80 36.61
CA GLU A 25 25.86 14.99 37.53
C GLU A 25 25.31 15.02 38.97
N THR A 26 25.01 16.23 39.45
CA THR A 26 24.51 16.40 40.82
C THR A 26 23.16 15.69 41.03
N LYS A 27 22.23 15.92 40.10
CA LYS A 27 20.91 15.30 40.20
C LYS A 27 21.02 13.79 40.10
N TYR A 28 21.87 13.29 39.21
CA TYR A 28 21.98 11.84 39.03
C TYR A 28 22.50 11.23 40.34
N LYS A 29 23.58 11.80 40.87
CA LYS A 29 24.13 11.29 42.12
C LYS A 29 23.09 11.30 43.23
N GLN A 30 22.31 12.38 43.37
CA GLN A 30 21.30 12.36 44.43
C GLN A 30 20.23 11.30 44.15
N SER A 31 19.88 11.11 42.88
CA SER A 31 18.81 10.19 42.53
C SER A 31 19.22 8.76 42.83
N ILE A 32 20.52 8.49 42.82
CA ILE A 32 20.98 7.14 43.17
C ILE A 32 21.27 6.98 44.67
N ASN A 33 21.89 7.98 45.29
CA ASN A 33 22.24 7.87 46.70
C ASN A 33 21.05 8.08 47.64
N ASP A 34 20.04 8.84 47.19
CA ASP A 34 18.90 9.17 48.05
C ASP A 34 17.66 9.34 47.18
N PRO A 35 17.15 8.25 46.59
CA PRO A 35 15.96 8.38 45.74
C PRO A 35 14.74 8.90 46.49
N ASP A 36 14.63 8.67 47.79
CA ASP A 36 13.48 9.21 48.51
C ASP A 36 13.45 10.74 48.51
N THR A 37 14.58 11.39 48.76
CA THR A 37 14.56 12.85 48.73
C THR A 37 14.45 13.33 47.28
N PHE A 38 15.19 12.70 46.38
CA PHE A 38 15.19 13.15 44.99
C PHE A 38 13.79 13.08 44.39
N TRP A 39 13.16 11.92 44.51
CA TRP A 39 11.85 11.72 43.89
C TRP A 39 10.75 12.33 44.74
N GLY A 40 11.00 12.51 46.02
CA GLY A 40 10.05 13.21 46.87
C GLY A 40 9.92 14.64 46.37
N GLU A 41 11.05 15.24 46.00
CA GLU A 41 10.99 16.61 45.48
C GLU A 41 10.52 16.65 44.01
N GLN A 42 11.01 15.72 43.19
CA GLN A 42 10.67 15.77 41.77
C GLN A 42 9.19 15.40 41.54
N GLY A 43 8.59 14.67 42.47
CA GLY A 43 7.19 14.28 42.34
C GLY A 43 6.23 15.46 42.33
N LYS A 44 6.70 16.62 42.78
CA LYS A 44 5.86 17.81 42.82
C LYS A 44 5.67 18.41 41.43
N ILE A 45 6.22 17.74 40.40
CA ILE A 45 5.92 18.13 39.02
C ILE A 45 4.43 17.89 38.73
N LEU A 46 3.81 17.04 39.53
CA LEU A 46 2.36 16.82 39.45
C LEU A 46 1.62 17.52 40.58
N ASP A 47 0.35 17.84 40.33
CA ASP A 47 -0.62 18.18 41.40
C ASP A 47 -1.08 16.92 42.10
N TRP A 48 -0.97 16.89 43.43
CA TRP A 48 -1.48 15.77 44.22
C TRP A 48 -2.70 16.24 45.00
N ILE A 49 -3.76 15.43 44.99
CA ILE A 49 -4.96 15.78 45.75
C ILE A 49 -4.71 15.63 47.25
N THR A 50 -4.02 14.56 47.63
CA THR A 50 -3.44 14.43 48.96
C THR A 50 -1.99 14.02 48.80
N PRO A 51 -1.09 14.56 49.65
CA PRO A 51 0.33 14.30 49.44
C PRO A 51 0.77 12.90 49.85
N TYR A 52 1.78 12.40 49.16
CA TYR A 52 2.46 11.19 49.60
C TYR A 52 3.33 11.51 50.81
N GLN A 53 3.66 10.47 51.57
CA GLN A 53 4.71 10.57 52.58
C GLN A 53 5.84 9.67 52.13
N LYS A 54 5.60 8.37 52.26
CA LYS A 54 6.48 7.34 51.72
C LYS A 54 6.71 7.53 50.21
N VAL A 55 7.97 7.57 49.80
CA VAL A 55 8.30 7.71 48.38
C VAL A 55 8.64 6.36 47.74
N LYS A 56 9.82 5.82 48.02
CA LYS A 56 10.23 4.55 47.42
C LYS A 56 9.98 3.36 48.35
N ASN A 57 9.29 2.34 47.84
CA ASN A 57 9.02 1.13 48.63
C ASN A 57 9.01 -0.07 47.71
N THR A 58 10.21 -0.57 47.43
CA THR A 58 10.37 -1.59 46.39
C THR A 58 11.31 -2.73 46.77
N SER A 59 11.15 -3.86 46.09
CA SER A 59 11.99 -5.03 46.29
C SER A 59 11.99 -5.86 45.03
N PHE A 60 13.18 -6.28 44.61
CA PHE A 60 13.34 -7.16 43.46
C PHE A 60 13.66 -8.59 43.95
N ALA A 61 13.32 -8.89 45.20
CA ALA A 61 13.65 -10.21 45.78
C ALA A 61 13.08 -11.34 44.95
N PRO A 62 13.90 -12.40 44.71
CA PRO A 62 13.41 -13.54 43.92
C PRO A 62 12.06 -14.06 44.39
N GLY A 63 11.12 -14.24 43.46
CA GLY A 63 9.79 -14.75 43.80
C GLY A 63 8.96 -13.90 44.74
N ASN A 64 9.41 -12.66 44.98
CA ASN A 64 8.78 -11.78 45.94
C ASN A 64 8.95 -10.33 45.51
N VAL A 65 8.71 -10.06 44.24
CA VAL A 65 8.85 -8.71 43.72
C VAL A 65 7.68 -7.82 44.16
N SER A 66 7.99 -6.63 44.65
CA SER A 66 6.98 -5.69 45.09
C SER A 66 7.41 -4.28 44.74
N ILE A 67 6.59 -3.54 44.00
CA ILE A 67 7.00 -2.21 43.55
C ILE A 67 5.94 -1.17 43.89
N LYS A 68 6.28 -0.27 44.82
CA LYS A 68 5.37 0.82 45.18
C LYS A 68 6.14 2.14 45.21
N TRP A 69 5.51 3.18 44.67
CA TRP A 69 6.03 4.55 44.70
C TRP A 69 4.95 5.52 45.09
N TYR A 70 5.27 6.45 45.99
CA TYR A 70 4.31 7.50 46.38
C TYR A 70 2.98 6.92 46.90
N GLU A 71 3.05 5.78 47.56
CA GLU A 71 1.86 4.93 47.71
C GLU A 71 0.70 5.57 48.46
N ASP A 72 0.97 6.51 49.35
CA ASP A 72 -0.12 7.13 50.11
C ASP A 72 -0.71 8.34 49.40
N GLY A 73 -0.06 8.80 48.34
CA GLY A 73 -0.55 9.96 47.63
C GLY A 73 -1.77 9.63 46.78
N THR A 74 -2.59 10.65 46.54
CA THR A 74 -3.72 10.49 45.62
C THR A 74 -3.68 11.63 44.60
N LEU A 75 -4.21 11.36 43.41
CA LEU A 75 -4.11 12.28 42.28
C LEU A 75 -5.05 11.84 41.18
N ASN A 76 -5.15 12.66 40.16
CA ASN A 76 -5.91 12.30 38.97
C ASN A 76 -5.10 12.67 37.73
N LEU A 77 -4.83 11.68 36.87
CA LEU A 77 -3.99 11.93 35.70
C LEU A 77 -4.63 12.96 34.78
N ALA A 78 -5.94 12.86 34.58
CA ALA A 78 -6.61 13.77 33.65
C ALA A 78 -6.59 15.20 34.18
N ALA A 79 -6.73 15.36 35.49
CA ALA A 79 -6.62 16.71 36.08
C ALA A 79 -5.22 17.29 35.83
N ASN A 80 -4.20 16.43 35.89
CA ASN A 80 -2.83 16.89 35.66
C ASN A 80 -2.54 17.20 34.20
N CYS A 81 -3.21 16.48 33.29
CA CYS A 81 -3.01 16.68 31.86
C CYS A 81 -3.94 17.73 31.26
N LEU A 82 -4.94 18.17 32.01
CA LEU A 82 -5.98 19.02 31.45
C LEU A 82 -6.39 20.16 32.38
N ASP A 83 -7.15 19.83 33.42
N ASP A 83 -7.15 19.82 33.42
CA ASP A 83 -7.75 20.86 34.29
CA ASP A 83 -7.75 20.83 34.31
C ASP A 83 -6.75 21.90 34.79
C ASP A 83 -6.78 21.89 34.83
N ARG A 84 -5.62 21.44 35.33
CA ARG A 84 -4.68 22.37 35.95
C ARG A 84 -4.04 23.33 34.97
N HIS A 85 -4.19 23.08 33.68
CA HIS A 85 -3.69 23.99 32.66
C HIS A 85 -4.71 25.02 32.18
N LEU A 86 -5.94 24.94 32.67
CA LEU A 86 -7.00 25.78 32.09
C LEU A 86 -6.90 27.26 32.46
N GLN A 87 -6.62 27.54 33.74
CA GLN A 87 -6.72 28.92 34.23
C GLN A 87 -5.73 29.84 33.51
N GLU A 88 -4.52 29.35 33.27
CA GLU A 88 -3.52 30.16 32.60
C GLU A 88 -3.38 29.83 31.12
N ASN A 89 -3.67 28.59 30.74
CA ASN A 89 -3.34 28.13 29.38
C ASN A 89 -4.49 27.42 28.67
N GLY A 90 -5.72 27.73 29.06
CA GLY A 90 -6.89 27.13 28.45
C GLY A 90 -6.96 27.32 26.94
N ASP A 91 -6.45 28.45 26.47
CA ASP A 91 -6.48 28.76 25.05
C ASP A 91 -5.24 28.27 24.29
N ARG A 92 -4.27 27.72 25.00
CA ARG A 92 -3.11 27.12 24.34
C ARG A 92 -3.55 25.86 23.61
N THR A 93 -2.99 25.60 22.43
CA THR A 93 -3.25 24.35 21.75
C THR A 93 -2.66 23.16 22.50
N ALA A 94 -3.50 22.21 22.87
CA ALA A 94 -3.04 20.95 23.46
C ALA A 94 -2.66 19.96 22.37
N ILE A 95 -3.53 19.75 21.39
CA ILE A 95 -3.24 18.83 20.30
C ILE A 95 -3.35 19.52 18.93
N ILE A 96 -2.27 19.46 18.17
CA ILE A 96 -2.36 19.76 16.75
C ILE A 96 -2.59 18.45 16.02
N TRP A 97 -3.70 18.33 15.32
CA TRP A 97 -3.96 17.14 14.54
C TRP A 97 -3.67 17.43 13.07
N GLU A 98 -2.84 16.60 12.47
CA GLU A 98 -2.56 16.68 11.04
C GLU A 98 -3.10 15.44 10.34
N GLY A 99 -4.00 15.63 9.38
CA GLY A 99 -4.58 14.47 8.71
C GLY A 99 -3.66 13.79 7.72
N ASP A 100 -4.04 12.57 7.35
CA ASP A 100 -3.39 11.83 6.28
C ASP A 100 -3.40 12.67 5.00
N ASP A 101 -4.50 13.37 4.78
CA ASP A 101 -4.55 14.33 3.67
C ASP A 101 -4.16 15.70 4.18
N THR A 102 -3.22 16.36 3.49
CA THR A 102 -2.70 17.61 4.04
C THR A 102 -3.72 18.74 4.10
N SER A 103 -4.83 18.61 3.36
CA SER A 103 -5.89 19.61 3.45
C SER A 103 -6.61 19.57 4.80
N GLN A 104 -6.37 18.51 5.57
CA GLN A 104 -7.11 18.31 6.82
C GLN A 104 -6.22 18.49 8.05
N SER A 105 -6.57 19.45 8.90
CA SER A 105 -5.89 19.62 10.18
C SER A 105 -6.83 20.27 11.19
N LYS A 106 -6.46 20.21 12.47
CA LYS A 106 -7.27 20.73 13.54
C LYS A 106 -6.37 21.19 14.67
N HIS A 107 -6.71 22.29 15.31
CA HIS A 107 -6.05 22.74 16.53
C HIS A 107 -7.01 22.64 17.71
N ILE A 108 -6.69 21.79 18.69
CA ILE A 108 -7.59 21.57 19.83
C ILE A 108 -6.97 22.14 21.09
N SER A 109 -7.64 23.13 21.69
CA SER A 109 -7.09 23.84 22.86
C SER A 109 -7.22 22.99 24.11
N TYR A 110 -6.53 23.39 25.18
CA TYR A 110 -6.65 22.67 26.44
C TYR A 110 -8.10 22.72 26.91
N ARG A 111 -8.76 23.86 26.71
CA ARG A 111 -10.15 23.97 27.11
C ARG A 111 -11.09 23.03 26.32
N GLU A 112 -10.92 23.01 25.00
CA GLU A 112 -11.72 22.13 24.13
C GLU A 112 -11.48 20.66 24.49
N LEU A 113 -10.22 20.31 24.73
CA LEU A 113 -9.88 18.92 25.02
C LEU A 113 -10.46 18.50 26.38
N HIS A 114 -10.28 19.37 27.35
CA HIS A 114 -10.88 19.17 28.66
C HIS A 114 -12.40 18.97 28.57
N ARG A 115 -13.08 19.82 27.81
CA ARG A 115 -14.52 19.74 27.69
CA ARG A 115 -14.53 19.73 27.67
C ARG A 115 -14.94 18.39 27.09
N ASP A 116 -14.25 17.96 26.03
CA ASP A 116 -14.63 16.69 25.42
C ASP A 116 -14.29 15.48 26.31
N VAL A 117 -13.21 15.57 27.08
CA VAL A 117 -12.88 14.49 27.98
C VAL A 117 -13.90 14.41 29.12
N CYS A 118 -14.41 15.55 29.58
CA CYS A 118 -15.49 15.53 30.57
C CYS A 118 -16.76 14.91 29.99
N ARG A 119 -17.13 15.31 28.78
CA ARG A 119 -18.29 14.72 28.14
C ARG A 119 -18.12 13.21 28.00
N PHE A 120 -16.95 12.75 27.56
CA PHE A 120 -16.79 11.31 27.35
C PHE A 120 -16.64 10.55 28.67
N ALA A 121 -16.11 11.18 29.71
CA ALA A 121 -16.07 10.54 31.01
C ALA A 121 -17.51 10.32 31.48
N ASN A 122 -18.34 11.34 31.30
CA ASN A 122 -19.76 11.15 31.63
C ASN A 122 -20.43 10.08 30.78
N THR A 123 -20.03 9.98 29.50
CA THR A 123 -20.54 8.96 28.60
C THR A 123 -20.19 7.56 29.12
N LEU A 124 -18.94 7.39 29.55
CA LEU A 124 -18.53 6.11 30.11
C LEU A 124 -19.31 5.76 31.37
N LEU A 125 -19.40 6.71 32.31
CA LEU A 125 -20.14 6.46 33.54
C LEU A 125 -21.59 6.09 33.26
N ASP A 126 -22.22 6.82 32.34
CA ASP A 126 -23.63 6.58 32.05
C ASP A 126 -23.87 5.20 31.42
N LEU A 127 -22.87 4.67 30.73
CA LEU A 127 -22.92 3.33 30.16
C LEU A 127 -22.69 2.23 31.19
N GLY A 128 -22.30 2.61 32.40
CA GLY A 128 -22.09 1.64 33.47
C GLY A 128 -20.64 1.29 33.71
N ILE A 129 -19.73 1.96 33.01
CA ILE A 129 -18.30 1.73 33.22
C ILE A 129 -17.90 2.36 34.54
N LYS A 130 -17.12 1.61 35.33
CA LYS A 130 -16.71 2.03 36.66
C LYS A 130 -15.20 2.01 36.80
N LYS A 131 -14.71 2.69 37.83
CA LYS A 131 -13.32 2.57 38.22
C LYS A 131 -12.89 1.10 38.27
N GLY A 132 -11.76 0.79 37.62
CA GLY A 132 -11.25 -0.56 37.62
C GLY A 132 -11.68 -1.41 36.43
N ASP A 133 -12.75 -1.03 35.75
CA ASP A 133 -13.16 -1.75 34.55
C ASP A 133 -12.16 -1.52 33.43
N VAL A 134 -11.92 -2.55 32.63
CA VAL A 134 -11.03 -2.41 31.48
C VAL A 134 -11.82 -2.01 30.24
N VAL A 135 -11.29 -1.02 29.51
CA VAL A 135 -11.91 -0.53 28.28
C VAL A 135 -10.92 -0.72 27.15
N ALA A 136 -11.28 -1.50 26.13
CA ALA A 136 -10.40 -1.71 24.96
C ALA A 136 -10.54 -0.56 23.97
N ILE A 137 -9.41 -0.04 23.50
CA ILE A 137 -9.44 1.08 22.56
C ILE A 137 -8.71 0.66 21.28
N TYR A 138 -9.43 0.65 20.16
CA TYR A 138 -8.90 0.12 18.91
C TYR A 138 -9.12 1.22 17.89
N MET A 139 -8.21 2.20 17.90
CA MET A 139 -8.45 3.47 17.24
C MET A 139 -7.33 3.86 16.30
N PRO A 140 -7.66 4.64 15.28
CA PRO A 140 -6.64 5.24 14.44
C PRO A 140 -6.08 6.49 15.11
N MET A 141 -5.12 7.13 14.46
CA MET A 141 -4.53 8.35 15.03
C MET A 141 -5.40 9.58 14.78
N VAL A 142 -6.50 9.67 15.54
CA VAL A 142 -7.39 10.83 15.55
C VAL A 142 -7.51 11.29 17.00
N PRO A 143 -7.89 12.57 17.21
CA PRO A 143 -7.88 13.08 18.58
C PRO A 143 -8.81 12.33 19.54
N GLU A 144 -9.90 11.78 18.99
CA GLU A 144 -10.83 10.99 19.81
C GLU A 144 -10.14 9.81 20.54
N ALA A 145 -9.01 9.32 20.01
CA ALA A 145 -8.29 8.27 20.73
C ALA A 145 -7.73 8.81 22.06
N ALA A 146 -7.19 10.03 21.98
CA ALA A 146 -6.72 10.73 23.18
C ALA A 146 -7.86 11.04 24.12
N VAL A 147 -8.98 11.51 23.58
CA VAL A 147 -10.16 11.76 24.42
C VAL A 147 -10.58 10.50 25.19
N ALA A 148 -10.64 9.36 24.48
CA ALA A 148 -11.01 8.10 25.13
C ALA A 148 -10.05 7.71 26.24
N MET A 149 -8.75 7.74 25.93
CA MET A 149 -7.75 7.36 26.93
C MET A 149 -7.82 8.26 28.17
N LEU A 150 -7.86 9.57 27.93
CA LEU A 150 -7.88 10.55 29.02
C LEU A 150 -9.17 10.43 29.88
N ALA A 151 -10.30 10.13 29.23
CA ALA A 151 -11.57 9.96 29.95
C ALA A 151 -11.56 8.71 30.82
N CYS A 152 -11.01 7.61 30.28
CA CYS A 152 -10.80 6.43 31.10
C CYS A 152 -9.94 6.75 32.33
N ALA A 153 -8.81 7.41 32.11
CA ALA A 153 -7.92 7.78 33.21
C ALA A 153 -8.67 8.64 34.23
N ARG A 154 -9.53 9.53 33.73
CA ARG A 154 -10.22 10.48 34.58
C ARG A 154 -11.14 9.75 35.55
N ILE A 155 -11.80 8.70 35.05
CA ILE A 155 -12.67 7.98 35.99
C ILE A 155 -12.06 6.76 36.68
N GLY A 156 -10.78 6.48 36.42
CA GLY A 156 -10.17 5.34 37.04
C GLY A 156 -10.45 4.01 36.34
N ALA A 157 -11.04 4.10 35.14
CA ALA A 157 -11.16 2.91 34.31
C ALA A 157 -9.76 2.59 33.83
N VAL A 158 -9.54 1.34 33.44
CA VAL A 158 -8.21 0.92 32.98
C VAL A 158 -8.21 0.70 31.47
N HIS A 159 -7.58 1.59 30.71
CA HIS A 159 -7.67 1.39 29.27
C HIS A 159 -6.64 0.37 28.82
N SER A 160 -7.00 -0.35 27.76
CA SER A 160 -6.10 -1.25 27.06
C SER A 160 -6.16 -0.89 25.59
N VAL A 161 -5.17 -0.14 25.12
CA VAL A 161 -5.15 0.31 23.72
C VAL A 161 -4.54 -0.80 22.87
N ILE A 162 -5.26 -1.14 21.81
CA ILE A 162 -4.89 -2.20 20.89
C ILE A 162 -4.52 -1.55 19.55
N PHE A 163 -3.26 -1.70 19.16
CA PHE A 163 -2.76 -1.16 17.88
C PHE A 163 -3.69 -1.52 16.73
N GLY A 164 -4.02 -0.51 15.91
CA GLY A 164 -5.02 -0.67 14.87
C GLY A 164 -4.68 -1.70 13.80
N GLY A 165 -3.40 -2.08 13.72
CA GLY A 165 -2.99 -3.08 12.75
C GLY A 165 -3.12 -4.51 13.22
N PHE A 166 -3.61 -4.74 14.42
CA PHE A 166 -3.80 -6.12 14.87
C PHE A 166 -5.02 -6.74 14.18
N SER A 167 -4.97 -8.06 13.96
CA SER A 167 -6.05 -8.80 13.32
C SER A 167 -7.22 -9.04 14.28
N PRO A 168 -8.39 -9.44 13.75
CA PRO A 168 -9.48 -9.79 14.65
C PRO A 168 -9.09 -10.81 15.74
N GLU A 169 -8.29 -11.82 15.39
CA GLU A 169 -7.87 -12.82 16.37
C GLU A 169 -7.08 -12.16 17.51
N ALA A 170 -6.17 -11.29 17.15
CA ALA A 170 -5.30 -10.61 18.12
C ALA A 170 -6.11 -9.67 19.06
N VAL A 171 -7.06 -8.99 18.44
CA VAL A 171 -8.01 -8.14 19.18
C VAL A 171 -8.80 -8.98 20.18
N ALA A 172 -9.37 -10.08 19.69
CA ALA A 172 -10.15 -10.96 20.55
C ALA A 172 -9.31 -11.47 21.70
N GLY A 173 -8.06 -11.86 21.45
CA GLY A 173 -7.21 -12.38 22.51
C GLY A 173 -6.98 -11.36 23.62
N ARG A 174 -6.69 -10.12 23.21
CA ARG A 174 -6.51 -9.07 24.22
C ARG A 174 -7.79 -8.78 25.01
N ILE A 175 -8.92 -8.78 24.31
CA ILE A 175 -10.20 -8.55 24.97
C ILE A 175 -10.50 -9.67 25.99
N ILE A 176 -10.27 -10.91 25.59
CA ILE A 176 -10.50 -12.06 26.45
C ILE A 176 -9.62 -11.99 27.70
N ASP A 177 -8.33 -11.75 27.52
CA ASP A 177 -7.42 -11.77 28.67
C ASP A 177 -7.76 -10.67 29.65
N SER A 178 -8.20 -9.53 29.12
CA SER A 178 -8.44 -8.36 29.99
C SER A 178 -9.88 -8.22 30.48
N SER A 179 -10.77 -9.10 30.00
CA SER A 179 -12.21 -8.96 30.22
C SER A 179 -12.72 -7.54 29.92
N SER A 180 -12.30 -6.98 28.80
CA SER A 180 -12.74 -5.64 28.43
C SER A 180 -14.28 -5.55 28.33
N ARG A 181 -14.86 -4.52 28.93
CA ARG A 181 -16.32 -4.37 28.99
C ARG A 181 -16.89 -3.61 27.79
N LEU A 182 -16.01 -2.90 27.11
CA LEU A 182 -16.39 -1.93 26.10
C LEU A 182 -15.27 -1.88 25.09
N VAL A 183 -15.59 -1.78 23.81
CA VAL A 183 -14.59 -1.50 22.78
C VAL A 183 -14.89 -0.15 22.16
N ILE A 184 -13.86 0.70 22.03
CA ILE A 184 -14.01 2.00 21.36
C ILE A 184 -13.21 1.97 20.07
N THR A 185 -13.86 2.24 18.93
CA THR A 185 -13.21 2.07 17.64
C THR A 185 -13.76 3.09 16.66
N ALA A 186 -13.35 2.97 15.40
CA ALA A 186 -13.85 3.84 14.33
C ALA A 186 -14.35 2.96 13.20
N ASP A 187 -15.15 3.52 12.29
CA ASP A 187 -15.64 2.68 11.20
C ASP A 187 -14.46 2.21 10.36
N GLU A 188 -13.60 3.15 9.97
CA GLU A 188 -12.36 2.85 9.27
C GLU A 188 -11.28 3.82 9.71
N GLY A 189 -10.03 3.40 9.57
CA GLY A 189 -8.91 4.32 9.68
C GLY A 189 -8.47 4.75 8.29
N VAL A 190 -7.80 5.89 8.20
CA VAL A 190 -7.30 6.44 6.95
C VAL A 190 -5.77 6.58 7.05
N ARG A 191 -5.06 5.91 6.15
CA ARG A 191 -3.60 5.87 6.26
C ARG A 191 -2.99 5.72 4.87
N ALA A 192 -2.12 6.66 4.49
CA ALA A 192 -1.50 6.64 3.16
C ALA A 192 -2.54 6.54 2.04
N GLY A 193 -3.63 7.29 2.18
CA GLY A 193 -4.69 7.32 1.18
C GLY A 193 -5.65 6.14 1.24
N ARG A 194 -5.27 5.09 1.96
CA ARG A 194 -6.05 3.86 2.03
C ARG A 194 -6.93 3.79 3.29
N SER A 195 -7.96 2.94 3.24
CA SER A 195 -8.80 2.68 4.41
C SER A 195 -8.44 1.35 5.09
N ILE A 196 -8.47 1.34 6.41
CA ILE A 196 -8.29 0.12 7.20
C ILE A 196 -9.59 -0.17 7.94
N PRO A 197 -10.13 -1.39 7.80
CA PRO A 197 -11.48 -1.75 8.27
C PRO A 197 -11.62 -2.10 9.77
N LEU A 198 -11.53 -1.10 10.62
CA LEU A 198 -11.43 -1.32 12.06
C LEU A 198 -12.69 -1.95 12.68
N LYS A 199 -13.84 -1.33 12.41
CA LYS A 199 -15.09 -1.81 13.00
C LYS A 199 -15.40 -3.24 12.56
N LYS A 200 -15.18 -3.54 11.27
CA LYS A 200 -15.39 -4.90 10.77
C LYS A 200 -14.50 -5.88 11.54
N ASN A 201 -13.26 -5.48 11.81
CA ASN A 201 -12.35 -6.32 12.57
C ASN A 201 -12.89 -6.57 13.97
N VAL A 202 -13.48 -5.54 14.56
CA VAL A 202 -14.08 -5.69 15.88
C VAL A 202 -15.28 -6.65 15.86
N ASP A 203 -16.15 -6.51 14.87
CA ASP A 203 -17.26 -7.46 14.68
C ASP A 203 -16.73 -8.90 14.66
N ASP A 204 -15.69 -9.09 13.84
CA ASP A 204 -15.14 -10.44 13.68
C ASP A 204 -14.52 -10.95 14.98
N ALA A 205 -13.87 -10.06 15.74
CA ALA A 205 -13.32 -10.42 17.03
C ALA A 205 -14.41 -10.86 18.00
N LEU A 206 -15.51 -10.13 18.00
CA LEU A 206 -16.57 -10.37 18.96
C LEU A 206 -17.37 -11.62 18.63
N LYS A 207 -17.24 -12.11 17.39
CA LYS A 207 -17.82 -13.43 17.09
C LYS A 207 -17.12 -14.63 17.76
N ASN A 208 -15.91 -14.43 18.27
CA ASN A 208 -15.21 -15.46 19.05
C ASN A 208 -16.06 -15.85 20.25
N PRO A 209 -16.43 -17.14 20.40
CA PRO A 209 -17.31 -17.53 21.50
C PRO A 209 -16.71 -17.29 22.89
N ASN A 210 -15.40 -17.10 22.97
CA ASN A 210 -14.75 -16.84 24.25
C ASN A 210 -14.77 -15.36 24.64
N VAL A 211 -15.15 -14.50 23.70
CA VAL A 211 -15.36 -13.10 24.01
C VAL A 211 -16.74 -12.94 24.64
N THR A 212 -16.78 -12.74 25.96
CA THR A 212 -18.05 -12.72 26.69
C THR A 212 -18.33 -11.40 27.42
N SER A 213 -17.33 -10.53 27.53
CA SER A 213 -17.42 -9.40 28.46
C SER A 213 -17.83 -8.06 27.83
N VAL A 214 -17.84 -8.01 26.49
CA VAL A 214 -18.09 -6.77 25.79
C VAL A 214 -19.60 -6.51 25.67
N GLU A 215 -20.06 -5.42 26.27
CA GLU A 215 -21.48 -5.09 26.25
C GLU A 215 -21.82 -4.08 25.18
N HIS A 216 -20.84 -3.25 24.80
CA HIS A 216 -21.07 -2.22 23.80
C HIS A 216 -19.83 -1.95 22.98
N VAL A 217 -20.05 -1.37 21.80
CA VAL A 217 -18.97 -0.88 20.95
C VAL A 217 -19.30 0.54 20.58
N ILE A 218 -18.43 1.48 20.93
CA ILE A 218 -18.60 2.87 20.51
C ILE A 218 -17.80 3.06 19.25
N VAL A 219 -18.47 3.59 18.24
CA VAL A 219 -17.87 3.75 16.92
C VAL A 219 -17.80 5.20 16.50
N LEU A 220 -16.59 5.65 16.19
CA LEU A 220 -16.41 6.97 15.62
C LEU A 220 -16.64 6.92 14.11
N LYS A 221 -17.48 7.82 13.59
CA LYS A 221 -17.60 7.92 12.14
C LYS A 221 -16.43 8.73 11.57
N ARG A 222 -15.43 8.01 11.05
CA ARG A 222 -14.24 8.65 10.48
C ARG A 222 -14.36 8.72 8.95
N THR A 223 -14.93 7.70 8.33
CA THR A 223 -15.04 7.68 6.87
C THR A 223 -16.46 7.53 6.35
N GLY A 224 -17.40 7.16 7.21
CA GLY A 224 -18.78 6.95 6.78
C GLY A 224 -19.00 5.74 5.89
N SER A 225 -18.06 4.80 5.88
CA SER A 225 -18.17 3.64 5.00
C SER A 225 -19.32 2.74 5.44
N ASP A 226 -19.73 1.85 4.54
CA ASP A 226 -20.80 0.92 4.85
C ASP A 226 -20.27 -0.10 5.84
N ILE A 227 -20.78 -0.03 7.06
CA ILE A 227 -20.42 -0.99 8.08
C ILE A 227 -21.66 -1.73 8.55
N ASP A 228 -21.47 -2.92 9.08
CA ASP A 228 -22.56 -3.65 9.68
C ASP A 228 -22.81 -3.04 11.05
N TRP A 229 -24.05 -3.08 11.50
CA TRP A 229 -24.43 -2.43 12.75
C TRP A 229 -25.27 -3.37 13.56
N GLN A 230 -24.89 -3.58 14.81
CA GLN A 230 -25.68 -4.40 15.72
C GLN A 230 -26.44 -3.50 16.68
N GLU A 231 -27.75 -3.38 16.47
CA GLU A 231 -28.59 -2.55 17.32
C GLU A 231 -28.47 -2.91 18.80
N GLY A 232 -28.37 -1.89 19.64
CA GLY A 232 -28.22 -2.10 21.07
C GLY A 232 -26.76 -2.07 21.45
N ARG A 233 -25.98 -2.98 20.89
CA ARG A 233 -24.55 -3.10 21.22
C ARG A 233 -23.74 -1.90 20.69
N ASP A 234 -23.92 -1.59 19.41
CA ASP A 234 -23.17 -0.53 18.76
C ASP A 234 -23.78 0.85 18.98
N LEU A 235 -22.92 1.81 19.29
CA LEU A 235 -23.33 3.19 19.53
C LEU A 235 -22.40 4.16 18.78
N TRP A 236 -22.95 5.22 18.21
CA TRP A 236 -22.12 6.21 17.54
C TRP A 236 -21.48 7.16 18.53
N TRP A 237 -20.18 7.41 18.35
CA TRP A 237 -19.45 8.38 19.16
C TRP A 237 -20.15 9.74 19.25
N ARG A 238 -20.46 10.32 18.10
CA ARG A 238 -21.09 11.65 18.07
C ARG A 238 -22.41 11.71 18.85
N ASP A 239 -23.29 10.72 18.61
CA ASP A 239 -24.57 10.62 19.32
C ASP A 239 -24.38 10.65 20.83
N LEU A 240 -23.45 9.84 21.33
CA LEU A 240 -23.21 9.76 22.76
C LEU A 240 -22.61 11.04 23.32
N ILE A 241 -21.55 11.54 22.68
CA ILE A 241 -20.82 12.61 23.31
C ILE A 241 -21.62 13.90 23.28
N GLU A 242 -22.48 14.08 22.26
CA GLU A 242 -23.25 15.32 22.19
C GLU A 242 -24.38 15.36 23.24
N LYS A 243 -24.75 14.21 23.78
CA LYS A 243 -25.79 14.11 24.83
C LYS A 243 -25.23 14.37 26.23
N ALA A 244 -23.93 14.19 26.38
CA ALA A 244 -23.31 14.14 27.70
C ALA A 244 -23.03 15.51 28.27
N SER A 245 -23.06 15.60 29.59
CA SER A 245 -22.73 16.83 30.27
C SER A 245 -21.24 17.12 30.11
N PRO A 246 -20.89 18.38 29.83
CA PRO A 246 -19.48 18.77 29.78
C PRO A 246 -18.90 19.08 31.17
N GLU A 247 -19.70 18.87 32.21
CA GLU A 247 -19.24 19.08 33.58
C GLU A 247 -18.90 17.73 34.19
N HIS A 248 -17.65 17.58 34.62
CA HIS A 248 -17.29 16.37 35.34
C HIS A 248 -16.21 16.66 36.37
N GLN A 249 -16.47 16.26 37.61
CA GLN A 249 -15.52 16.51 38.69
C GLN A 249 -14.54 15.35 38.87
N PRO A 250 -13.24 15.64 38.72
CA PRO A 250 -12.30 14.52 38.87
C PRO A 250 -12.23 14.07 40.33
N GLU A 251 -12.24 12.75 40.51
CA GLU A 251 -12.10 12.12 41.82
C GLU A 251 -10.67 11.64 41.99
N ALA A 252 -10.24 11.47 43.24
CA ALA A 252 -8.89 11.07 43.55
C ALA A 252 -8.67 9.57 43.36
N MET A 253 -7.58 9.24 42.67
CA MET A 253 -7.13 7.86 42.51
C MET A 253 -5.90 7.67 43.39
N ASN A 254 -5.73 6.47 43.93
CA ASN A 254 -4.49 6.16 44.63
C ASN A 254 -3.32 6.15 43.66
N ALA A 255 -2.13 6.48 44.15
CA ALA A 255 -0.95 6.42 43.31
C ALA A 255 -0.75 5.04 42.66
N GLU A 256 -1.11 3.96 43.38
CA GLU A 256 -0.96 2.62 42.82
C GLU A 256 -2.23 2.03 42.21
N ASP A 257 -3.25 2.85 41.97
CA ASP A 257 -4.38 2.40 41.18
C ASP A 257 -3.90 2.13 39.75
N PRO A 258 -4.34 1.00 39.16
CA PRO A 258 -4.00 0.71 37.75
C PRO A 258 -4.47 1.81 36.81
N LEU A 259 -3.60 2.18 35.88
CA LEU A 259 -3.88 3.22 34.91
C LEU A 259 -4.16 2.60 33.55
N PHE A 260 -3.27 1.73 33.11
CA PHE A 260 -3.49 1.05 31.84
C PHE A 260 -2.75 -0.28 31.76
N ILE A 261 -3.22 -1.07 30.81
CA ILE A 261 -2.63 -2.35 30.47
C ILE A 261 -2.24 -2.27 29.01
N LEU A 262 -1.05 -2.76 28.67
CA LEU A 262 -0.61 -2.70 27.28
C LEU A 262 -0.05 -4.06 26.90
N TYR A 263 -0.77 -4.78 26.03
CA TYR A 263 -0.35 -6.14 25.71
C TYR A 263 0.94 -6.12 24.91
N THR A 264 1.88 -6.96 25.35
CA THR A 264 3.28 -6.89 24.93
C THR A 264 3.85 -8.28 24.67
N SER A 265 4.52 -8.47 23.53
CA SER A 265 5.09 -9.75 23.16
C SER A 265 6.31 -10.13 24.00
N GLY A 266 6.44 -11.41 24.29
CA GLY A 266 7.58 -11.91 25.05
C GLY A 266 8.41 -12.91 24.27
N SER A 267 9.53 -13.34 24.86
CA SER A 267 10.44 -14.27 24.21
C SER A 267 9.73 -15.61 23.96
N THR A 268 8.91 -16.01 24.93
CA THR A 268 8.02 -17.16 24.77
C THR A 268 6.59 -16.78 25.14
N GLY A 269 5.66 -17.67 24.83
CA GLY A 269 4.27 -17.47 25.13
C GLY A 269 3.58 -16.39 24.30
N LYS A 270 2.35 -16.10 24.69
CA LYS A 270 1.52 -15.12 24.00
C LYS A 270 1.65 -13.76 24.67
N PRO A 271 1.14 -12.69 24.02
CA PRO A 271 1.29 -11.37 24.62
C PRO A 271 0.65 -11.26 26.01
N LYS A 272 1.32 -10.51 26.89
CA LYS A 272 0.87 -10.35 28.27
C LYS A 272 0.56 -8.88 28.52
N GLY A 273 -0.37 -8.61 29.43
CA GLY A 273 -0.78 -7.24 29.67
C GLY A 273 0.13 -6.54 30.67
N VAL A 274 1.09 -5.79 30.13
CA VAL A 274 2.00 -5.02 30.98
C VAL A 274 1.21 -3.92 31.69
N LEU A 275 1.25 -3.91 33.01
CA LEU A 275 0.37 -2.99 33.77
C LEU A 275 1.17 -1.86 34.43
N HIS A 276 0.70 -0.65 34.17
CA HIS A 276 1.21 0.55 34.78
C HIS A 276 0.20 1.16 35.72
N THR A 277 0.65 1.63 36.88
CA THR A 277 -0.23 2.35 37.79
C THR A 277 -0.08 3.85 37.51
N THR A 278 -0.50 4.70 38.45
CA THR A 278 -0.80 6.09 38.12
C THR A 278 0.28 7.09 38.53
N GLY A 279 0.67 7.07 39.81
CA GLY A 279 1.53 8.13 40.34
C GLY A 279 2.95 8.16 39.79
N GLY A 280 3.69 7.10 40.09
CA GLY A 280 5.07 6.98 39.62
C GLY A 280 5.14 7.06 38.11
N TYR A 281 4.22 6.38 37.42
CA TYR A 281 4.20 6.40 35.96
C TYR A 281 4.15 7.84 35.42
N LEU A 282 3.22 8.64 35.94
CA LEU A 282 3.01 9.99 35.41
C LEU A 282 4.12 10.94 35.85
N VAL A 283 4.61 10.77 37.07
CA VAL A 283 5.78 11.55 37.48
C VAL A 283 6.94 11.27 36.51
N TYR A 284 7.15 10.00 36.19
CA TYR A 284 8.30 9.62 35.40
C TYR A 284 8.14 10.06 33.94
N ALA A 285 6.94 9.91 33.39
CA ALA A 285 6.68 10.37 32.02
C ALA A 285 6.85 11.89 31.90
N ALA A 286 6.31 12.64 32.86
CA ALA A 286 6.43 14.09 32.82
C ALA A 286 7.89 14.53 32.96
N THR A 287 8.61 13.90 33.89
CA THR A 287 9.98 14.30 34.19
C THR A 287 10.94 14.01 33.04
N THR A 288 10.83 12.78 32.51
CA THR A 288 11.65 12.40 31.38
C THR A 288 11.29 13.28 30.15
N PHE A 289 10.00 13.49 29.90
CA PHE A 289 9.61 14.31 28.77
C PHE A 289 10.24 15.69 28.88
N LYS A 290 10.09 16.28 30.05
CA LYS A 290 10.53 17.67 30.27
C LYS A 290 12.03 17.82 30.10
N TYR A 291 12.79 16.97 30.79
CA TYR A 291 14.23 17.16 30.76
C TYR A 291 14.91 16.65 29.47
N VAL A 292 14.39 15.56 28.89
CA VAL A 292 15.08 15.00 27.73
C VAL A 292 14.76 15.81 26.48
N PHE A 293 13.57 16.39 26.39
CA PHE A 293 13.27 17.20 25.21
C PHE A 293 13.45 18.67 25.52
N ASP A 294 13.96 18.95 26.72
CA ASP A 294 14.28 20.32 27.15
C ASP A 294 13.08 21.25 26.99
N TYR A 295 11.93 20.78 27.46
CA TYR A 295 10.68 21.43 27.13
C TYR A 295 10.56 22.81 27.76
N HIS A 296 10.31 23.81 26.92
CA HIS A 296 9.96 25.16 27.38
C HIS A 296 8.56 25.53 26.88
N PRO A 297 7.80 26.27 27.69
CA PRO A 297 6.48 26.72 27.22
C PRO A 297 6.56 27.36 25.83
N GLY A 298 5.61 26.99 24.98
CA GLY A 298 5.61 27.45 23.60
C GLY A 298 6.22 26.47 22.61
N ASP A 299 7.03 25.54 23.11
CA ASP A 299 7.65 24.55 22.21
C ASP A 299 6.56 23.70 21.57
N ILE A 300 6.66 23.51 20.26
CA ILE A 300 5.77 22.61 19.54
C ILE A 300 6.44 21.25 19.40
N TYR A 301 5.79 20.20 19.92
CA TYR A 301 6.40 18.89 20.03
C TYR A 301 5.69 17.85 19.16
N TRP A 302 6.45 17.06 18.41
CA TRP A 302 5.88 16.01 17.57
C TRP A 302 6.57 14.68 17.76
N CYS A 303 5.85 13.76 18.41
CA CYS A 303 6.20 12.35 18.48
C CYS A 303 5.41 11.59 17.41
N THR A 304 6.10 10.79 16.60
CA THR A 304 5.43 10.14 15.47
C THR A 304 4.88 8.76 15.80
N ALA A 305 5.08 8.32 17.04
CA ALA A 305 4.69 6.96 17.41
C ALA A 305 3.19 6.78 17.51
N ASP A 306 2.72 5.59 17.13
CA ASP A 306 1.29 5.27 17.26
C ASP A 306 0.80 5.19 18.70
N VAL A 307 -0.43 5.66 18.89
CA VAL A 307 -1.10 5.62 20.16
C VAL A 307 -1.18 4.20 20.73
N GLY A 308 -1.10 3.21 19.84
CA GLY A 308 -1.20 1.82 20.25
C GLY A 308 0.04 1.21 20.87
N TRP A 309 1.13 1.99 20.98
CA TRP A 309 2.35 1.46 21.58
C TRP A 309 2.77 2.34 22.76
N VAL A 310 3.74 1.88 23.54
CA VAL A 310 4.02 2.59 24.80
C VAL A 310 4.55 4.01 24.54
N THR A 311 5.28 4.24 23.45
CA THR A 311 5.70 5.61 23.16
C THR A 311 4.49 6.53 22.92
N GLY A 312 3.45 5.99 22.29
CA GLY A 312 2.23 6.75 22.08
C GLY A 312 1.50 7.07 23.37
N HIS A 313 1.69 6.24 24.39
CA HIS A 313 1.12 6.53 25.70
C HIS A 313 1.96 7.61 26.39
N SER A 314 3.24 7.32 26.58
CA SER A 314 4.07 8.14 27.45
C SER A 314 4.50 9.45 26.82
N TYR A 315 4.72 9.45 25.50
CA TYR A 315 5.37 10.62 24.88
C TYR A 315 4.56 11.28 23.78
N LEU A 316 3.56 10.59 23.22
CA LEU A 316 2.62 11.32 22.38
C LEU A 316 1.63 12.10 23.26
N LEU A 317 1.22 11.50 24.37
CA LEU A 317 0.13 12.08 25.15
C LEU A 317 0.48 12.45 26.60
N TYR A 318 0.76 11.47 27.46
CA TYR A 318 0.71 11.77 28.89
C TYR A 318 1.84 12.69 29.37
N GLY A 319 3.08 12.42 28.95
CA GLY A 319 4.18 13.30 29.29
C GLY A 319 3.99 14.74 28.82
N PRO A 320 3.70 14.93 27.52
CA PRO A 320 3.58 16.33 27.09
C PRO A 320 2.34 17.03 27.68
N LEU A 321 1.21 16.35 27.76
CA LEU A 321 0.03 17.01 28.30
C LEU A 321 0.20 17.31 29.79
N ALA A 322 0.87 16.43 30.54
CA ALA A 322 1.11 16.74 31.95
C ALA A 322 1.88 18.04 32.08
N CYS A 323 2.83 18.25 31.16
CA CYS A 323 3.67 19.46 31.20
C CYS A 323 3.05 20.70 30.55
N GLY A 324 1.85 20.56 29.97
CA GLY A 324 1.20 21.68 29.30
C GLY A 324 1.72 21.97 27.90
N ALA A 325 2.36 20.98 27.29
CA ALA A 325 2.92 21.14 25.95
C ALA A 325 1.87 21.14 24.87
N THR A 326 2.25 21.65 23.70
CA THR A 326 1.48 21.42 22.48
C THR A 326 2.02 20.16 21.81
N THR A 327 1.20 19.15 21.65
CA THR A 327 1.67 17.87 21.10
C THR A 327 0.95 17.60 19.77
N LEU A 328 1.69 17.10 18.79
CA LEU A 328 1.16 16.89 17.44
C LEU A 328 0.84 15.43 17.19
N MET A 329 -0.40 15.19 16.80
CA MET A 329 -0.87 13.87 16.40
C MET A 329 -1.06 13.83 14.90
N PHE A 330 -0.28 12.99 14.22
CA PHE A 330 -0.31 12.85 12.77
C PHE A 330 -1.04 11.56 12.42
N GLU A 331 -2.00 11.64 11.50
CA GLU A 331 -2.82 10.49 11.12
C GLU A 331 -2.11 9.52 10.18
N GLY A 332 -1.16 10.02 9.38
CA GLY A 332 -0.60 9.25 8.29
C GLY A 332 0.79 8.68 8.47
N VAL A 333 1.54 8.67 7.37
CA VAL A 333 2.87 8.09 7.33
C VAL A 333 3.88 9.14 6.82
N PRO A 334 5.16 9.01 7.20
CA PRO A 334 6.16 10.05 6.93
C PRO A 334 6.47 10.27 5.47
N ASN A 335 6.11 9.31 4.62
CA ASN A 335 6.40 9.41 3.19
C ASN A 335 5.18 9.34 2.26
N TRP A 336 4.00 9.71 2.75
CA TRP A 336 2.83 9.83 1.86
C TRP A 336 2.18 11.20 1.99
N PRO A 337 1.90 11.85 0.85
CA PRO A 337 2.03 11.35 -0.53
C PRO A 337 3.46 11.27 -1.09
N THR A 338 4.41 12.00 -0.51
CA THR A 338 5.79 11.98 -1.02
C THR A 338 6.78 11.84 0.15
N PRO A 339 8.04 11.45 -0.14
CA PRO A 339 9.06 11.31 0.91
C PRO A 339 9.26 12.58 1.75
N ALA A 340 8.83 13.72 1.24
CA ALA A 340 9.04 14.97 1.96
C ALA A 340 7.94 15.27 2.97
N ARG A 341 6.97 14.37 3.13
CA ARG A 341 5.81 14.66 3.96
C ARG A 341 6.20 15.02 5.39
N MET A 342 7.08 14.23 6.02
CA MET A 342 7.44 14.50 7.42
C MET A 342 7.97 15.93 7.62
N CYS A 343 8.88 16.33 6.74
CA CYS A 343 9.46 17.66 6.87
C CYS A 343 8.46 18.75 6.43
N GLN A 344 7.52 18.39 5.56
CA GLN A 344 6.43 19.31 5.25
C GLN A 344 5.56 19.57 6.48
N VAL A 345 5.30 18.54 7.28
CA VAL A 345 4.51 18.69 8.50
C VAL A 345 5.26 19.56 9.50
N VAL A 346 6.58 19.29 9.60
CA VAL A 346 7.44 20.11 10.45
C VAL A 346 7.31 21.59 10.09
N ASP A 347 7.42 21.88 8.79
CA ASP A 347 7.29 23.27 8.35
C ASP A 347 5.89 23.84 8.60
N LYS A 348 4.87 23.07 8.25
CA LYS A 348 3.49 23.50 8.30
C LYS A 348 3.12 23.92 9.71
N HIS A 349 3.60 23.15 10.68
CA HIS A 349 3.21 23.42 12.07
C HIS A 349 4.33 23.96 12.92
N GLN A 350 5.44 24.32 12.27
CA GLN A 350 6.56 24.95 12.93
C GLN A 350 7.01 24.14 14.14
N VAL A 351 7.18 22.84 13.92
CA VAL A 351 7.60 21.90 14.95
C VAL A 351 9.00 22.24 15.46
N ASN A 352 9.15 22.28 16.77
CA ASN A 352 10.46 22.55 17.40
C ASN A 352 11.19 21.29 17.87
N ILE A 353 10.44 20.27 18.24
CA ILE A 353 11.00 19.01 18.74
C ILE A 353 10.41 17.86 17.93
N LEU A 354 11.26 17.06 17.29
CA LEU A 354 10.79 15.93 16.49
C LEU A 354 11.34 14.63 17.06
N TYR A 355 10.43 13.69 17.33
CA TYR A 355 10.78 12.43 17.98
C TYR A 355 10.25 11.29 17.11
N THR A 356 11.14 10.58 16.40
CA THR A 356 10.67 9.59 15.47
C THR A 356 11.51 8.31 15.49
N ALA A 357 11.17 7.35 14.63
CA ALA A 357 11.75 6.01 14.72
C ALA A 357 12.84 5.77 13.69
N PRO A 358 13.86 4.97 14.05
CA PRO A 358 14.92 4.62 13.10
C PRO A 358 14.40 3.99 11.80
N THR A 359 13.32 3.21 11.85
CA THR A 359 12.77 2.63 10.61
C THR A 359 12.29 3.74 9.66
N ALA A 360 11.63 4.75 10.23
CA ALA A 360 11.18 5.91 9.46
C ALA A 360 12.37 6.68 8.89
N ILE A 361 13.38 6.88 9.74
CA ILE A 361 14.59 7.59 9.33
C ILE A 361 15.26 6.85 8.17
N ARG A 362 15.32 5.53 8.25
CA ARG A 362 15.96 4.75 7.21
C ARG A 362 15.14 4.74 5.91
N ALA A 363 13.82 4.72 6.04
CA ALA A 363 12.96 4.79 4.85
C ALA A 363 13.10 6.13 4.14
N LEU A 364 13.22 7.22 4.91
CA LEU A 364 13.46 8.52 4.27
C LEU A 364 14.87 8.63 3.66
N MET A 365 15.83 8.10 4.41
CA MET A 365 17.24 8.16 4.03
C MET A 365 17.42 7.41 2.72
N ALA A 366 16.62 6.40 2.50
CA ALA A 366 16.68 5.66 1.23
C ALA A 366 16.24 6.54 0.04
N GLU A 367 15.45 7.57 0.32
CA GLU A 367 14.99 8.48 -0.71
C GLU A 367 15.95 9.64 -0.84
N GLY A 368 16.85 9.77 0.13
CA GLY A 368 17.89 10.78 0.03
C GLY A 368 17.31 12.19 0.13
N ASP A 369 17.78 13.12 -0.71
CA ASP A 369 17.37 14.52 -0.58
C ASP A 369 15.90 14.73 -0.95
N LYS A 370 15.25 13.71 -1.50
CA LYS A 370 13.83 13.84 -1.78
C LYS A 370 13.04 13.91 -0.47
N ALA A 371 13.68 13.49 0.62
CA ALA A 371 13.08 13.57 1.94
C ALA A 371 13.02 15.00 2.45
N ILE A 372 13.90 15.87 1.97
CA ILE A 372 13.92 17.25 2.49
C ILE A 372 13.65 18.29 1.42
N GLU A 373 13.50 17.82 0.18
CA GLU A 373 13.33 18.68 -0.97
C GLU A 373 12.15 19.63 -0.79
N GLY A 374 12.43 20.93 -0.90
CA GLY A 374 11.39 21.94 -0.82
C GLY A 374 10.99 22.32 0.58
N THR A 375 11.68 21.77 1.57
CA THR A 375 11.38 22.10 2.97
C THR A 375 12.47 22.95 3.60
N ASP A 376 12.11 23.62 4.69
CA ASP A 376 12.99 24.55 5.37
C ASP A 376 13.60 23.95 6.64
N ARG A 377 12.74 23.41 7.50
CA ARG A 377 13.15 22.69 8.73
C ARG A 377 13.79 23.57 9.83
N SER A 378 13.82 24.89 9.64
CA SER A 378 14.53 25.75 10.59
C SER A 378 13.85 25.86 11.96
N SER A 379 12.60 25.44 12.07
CA SER A 379 11.93 25.55 13.38
C SER A 379 12.47 24.50 14.35
N LEU A 380 13.07 23.44 13.81
CA LEU A 380 13.59 22.37 14.68
C LEU A 380 14.75 22.82 15.56
N ARG A 381 14.72 22.40 16.83
CA ARG A 381 15.82 22.65 17.76
C ARG A 381 16.35 21.36 18.39
N ILE A 382 15.47 20.39 18.56
CA ILE A 382 15.80 19.13 19.22
CA ILE A 382 15.84 19.13 19.19
C ILE A 382 15.24 17.96 18.41
N LEU A 383 16.04 16.92 18.24
CA LEU A 383 15.60 15.71 17.56
C LEU A 383 15.71 14.54 18.50
N GLY A 384 14.96 13.49 18.22
CA GLY A 384 15.08 12.29 19.02
C GLY A 384 14.75 11.05 18.20
N SER A 385 15.27 9.92 18.67
CA SER A 385 15.08 8.63 18.04
C SER A 385 14.55 7.62 19.05
N VAL A 386 13.56 6.84 18.64
CA VAL A 386 12.86 5.94 19.56
C VAL A 386 12.62 4.53 19.01
N GLY A 387 12.77 3.53 19.88
CA GLY A 387 12.07 2.26 19.70
C GLY A 387 12.86 1.08 19.16
N GLU A 388 14.10 1.33 18.76
CA GLU A 388 14.93 0.30 18.14
C GLU A 388 16.35 0.82 18.02
N PRO A 389 17.32 -0.08 17.77
CA PRO A 389 18.68 0.40 17.56
C PRO A 389 18.75 1.31 16.35
N ILE A 390 19.62 2.31 16.41
CA ILE A 390 19.91 3.13 15.24
C ILE A 390 21.41 3.11 14.99
N ASN A 391 21.82 2.81 13.77
CA ASN A 391 23.24 2.69 13.49
C ASN A 391 23.82 4.08 13.26
N PRO A 392 25.15 4.23 13.40
CA PRO A 392 25.76 5.56 13.29
C PRO A 392 25.42 6.27 11.97
N GLU A 393 25.35 5.56 10.86
CA GLU A 393 25.09 6.19 9.56
C GLU A 393 23.73 6.86 9.52
N ALA A 394 22.71 6.14 10.00
CA ALA A 394 21.35 6.66 10.02
C ALA A 394 21.24 7.84 10.99
N TRP A 395 21.85 7.69 12.17
CA TRP A 395 21.92 8.77 13.15
C TRP A 395 22.50 10.03 12.53
N GLU A 396 23.63 9.89 11.84
CA GLU A 396 24.31 11.03 11.23
C GLU A 396 23.49 11.64 10.12
N TRP A 397 22.81 10.80 9.33
CA TRP A 397 21.97 11.34 8.26
C TRP A 397 20.81 12.14 8.85
N TYR A 398 20.20 11.63 9.91
CA TYR A 398 19.16 12.37 10.63
C TYR A 398 19.68 13.71 11.17
N TRP A 399 20.84 13.66 11.83
CA TRP A 399 21.41 14.82 12.48
C TRP A 399 21.74 15.89 11.44
N LYS A 400 22.20 15.44 10.28
CA LYS A 400 22.67 16.37 9.25
C LYS A 400 21.55 16.90 8.37
N LYS A 401 20.74 16.00 7.83
CA LYS A 401 19.72 16.35 6.87
C LYS A 401 18.44 16.87 7.51
N ILE A 402 17.98 16.25 8.59
CA ILE A 402 16.77 16.75 9.22
C ILE A 402 17.08 17.90 10.17
N GLY A 403 18.13 17.75 10.96
CA GLY A 403 18.48 18.73 11.97
C GLY A 403 19.47 19.80 11.51
N LYS A 404 19.97 19.68 10.28
CA LYS A 404 20.86 20.67 9.68
C LYS A 404 22.12 20.89 10.51
N GLU A 405 22.56 19.84 11.21
CA GLU A 405 23.73 19.85 12.09
C GLU A 405 23.61 20.83 13.26
N LYS A 406 22.40 21.30 13.54
CA LYS A 406 22.18 22.27 14.61
C LYS A 406 21.46 21.69 15.82
N CYS A 407 20.94 20.47 15.68
CA CYS A 407 20.04 19.91 16.69
C CYS A 407 20.59 18.67 17.39
N PRO A 408 20.72 18.72 18.73
CA PRO A 408 21.04 17.47 19.42
C PRO A 408 20.01 16.40 19.09
N VAL A 409 20.47 15.15 18.98
CA VAL A 409 19.60 14.00 18.82
C VAL A 409 19.60 13.21 20.11
N VAL A 410 18.41 12.98 20.67
CA VAL A 410 18.33 12.14 21.84
C VAL A 410 17.87 10.72 21.44
N ASP A 411 18.82 9.79 21.51
CA ASP A 411 18.57 8.38 21.23
C ASP A 411 18.16 7.74 22.54
N THR A 412 16.86 7.55 22.71
CA THR A 412 16.31 7.14 24.01
C THR A 412 16.12 5.63 24.09
N TRP A 413 16.85 4.97 25.00
CA TRP A 413 16.57 3.56 25.25
C TRP A 413 15.64 3.40 26.44
N TRP A 414 14.62 2.56 26.26
CA TRP A 414 13.66 2.23 27.30
C TRP A 414 12.76 1.12 26.76
N GLN A 415 11.77 0.69 27.54
CA GLN A 415 10.92 -0.45 27.16
C GLN A 415 9.51 -0.27 27.67
N THR A 416 8.59 -1.07 27.14
CA THR A 416 7.21 -1.00 27.60
C THR A 416 7.16 -1.18 29.12
N GLU A 417 7.99 -2.08 29.63
CA GLU A 417 7.97 -2.36 31.07
C GLU A 417 8.69 -1.31 31.92
N THR A 418 9.27 -0.29 31.29
CA THR A 418 10.00 0.72 32.08
C THR A 418 9.25 2.05 32.17
N GLY A 419 8.15 2.19 31.42
CA GLY A 419 7.28 3.36 31.54
C GLY A 419 7.78 4.62 30.87
N GLY A 420 9.08 4.87 30.98
CA GLY A 420 9.70 6.05 30.39
C GLY A 420 11.20 5.83 30.14
N PHE A 421 11.84 6.87 29.61
CA PHE A 421 13.25 6.83 29.22
C PHE A 421 14.14 6.29 30.33
N MET A 422 15.14 5.51 29.95
CA MET A 422 16.02 4.87 30.92
C MET A 422 17.47 5.23 30.71
N ILE A 423 17.93 5.16 29.47
CA ILE A 423 19.28 5.58 29.13
C ILE A 423 19.14 6.51 27.95
N THR A 424 19.65 7.75 28.06
CA THR A 424 19.31 8.78 27.08
C THR A 424 20.19 9.99 27.28
N PRO A 425 20.54 10.68 26.19
CA PRO A 425 21.21 11.96 26.46
C PRO A 425 20.21 12.97 27.00
N LEU A 426 20.72 14.02 27.64
CA LEU A 426 19.96 15.23 27.84
C LEU A 426 20.67 16.26 26.98
N PRO A 427 19.91 17.03 26.18
CA PRO A 427 20.48 17.83 25.09
C PRO A 427 21.48 18.90 25.55
N GLY A 428 21.25 19.49 26.73
CA GLY A 428 22.17 20.49 27.26
C GLY A 428 23.19 19.97 28.25
N ALA A 429 23.20 18.66 28.50
CA ALA A 429 24.08 18.12 29.55
C ALA A 429 25.09 17.10 29.04
N ILE A 430 24.77 16.42 27.94
CA ILE A 430 25.53 15.26 27.55
C ILE A 430 25.98 15.38 26.11
N GLU A 431 27.29 15.29 25.87
CA GLU A 431 27.82 15.31 24.51
C GLU A 431 27.50 14.00 23.80
N LEU A 432 27.26 14.08 22.49
CA LEU A 432 26.63 12.96 21.78
C LEU A 432 27.59 12.08 20.98
N LYS A 433 27.33 10.79 20.98
CA LYS A 433 27.99 9.87 20.03
C LYS A 433 26.91 9.26 19.13
N ALA A 434 27.13 9.30 17.81
CA ALA A 434 26.18 8.70 16.86
C ALA A 434 25.94 7.22 17.14
N GLY A 435 24.69 6.88 17.46
CA GLY A 435 24.32 5.50 17.70
C GLY A 435 24.32 5.06 19.16
N SER A 436 24.66 5.96 20.07
CA SER A 436 24.73 5.65 21.51
C SER A 436 23.60 6.28 22.32
N ALA A 437 22.97 5.50 23.21
CA ALA A 437 21.97 6.07 24.13
C ALA A 437 22.63 6.92 25.22
N THR A 438 23.95 6.74 25.41
CA THR A 438 24.81 7.50 26.34
C THR A 438 24.62 7.08 27.81
N ARG A 439 24.07 7.95 28.66
CA ARG A 439 24.11 7.73 30.11
CA ARG A 439 24.11 7.73 30.11
C ARG A 439 22.72 7.52 30.72
N PRO A 440 22.65 6.86 31.90
CA PRO A 440 21.34 6.62 32.51
C PRO A 440 20.62 7.87 32.98
N PHE A 441 19.29 7.82 32.96
CA PHE A 441 18.46 8.92 33.43
C PHE A 441 18.48 8.93 34.96
N PHE A 442 18.06 10.03 35.56
CA PHE A 442 17.90 10.09 37.02
C PHE A 442 17.12 8.88 37.55
N GLY A 443 17.66 8.25 38.60
CA GLY A 443 17.00 7.15 39.28
C GLY A 443 17.22 5.80 38.63
N VAL A 444 18.03 5.75 37.58
CA VAL A 444 18.28 4.51 36.85
C VAL A 444 19.70 4.00 37.09
N GLN A 445 19.82 2.79 37.62
CA GLN A 445 21.13 2.20 37.81
CA GLN A 445 21.12 2.18 37.84
C GLN A 445 21.31 0.99 36.89
N PRO A 446 21.97 1.21 35.75
CA PRO A 446 22.23 0.09 34.82
C PRO A 446 23.45 -0.71 35.26
N ALA A 447 23.46 -1.97 34.83
CA ALA A 447 24.67 -2.81 34.92
C ALA A 447 24.66 -3.78 33.76
N LEU A 448 25.86 -4.28 33.45
CA LEU A 448 26.04 -5.31 32.44
C LEU A 448 26.51 -6.55 33.14
N VAL A 449 25.80 -7.65 32.96
CA VAL A 449 26.20 -8.89 33.63
C VAL A 449 26.47 -9.99 32.60
N ASP A 450 27.34 -10.95 32.91
CA ASP A 450 27.48 -12.08 31.99
C ASP A 450 26.30 -13.04 32.14
N ASN A 451 26.33 -14.16 31.43
CA ASN A 451 25.19 -15.08 31.45
C ASN A 451 25.01 -15.76 32.81
N GLU A 452 26.01 -15.63 33.67
CA GLU A 452 25.94 -16.19 35.01
CA GLU A 452 25.94 -16.19 35.01
C GLU A 452 25.58 -15.12 36.04
N GLY A 453 25.31 -13.91 35.58
CA GLY A 453 24.88 -12.84 36.47
C GLY A 453 25.99 -12.05 37.13
N HIS A 454 27.23 -12.29 36.70
CA HIS A 454 28.38 -11.57 37.24
C HIS A 454 28.49 -10.20 36.61
N PRO A 455 28.45 -9.14 37.41
CA PRO A 455 28.60 -7.79 36.88
C PRO A 455 29.95 -7.58 36.22
N GLN A 456 29.92 -7.03 35.01
CA GLN A 456 31.12 -6.68 34.25
C GLN A 456 31.44 -5.20 34.41
N GLU A 457 32.66 -4.88 34.85
CA GLU A 457 33.05 -3.49 35.06
C GLU A 457 33.94 -2.95 33.93
N GLY A 458 34.03 -1.63 33.84
CA GLY A 458 34.84 -0.99 32.83
C GLY A 458 34.24 -1.09 31.44
N ALA A 459 35.07 -0.89 30.43
CA ALA A 459 34.62 -1.05 29.05
C ALA A 459 34.35 -2.53 28.79
N THR A 460 33.11 -2.86 28.46
CA THR A 460 32.71 -4.25 28.46
C THR A 460 31.35 -4.43 27.77
N GLU A 461 30.90 -5.66 27.64
CA GLU A 461 29.57 -5.88 27.10
C GLU A 461 28.90 -7.03 27.82
N GLY A 462 27.57 -7.04 27.79
CA GLY A 462 26.86 -8.11 28.46
C GLY A 462 25.37 -7.89 28.41
N ASN A 463 24.67 -8.55 29.33
CA ASN A 463 23.22 -8.41 29.45
C ASN A 463 22.88 -7.18 30.23
N LEU A 464 21.97 -6.36 29.70
CA LEU A 464 21.61 -5.09 30.33
C LEU A 464 20.53 -5.30 31.41
N VAL A 465 20.91 -5.04 32.65
CA VAL A 465 19.97 -5.10 33.77
C VAL A 465 19.87 -3.74 34.44
N ILE A 466 18.81 -3.56 35.22
CA ILE A 466 18.62 -2.39 36.06
C ILE A 466 18.55 -2.90 37.49
N THR A 467 19.39 -2.36 38.37
CA THR A 467 19.63 -3.00 39.65
C THR A 467 18.75 -2.48 40.79
N ASP A 468 17.89 -1.50 40.52
CA ASP A 468 16.92 -1.05 41.52
C ASP A 468 15.75 -0.43 40.78
N SER A 469 14.66 -0.16 41.49
CA SER A 469 13.45 0.33 40.85
C SER A 469 13.54 1.82 40.51
N TRP A 470 12.58 2.29 39.72
CA TRP A 470 12.46 3.70 39.31
C TRP A 470 10.94 3.93 39.22
N PRO A 471 10.48 5.18 39.35
CA PRO A 471 9.05 5.41 39.57
C PRO A 471 8.13 4.93 38.44
N GLY A 472 8.61 4.94 37.21
CA GLY A 472 7.80 4.56 36.05
C GLY A 472 7.74 3.07 35.75
N GLN A 473 8.37 2.24 36.58
CA GLN A 473 8.42 0.80 36.31
C GLN A 473 7.05 0.12 36.25
N ALA A 474 6.85 -0.73 35.24
CA ALA A 474 5.64 -1.57 35.21
C ALA A 474 5.54 -2.38 36.49
N ARG A 475 4.32 -2.50 37.02
CA ARG A 475 4.15 -3.11 38.34
C ARG A 475 3.86 -4.60 38.29
N THR A 476 3.31 -5.08 37.17
CA THR A 476 2.96 -6.48 37.04
C THR A 476 2.54 -6.80 35.60
N LEU A 477 2.25 -8.07 35.35
CA LEU A 477 1.49 -8.52 34.18
C LEU A 477 0.08 -8.83 34.66
N PHE A 478 -0.90 -8.32 33.96
CA PHE A 478 -2.30 -8.52 34.34
C PHE A 478 -2.66 -10.01 34.53
N GLY A 479 -3.18 -10.34 35.70
CA GLY A 479 -3.52 -11.71 36.05
C GLY A 479 -2.36 -12.71 36.11
N ASP A 480 -1.12 -12.21 36.15
CA ASP A 480 0.03 -13.12 36.03
C ASP A 480 1.31 -12.54 36.68
N HIS A 481 1.22 -12.22 37.97
CA HIS A 481 2.40 -11.69 38.67
C HIS A 481 3.56 -12.69 38.77
N GLU A 482 3.24 -13.98 38.83
CA GLU A 482 4.31 -14.97 38.89
C GLU A 482 5.09 -15.01 37.58
N ARG A 483 4.40 -14.83 36.45
CA ARG A 483 5.11 -14.79 35.17
C ARG A 483 5.94 -13.51 35.11
N PHE A 484 5.43 -12.43 35.68
CA PHE A 484 6.18 -11.16 35.78
C PHE A 484 7.53 -11.42 36.48
N GLU A 485 7.43 -12.10 37.62
CA GLU A 485 8.63 -12.44 38.38
C GLU A 485 9.57 -13.35 37.60
N GLN A 486 8.99 -14.32 36.88
CA GLN A 486 9.81 -15.24 36.08
C GLN A 486 10.55 -14.52 34.95
N THR A 487 9.81 -13.73 34.19
CA THR A 487 10.30 -13.14 32.98
C THR A 487 11.32 -12.06 33.26
N TYR A 488 11.08 -11.25 34.29
CA TYR A 488 11.96 -10.10 34.47
C TYR A 488 12.92 -10.22 35.65
N PHE A 489 12.59 -11.07 36.62
CA PHE A 489 13.33 -11.05 37.89
C PHE A 489 13.85 -12.41 38.33
N SER A 490 14.06 -13.35 37.40
CA SER A 490 14.54 -14.67 37.76
CA SER A 490 14.55 -14.66 37.79
C SER A 490 15.89 -15.03 37.14
N THR A 491 16.15 -14.51 35.94
CA THR A 491 17.41 -14.82 35.26
C THR A 491 18.59 -14.36 36.08
N PHE A 492 18.52 -13.11 36.54
CA PHE A 492 19.56 -12.51 37.35
C PHE A 492 18.90 -12.03 38.65
N LYS A 493 19.16 -12.75 39.73
CA LYS A 493 18.41 -12.50 40.95
C LYS A 493 18.65 -11.08 41.45
N ASN A 494 17.57 -10.48 41.95
CA ASN A 494 17.56 -9.14 42.53
C ASN A 494 17.78 -8.03 41.50
N MET A 495 17.56 -8.37 40.23
CA MET A 495 17.73 -7.40 39.16
CA MET A 495 17.77 -7.46 39.12
C MET A 495 16.59 -7.48 38.15
N TYR A 496 16.30 -6.35 37.53
CA TYR A 496 15.38 -6.32 36.39
C TYR A 496 16.17 -6.65 35.15
N PHE A 497 15.81 -7.73 34.45
CA PHE A 497 16.47 -8.11 33.21
C PHE A 497 15.68 -7.59 32.02
N SER A 498 16.29 -6.69 31.26
CA SER A 498 15.61 -6.02 30.16
C SER A 498 15.38 -6.92 28.95
N GLY A 499 16.17 -7.97 28.82
CA GLY A 499 16.13 -8.76 27.60
C GLY A 499 17.01 -8.20 26.48
N ASP A 500 17.65 -7.06 26.76
CA ASP A 500 18.55 -6.40 25.80
C ASP A 500 20.01 -6.65 26.15
N GLY A 501 20.86 -6.62 25.14
CA GLY A 501 22.30 -6.64 25.32
C GLY A 501 22.86 -5.25 25.09
N ALA A 502 23.99 -4.97 25.73
CA ALA A 502 24.60 -3.65 25.54
C ALA A 502 26.10 -3.67 25.78
N ARG A 503 26.74 -2.65 25.23
CA ARG A 503 28.16 -2.41 25.41
C ARG A 503 28.33 -1.09 26.16
N ARG A 504 29.31 -1.04 27.05
CA ARG A 504 29.68 0.22 27.70
C ARG A 504 31.10 0.53 27.26
N ASP A 505 31.34 1.77 26.81
CA ASP A 505 32.66 2.12 26.25
C ASP A 505 33.51 2.79 27.33
N GLU A 506 34.71 3.23 26.97
CA GLU A 506 35.65 3.73 27.98
C GLU A 506 35.21 5.04 28.63
N ASP A 507 34.25 5.73 28.00
CA ASP A 507 33.69 6.96 28.57
C ASP A 507 32.47 6.69 29.45
N GLY A 508 32.04 5.44 29.52
CA GLY A 508 30.88 5.10 30.32
C GLY A 508 29.57 5.21 29.54
N TYR A 509 29.65 5.44 28.23
CA TYR A 509 28.45 5.50 27.40
C TYR A 509 27.95 4.10 27.06
N TYR A 510 26.63 3.96 27.03
CA TYR A 510 26.01 2.69 26.69
C TYR A 510 25.61 2.64 25.22
N TRP A 511 25.84 1.47 24.63
CA TRP A 511 25.43 1.17 23.27
C TRP A 511 24.53 -0.04 23.28
N ILE A 512 23.25 0.12 22.94
CA ILE A 512 22.36 -1.04 23.04
C ILE A 512 22.40 -1.78 21.71
N THR A 513 22.71 -3.07 21.76
CA THR A 513 23.01 -3.79 20.54
C THR A 513 21.84 -4.64 20.00
N GLY A 514 20.79 -4.80 20.80
CA GLY A 514 19.63 -5.57 20.37
C GLY A 514 19.20 -6.58 21.41
N ARG A 515 18.05 -7.21 21.20
CA ARG A 515 17.56 -8.22 22.14
C ARG A 515 18.48 -9.41 22.18
N VAL A 516 18.61 -10.00 23.37
CA VAL A 516 19.44 -11.18 23.56
C VAL A 516 18.53 -12.36 23.83
N ASP A 517 17.24 -12.08 24.01
CA ASP A 517 16.25 -13.13 24.08
C ASP A 517 15.65 -13.37 22.69
N ASP A 518 14.47 -13.98 22.64
CA ASP A 518 13.89 -14.31 21.33
C ASP A 518 12.82 -13.30 20.91
N VAL A 519 12.95 -12.07 21.38
CA VAL A 519 12.06 -11.00 20.95
C VAL A 519 12.62 -10.35 19.69
N LEU A 520 11.76 -10.17 18.68
CA LEU A 520 12.14 -9.55 17.42
C LEU A 520 11.69 -8.09 17.43
N ASN A 521 12.36 -7.28 16.62
CA ASN A 521 12.01 -5.86 16.48
C ASN A 521 11.95 -5.55 14.99
N VAL A 522 10.73 -5.60 14.46
CA VAL A 522 10.47 -5.46 13.03
C VAL A 522 9.80 -4.12 12.78
N SER A 523 10.55 -3.18 12.19
CA SER A 523 10.04 -1.84 11.98
C SER A 523 9.55 -1.14 13.25
N GLY A 524 10.20 -1.44 14.37
CA GLY A 524 9.82 -0.85 15.65
C GLY A 524 8.74 -1.64 16.38
N HIS A 525 8.25 -2.68 15.73
CA HIS A 525 7.23 -3.53 16.32
C HIS A 525 7.86 -4.72 17.02
N ARG A 526 7.61 -4.79 18.33
CA ARG A 526 8.09 -5.86 19.19
C ARG A 526 7.22 -7.10 19.02
N LEU A 527 7.84 -8.20 18.55
CA LEU A 527 7.11 -9.44 18.28
C LEU A 527 7.80 -10.62 18.95
N GLY A 528 7.07 -11.68 19.26
CA GLY A 528 7.69 -12.84 19.88
C GLY A 528 7.92 -13.96 18.89
N THR A 529 9.11 -14.55 18.97
CA THR A 529 9.47 -15.72 18.16
C THR A 529 8.45 -16.85 18.33
N ALA A 530 8.18 -17.18 19.58
CA ALA A 530 7.29 -18.30 19.87
C ALA A 530 5.88 -18.04 19.41
N GLU A 531 5.40 -16.80 19.51
CA GLU A 531 4.01 -16.54 19.13
C GLU A 531 3.83 -16.65 17.61
N ILE A 532 4.84 -16.26 16.84
CA ILE A 532 4.76 -16.39 15.39
C ILE A 532 4.85 -17.89 15.02
N GLU A 533 5.73 -18.63 15.70
CA GLU A 533 5.77 -20.09 15.49
C GLU A 533 4.43 -20.77 15.80
N SER A 534 3.80 -20.39 16.91
CA SER A 534 2.51 -20.92 17.30
C SER A 534 1.45 -20.57 16.25
N ALA A 535 1.52 -19.34 15.72
CA ALA A 535 0.58 -18.94 14.69
C ALA A 535 0.74 -19.86 13.48
N LEU A 536 1.99 -20.11 13.08
CA LEU A 536 2.24 -20.94 11.90
C LEU A 536 1.76 -22.38 12.09
N VAL A 537 2.13 -22.99 13.22
CA VAL A 537 1.77 -24.39 13.43
C VAL A 537 0.27 -24.59 13.67
N ALA A 538 -0.47 -23.50 13.85
CA ALA A 538 -1.93 -23.58 13.92
C ALA A 538 -2.54 -23.85 12.53
N HIS A 539 -1.78 -23.56 11.48
CA HIS A 539 -2.28 -23.79 10.13
C HIS A 539 -2.41 -25.30 9.91
N PRO A 540 -3.53 -25.74 9.31
CA PRO A 540 -3.84 -27.17 9.13
C PRO A 540 -2.80 -27.97 8.36
N LYS A 541 -2.01 -27.34 7.49
CA LYS A 541 -1.03 -28.08 6.69
C LYS A 541 0.40 -27.98 7.22
N ILE A 542 0.58 -27.28 8.34
CA ILE A 542 1.92 -27.06 8.87
C ILE A 542 2.18 -27.95 10.09
N ALA A 543 3.32 -28.63 10.07
CA ALA A 543 3.68 -29.51 11.17
C ALA A 543 4.55 -28.77 12.17
N GLU A 544 5.65 -28.17 11.69
CA GLU A 544 6.54 -27.45 12.60
C GLU A 544 7.04 -26.14 12.02
N ALA A 545 7.48 -25.22 12.87
CA ALA A 545 7.97 -23.94 12.40
C ALA A 545 9.09 -23.40 13.28
N ALA A 546 10.08 -22.77 12.67
CA ALA A 546 11.08 -22.06 13.44
C ALA A 546 11.30 -20.68 12.84
N VAL A 547 11.10 -19.65 13.66
CA VAL A 547 11.15 -18.26 13.19
C VAL A 547 12.39 -17.57 13.71
N VAL A 548 13.07 -16.85 12.80
CA VAL A 548 14.22 -16.04 13.19
C VAL A 548 14.11 -14.66 12.59
N GLY A 549 14.78 -13.70 13.21
CA GLY A 549 14.94 -12.38 12.62
C GLY A 549 16.24 -12.30 11.85
N ILE A 550 16.23 -11.62 10.70
CA ILE A 550 17.45 -11.37 9.92
C ILE A 550 17.61 -9.88 9.74
N PRO A 551 18.85 -9.39 9.55
CA PRO A 551 19.01 -7.95 9.31
C PRO A 551 18.26 -7.46 8.08
N HIS A 552 17.68 -6.27 8.17
CA HIS A 552 16.98 -5.66 7.05
C HIS A 552 17.32 -4.18 7.04
N ALA A 553 17.69 -3.67 5.88
CA ALA A 553 18.23 -2.31 5.75
C ALA A 553 17.24 -1.22 6.13
N ILE A 554 15.93 -1.48 6.00
CA ILE A 554 14.92 -0.50 6.37
C ILE A 554 14.27 -0.88 7.71
N LYS A 555 13.83 -2.13 7.81
CA LYS A 555 13.01 -2.58 8.93
C LYS A 555 13.80 -2.96 10.17
N GLY A 556 15.12 -3.02 10.05
CA GLY A 556 15.94 -3.38 11.19
C GLY A 556 16.09 -4.88 11.22
N GLN A 557 14.99 -5.56 11.55
CA GLN A 557 14.88 -7.00 11.35
C GLN A 557 13.71 -7.34 10.44
N ALA A 558 13.88 -8.39 9.66
CA ALA A 558 12.78 -8.98 8.92
C ALA A 558 12.54 -10.38 9.44
N ILE A 559 11.34 -10.89 9.19
CA ILE A 559 10.89 -12.19 9.69
C ILE A 559 11.12 -13.31 8.65
N TYR A 560 11.93 -14.28 9.06
CA TYR A 560 12.29 -15.43 8.23
C TYR A 560 11.74 -16.68 8.91
N ALA A 561 10.87 -17.42 8.23
CA ALA A 561 10.27 -18.60 8.86
C ALA A 561 10.64 -19.89 8.14
N TYR A 562 11.26 -20.82 8.87
CA TYR A 562 11.46 -22.19 8.41
C TYR A 562 10.19 -22.98 8.67
N VAL A 563 9.66 -23.65 7.65
CA VAL A 563 8.38 -24.33 7.82
C VAL A 563 8.45 -25.78 7.36
N THR A 564 7.99 -26.67 8.23
CA THR A 564 7.80 -28.08 7.92
C THR A 564 6.33 -28.39 7.71
N LEU A 565 6.02 -28.87 6.51
CA LEU A 565 4.66 -29.22 6.12
C LEU A 565 4.27 -30.63 6.56
N ASN A 566 2.98 -30.85 6.79
CA ASN A 566 2.47 -32.18 7.08
C ASN A 566 2.78 -33.13 5.93
N HIS A 567 2.78 -34.43 6.21
CA HIS A 567 2.88 -35.44 5.14
C HIS A 567 1.72 -35.31 4.18
N GLY A 568 2.03 -35.24 2.88
CA GLY A 568 1.01 -35.16 1.87
C GLY A 568 0.89 -33.78 1.24
N GLU A 569 1.63 -32.82 1.79
CA GLU A 569 1.58 -31.44 1.30
C GLU A 569 2.87 -31.05 0.58
N GLU A 570 2.73 -30.19 -0.43
CA GLU A 570 3.87 -29.69 -1.20
C GLU A 570 3.85 -28.17 -1.25
N PRO A 571 5.02 -27.54 -1.30
CA PRO A 571 5.07 -26.10 -1.54
C PRO A 571 4.46 -25.76 -2.90
N SER A 572 3.85 -24.59 -2.99
CA SER A 572 3.27 -24.08 -4.23
C SER A 572 3.12 -22.58 -4.04
N PRO A 573 2.96 -21.83 -5.13
CA PRO A 573 2.65 -20.39 -4.96
C PRO A 573 1.42 -20.13 -4.11
N GLU A 574 0.40 -20.98 -4.29
CA GLU A 574 -0.82 -20.87 -3.49
C GLU A 574 -0.52 -21.06 -2.01
N LEU A 575 0.24 -22.08 -1.66
CA LEU A 575 0.47 -22.37 -0.26
C LEU A 575 1.36 -21.31 0.37
N TYR A 576 2.30 -20.78 -0.42
CA TYR A 576 3.18 -19.70 0.02
C TYR A 576 2.33 -18.49 0.43
N ALA A 577 1.48 -18.07 -0.49
CA ALA A 577 0.56 -16.98 -0.20
C ALA A 577 -0.37 -17.27 1.00
N GLU A 578 -0.87 -18.51 1.07
CA GLU A 578 -1.81 -18.90 2.13
C GLU A 578 -1.17 -18.84 3.51
N VAL A 579 0.07 -19.31 3.61
CA VAL A 579 0.75 -19.34 4.91
C VAL A 579 1.14 -17.92 5.35
N ARG A 580 1.64 -17.13 4.40
CA ARG A 580 1.92 -15.74 4.76
C ARG A 580 0.65 -15.04 5.29
N ASN A 581 -0.43 -15.19 4.53
CA ASN A 581 -1.72 -14.60 4.92
C ASN A 581 -2.27 -15.19 6.21
N TRP A 582 -1.88 -16.44 6.51
CA TRP A 582 -2.31 -17.08 7.74
C TRP A 582 -1.74 -16.33 8.92
N VAL A 583 -0.46 -15.97 8.82
CA VAL A 583 0.09 -15.18 9.91
C VAL A 583 -0.52 -13.79 9.95
N ARG A 584 -0.78 -13.21 8.77
CA ARG A 584 -1.51 -11.93 8.76
C ARG A 584 -2.89 -12.02 9.48
N LYS A 585 -3.56 -13.16 9.38
CA LYS A 585 -4.84 -13.40 10.03
C LYS A 585 -4.70 -13.66 11.54
N GLU A 586 -3.73 -14.46 11.93
CA GLU A 586 -3.59 -14.84 13.35
C GLU A 586 -3.13 -13.66 14.22
N ILE A 587 -2.25 -12.83 13.68
CA ILE A 587 -1.67 -11.72 14.45
C ILE A 587 -1.93 -10.37 13.77
N GLY A 588 -1.56 -10.27 12.50
CA GLY A 588 -1.69 -9.00 11.79
C GLY A 588 -0.60 -8.81 10.75
N PRO A 589 -0.80 -7.90 9.80
CA PRO A 589 0.21 -7.62 8.77
C PRO A 589 1.59 -7.30 9.33
N LEU A 590 1.65 -6.68 10.50
CA LEU A 590 2.95 -6.39 11.13
C LEU A 590 3.81 -7.62 11.34
N ALA A 591 3.19 -8.80 11.49
CA ALA A 591 3.94 -10.02 11.78
C ALA A 591 4.11 -10.94 10.57
N THR A 592 3.74 -10.48 9.39
CA THR A 592 3.84 -11.31 8.18
C THR A 592 5.29 -11.70 7.89
N PRO A 593 5.56 -13.00 7.72
CA PRO A 593 6.93 -13.37 7.38
C PRO A 593 7.37 -12.76 6.06
N ASP A 594 8.61 -12.29 6.01
CA ASP A 594 9.21 -11.80 4.77
C ASP A 594 9.65 -12.95 3.91
N VAL A 595 10.12 -14.02 4.55
CA VAL A 595 10.59 -15.20 3.82
C VAL A 595 10.00 -16.49 4.41
N LEU A 596 9.55 -17.40 3.56
CA LEU A 596 9.23 -18.75 4.00
C LEU A 596 10.25 -19.69 3.39
N HIS A 597 10.81 -20.58 4.21
CA HIS A 597 11.81 -21.54 3.76
C HIS A 597 11.27 -22.93 4.12
N TRP A 598 10.81 -23.68 3.10
CA TRP A 598 10.26 -25.00 3.36
C TRP A 598 11.40 -25.98 3.64
N THR A 599 11.24 -26.81 4.66
CA THR A 599 12.29 -27.74 5.03
C THR A 599 11.76 -28.93 5.81
N ASP A 600 12.50 -30.03 5.82
CA ASP A 600 12.21 -31.13 6.72
C ASP A 600 13.37 -31.32 7.68
N SER A 601 14.25 -30.33 7.72
CA SER A 601 15.52 -30.46 8.43
C SER A 601 15.68 -29.48 9.57
N LEU A 602 14.66 -29.33 10.40
CA LEU A 602 14.80 -28.46 11.57
C LEU A 602 15.83 -29.05 12.54
N PRO A 603 16.81 -28.25 12.95
CA PRO A 603 17.81 -28.72 13.92
C PRO A 603 17.21 -28.83 15.31
N LYS A 604 17.46 -29.95 15.99
CA LYS A 604 16.89 -30.17 17.31
C LYS A 604 17.90 -30.80 18.26
N THR A 605 17.79 -30.45 19.55
CA THR A 605 18.58 -31.08 20.59
C THR A 605 18.12 -32.52 20.75
N ARG A 606 18.88 -33.31 21.50
CA ARG A 606 18.53 -34.72 21.70
C ARG A 606 17.28 -34.85 22.58
N SER A 607 16.91 -33.78 23.25
CA SER A 607 15.68 -33.75 24.04
C SER A 607 14.48 -33.28 23.22
N GLY A 608 14.75 -32.82 22.01
CA GLY A 608 13.69 -32.49 21.07
C GLY A 608 13.43 -31.01 20.83
N LYS A 609 14.15 -30.14 21.52
CA LYS A 609 13.91 -28.71 21.40
C LYS A 609 14.60 -28.11 20.16
N ILE A 610 13.93 -27.16 19.52
CA ILE A 610 14.49 -26.50 18.34
C ILE A 610 15.70 -25.65 18.70
N MET A 611 16.75 -25.73 17.87
CA MET A 611 17.96 -24.93 18.04
C MET A 611 18.02 -23.78 17.03
N ARG A 612 17.74 -22.56 17.48
CA ARG A 612 17.55 -21.44 16.56
C ARG A 612 18.80 -20.64 16.14
N ARG A 613 19.89 -20.77 16.87
CA ARG A 613 21.08 -19.95 16.61
C ARG A 613 21.65 -20.20 15.21
N ILE A 614 21.85 -21.49 14.91
CA ILE A 614 22.34 -21.89 13.62
C ILE A 614 21.38 -21.47 12.51
N LEU A 615 20.08 -21.58 12.75
CA LEU A 615 19.06 -21.16 11.79
C LEU A 615 19.16 -19.66 11.49
N ARG A 616 19.43 -18.89 12.54
CA ARG A 616 19.61 -17.45 12.46
C ARG A 616 20.80 -17.11 11.56
N LYS A 617 21.93 -17.75 11.87
CA LYS A 617 23.13 -17.55 11.05
C LYS A 617 22.90 -17.91 9.58
N ILE A 618 22.31 -19.07 9.35
CA ILE A 618 22.07 -19.55 7.99
C ILE A 618 21.14 -18.61 7.22
N ALA A 619 20.05 -18.19 7.86
CA ALA A 619 19.10 -17.27 7.25
C ALA A 619 19.74 -15.92 6.93
N ALA A 620 20.66 -15.49 7.80
CA ALA A 620 21.42 -14.26 7.57
C ALA A 620 22.36 -14.36 6.36
N GLY A 621 22.70 -15.59 5.97
CA GLY A 621 23.54 -15.82 4.81
C GLY A 621 24.98 -16.21 5.10
N ASP A 622 25.28 -16.47 6.37
CA ASP A 622 26.63 -16.88 6.77
C ASP A 622 27.04 -18.19 6.09
N LEU A 626 30.09 -21.44 10.61
CA LEU A 626 28.92 -21.47 11.47
C LEU A 626 29.33 -21.83 12.91
N GLY A 627 28.40 -22.37 13.69
CA GLY A 627 28.66 -22.63 15.09
C GLY A 627 28.88 -24.09 15.46
N ASP A 628 28.80 -24.38 16.76
CA ASP A 628 28.98 -25.73 17.28
C ASP A 628 27.68 -26.51 17.22
N THR A 629 27.73 -27.70 16.59
CA THR A 629 26.55 -28.50 16.34
C THR A 629 26.45 -29.73 17.24
N SER A 630 27.30 -29.80 18.26
CA SER A 630 27.40 -31.00 19.08
C SER A 630 26.21 -31.17 20.02
N THR A 631 25.33 -30.18 20.05
CA THR A 631 24.11 -30.28 20.84
C THR A 631 22.94 -30.75 19.97
N LEU A 632 23.20 -30.90 18.67
CA LEU A 632 22.17 -31.32 17.73
C LEU A 632 22.05 -32.84 17.66
N ALA A 633 20.81 -33.34 17.69
CA ALA A 633 20.56 -34.77 17.58
C ALA A 633 21.02 -35.31 16.22
N ASP A 634 21.05 -34.42 15.23
CA ASP A 634 21.54 -34.77 13.89
C ASP A 634 22.17 -33.56 13.21
N PRO A 635 23.50 -33.43 13.30
CA PRO A 635 24.28 -32.37 12.65
C PRO A 635 24.02 -32.27 11.14
N GLY A 636 23.73 -33.41 10.53
CA GLY A 636 23.51 -33.50 9.09
C GLY A 636 22.49 -32.54 8.51
N VAL A 637 21.58 -32.04 9.35
CA VAL A 637 20.58 -31.08 8.86
C VAL A 637 21.25 -29.81 8.34
N VAL A 638 22.31 -29.37 9.02
CA VAL A 638 22.96 -28.09 8.70
C VAL A 638 23.25 -27.95 7.21
N GLU A 639 24.03 -28.89 6.68
CA GLU A 639 24.36 -28.92 5.25
C GLU A 639 23.12 -28.74 4.38
N LYS A 640 22.09 -29.53 4.66
CA LYS A 640 20.87 -29.46 3.88
C LYS A 640 20.28 -28.05 3.91
N LEU A 641 20.23 -27.48 5.11
CA LEU A 641 19.68 -26.15 5.28
C LEU A 641 20.50 -25.12 4.50
N LEU A 642 21.80 -25.40 4.33
CA LEU A 642 22.67 -24.50 3.57
C LEU A 642 22.37 -24.57 2.08
N GLU A 643 21.90 -25.74 1.63
CA GLU A 643 21.62 -25.94 0.22
C GLU A 643 20.28 -25.32 -0.14
N GLU A 644 19.28 -25.58 0.70
CA GLU A 644 17.93 -25.09 0.48
C GLU A 644 17.88 -23.55 0.42
N LYS A 645 18.74 -22.90 1.20
CA LYS A 645 18.78 -21.45 1.19
C LYS A 645 19.58 -20.93 -0.01
N GLN A 646 20.43 -21.78 -0.57
CA GLN A 646 21.20 -21.40 -1.75
C GLN A 646 20.26 -21.24 -2.94
N ALA A 647 19.30 -22.14 -3.05
CA ALA A 647 18.32 -22.14 -4.13
C ALA A 647 17.47 -20.86 -4.11
N LYS B 6 17.06 13.28 -34.25
CA LYS B 6 16.74 11.87 -34.54
C LYS B 6 17.78 10.93 -33.97
N HIS B 7 17.31 9.86 -33.32
CA HIS B 7 18.18 8.77 -32.92
C HIS B 7 18.21 7.73 -34.04
N ALA B 8 19.41 7.48 -34.54
CA ALA B 8 19.62 6.52 -35.61
C ALA B 8 19.24 5.09 -35.22
N ILE B 9 18.96 4.29 -36.24
CA ILE B 9 18.81 2.86 -36.09
C ILE B 9 20.18 2.27 -35.80
N PRO B 10 20.35 1.63 -34.64
CA PRO B 10 21.67 1.05 -34.32
C PRO B 10 21.98 -0.14 -35.20
N ALA B 11 23.26 -0.37 -35.45
CA ALA B 11 23.72 -1.39 -36.39
C ALA B 11 23.23 -2.81 -36.05
N ASN B 12 23.18 -3.16 -34.77
CA ASN B 12 22.78 -4.52 -34.40
C ASN B 12 21.31 -4.76 -34.76
N ILE B 13 20.50 -3.71 -34.65
CA ILE B 13 19.10 -3.80 -35.04
C ILE B 13 18.99 -3.86 -36.57
N ALA B 14 19.76 -3.01 -37.26
CA ALA B 14 19.71 -2.99 -38.72
C ALA B 14 20.10 -4.34 -39.32
N ASP B 15 21.05 -5.01 -38.68
CA ASP B 15 21.54 -6.29 -39.20
C ASP B 15 20.49 -7.40 -39.17
N ARG B 16 19.54 -7.29 -38.25
CA ARG B 16 18.64 -8.40 -37.95
C ARG B 16 17.17 -8.08 -38.23
N CYS B 17 16.88 -6.82 -38.53
CA CYS B 17 15.49 -6.36 -38.56
C CYS B 17 14.68 -7.02 -39.68
N LEU B 18 13.40 -7.23 -39.41
CA LEU B 18 12.49 -7.81 -40.39
C LEU B 18 12.08 -6.81 -41.44
N ILE B 19 12.01 -5.54 -41.04
CA ILE B 19 11.60 -4.46 -41.93
C ILE B 19 12.60 -3.32 -41.86
N ASN B 20 13.27 -3.05 -42.97
CA ASN B 20 14.19 -1.91 -43.04
C ASN B 20 13.48 -0.67 -43.63
N PRO B 21 14.15 0.50 -43.70
CA PRO B 21 13.43 1.71 -44.13
C PRO B 21 12.72 1.60 -45.48
N GLU B 22 13.40 0.99 -46.45
CA GLU B 22 12.83 0.86 -47.78
C GLU B 22 11.63 -0.09 -47.79
N GLN B 23 11.74 -1.18 -47.04
CA GLN B 23 10.65 -2.14 -46.94
C GLN B 23 9.44 -1.51 -46.26
N TYR B 24 9.68 -0.69 -45.23
CA TYR B 24 8.58 0.05 -44.65
C TYR B 24 7.91 0.95 -45.69
N GLU B 25 8.71 1.69 -46.46
CA GLU B 25 8.07 2.60 -47.42
C GLU B 25 7.25 1.83 -48.47
N THR B 26 7.82 0.74 -48.98
CA THR B 26 7.14 -0.06 -50.01
C THR B 26 5.84 -0.70 -49.51
N LYS B 27 5.96 -1.41 -48.39
CA LYS B 27 4.81 -2.04 -47.77
C LYS B 27 3.74 -1.02 -47.39
N TYR B 28 4.14 0.13 -46.85
CA TYR B 28 3.14 1.13 -46.45
C TYR B 28 2.37 1.63 -47.67
N LYS B 29 3.13 1.97 -48.71
CA LYS B 29 2.50 2.43 -49.94
C LYS B 29 1.48 1.40 -50.44
N GLN B 30 1.87 0.13 -50.50
CA GLN B 30 0.91 -0.87 -50.98
C GLN B 30 -0.30 -1.01 -50.06
N SER B 31 -0.07 -0.93 -48.76
CA SER B 31 -1.13 -1.14 -47.78
C SER B 31 -2.18 -0.04 -47.89
N ILE B 32 -1.75 1.13 -48.35
CA ILE B 32 -2.69 2.22 -48.54
C ILE B 32 -3.34 2.20 -49.92
N ASN B 33 -2.56 1.90 -50.96
CA ASN B 33 -3.06 1.90 -52.33
C ASN B 33 -3.88 0.67 -52.71
N ASP B 34 -3.57 -0.45 -52.08
CA ASP B 34 -4.21 -1.72 -52.40
C ASP B 34 -4.29 -2.59 -51.15
N PRO B 35 -5.12 -2.19 -50.18
CA PRO B 35 -5.26 -2.97 -48.94
C PRO B 35 -5.75 -4.39 -49.22
N ASP B 36 -6.53 -4.60 -50.27
CA ASP B 36 -6.97 -5.94 -50.59
C ASP B 36 -5.81 -6.88 -50.88
N THR B 37 -4.86 -6.44 -51.69
CA THR B 37 -3.70 -7.29 -51.98
C THR B 37 -2.80 -7.41 -50.77
N PHE B 38 -2.51 -6.26 -50.14
CA PHE B 38 -1.60 -6.23 -49.01
C PHE B 38 -2.08 -7.14 -47.87
N TRP B 39 -3.31 -6.95 -47.44
CA TRP B 39 -3.85 -7.70 -46.32
C TRP B 39 -4.25 -9.11 -46.75
N GLY B 40 -4.53 -9.28 -48.04
CA GLY B 40 -4.77 -10.62 -48.56
C GLY B 40 -3.51 -11.46 -48.39
N GLU B 41 -2.35 -10.86 -48.62
CA GLU B 41 -1.11 -11.60 -48.41
C GLU B 41 -0.69 -11.67 -46.94
N GLN B 42 -0.82 -10.56 -46.21
CA GLN B 42 -0.37 -10.54 -44.83
C GLN B 42 -1.24 -11.40 -43.92
N GLY B 43 -2.48 -11.65 -44.32
CA GLY B 43 -3.41 -12.45 -43.55
C GLY B 43 -2.97 -13.89 -43.38
N LYS B 44 -2.03 -14.30 -44.24
CA LYS B 44 -1.47 -15.66 -44.17
C LYS B 44 -0.54 -15.86 -42.97
N ILE B 45 -0.33 -14.81 -42.18
CA ILE B 45 0.40 -14.97 -40.92
C ILE B 45 -0.38 -15.93 -39.98
N LEU B 46 -1.68 -16.06 -40.22
CA LEU B 46 -2.49 -17.01 -39.47
C LEU B 46 -2.76 -18.25 -40.29
N ASP B 47 -3.08 -19.34 -39.59
CA ASP B 47 -3.67 -20.53 -40.21
C ASP B 47 -5.16 -20.28 -40.38
N TRP B 48 -5.66 -20.49 -41.59
CA TRP B 48 -7.09 -20.40 -41.82
C TRP B 48 -7.61 -21.81 -42.06
N ILE B 49 -8.85 -22.06 -41.66
CA ILE B 49 -9.46 -23.37 -41.91
C ILE B 49 -10.06 -23.33 -43.32
N THR B 50 -11.13 -22.55 -43.52
CA THR B 50 -11.49 -22.15 -44.87
C THR B 50 -10.79 -20.85 -45.22
N PRO B 51 -9.93 -20.86 -46.24
CA PRO B 51 -9.22 -19.64 -46.63
C PRO B 51 -10.19 -18.56 -47.11
N TYR B 52 -9.93 -17.30 -46.73
CA TYR B 52 -10.74 -16.21 -47.22
C TYR B 52 -10.49 -15.95 -48.70
N GLN B 53 -11.43 -15.26 -49.32
CA GLN B 53 -11.27 -14.76 -50.68
C GLN B 53 -11.43 -13.24 -50.65
N LYS B 54 -12.58 -12.77 -50.19
CA LYS B 54 -12.78 -11.35 -49.97
C LYS B 54 -11.89 -10.87 -48.82
N VAL B 55 -11.38 -9.66 -48.94
CA VAL B 55 -10.52 -9.10 -47.91
C VAL B 55 -11.19 -7.88 -47.27
N LYS B 56 -11.07 -6.70 -47.88
CA LYS B 56 -11.63 -5.50 -47.26
C LYS B 56 -13.07 -5.21 -47.71
N ASN B 57 -13.97 -5.05 -46.74
CA ASN B 57 -15.34 -4.68 -47.07
C ASN B 57 -15.92 -3.75 -46.00
N THR B 58 -15.60 -2.46 -46.13
CA THR B 58 -15.86 -1.50 -45.06
C THR B 58 -16.48 -0.18 -45.57
N SER B 59 -17.16 0.52 -44.67
CA SER B 59 -17.82 1.78 -44.95
C SER B 59 -17.91 2.58 -43.65
N PHE B 60 -17.54 3.86 -43.71
CA PHE B 60 -17.64 4.78 -42.58
C PHE B 60 -18.81 5.77 -42.77
N ALA B 61 -19.74 5.45 -43.66
CA ALA B 61 -20.71 6.48 -44.09
C ALA B 61 -21.70 6.78 -42.97
N PRO B 62 -22.17 8.04 -42.90
CA PRO B 62 -23.23 8.33 -41.93
C PRO B 62 -24.45 7.45 -42.25
N GLY B 63 -24.96 6.73 -41.26
CA GLY B 63 -26.05 5.79 -41.48
C GLY B 63 -25.67 4.52 -42.23
N ASN B 64 -24.36 4.29 -42.35
CA ASN B 64 -23.82 3.13 -43.06
C ASN B 64 -22.40 2.87 -42.58
N VAL B 65 -22.24 2.66 -41.28
CA VAL B 65 -20.96 2.21 -40.75
C VAL B 65 -21.01 0.70 -40.68
N SER B 66 -20.18 0.07 -41.51
CA SER B 66 -20.15 -1.39 -41.61
C SER B 66 -18.71 -1.80 -41.84
N ILE B 67 -18.21 -2.73 -41.04
CA ILE B 67 -16.80 -3.07 -41.09
C ILE B 67 -16.60 -4.58 -41.13
N LYS B 68 -16.13 -5.09 -42.27
CA LYS B 68 -15.88 -6.52 -42.44
C LYS B 68 -14.53 -6.75 -43.07
N TRP B 69 -13.79 -7.71 -42.53
CA TRP B 69 -12.50 -8.10 -43.06
C TRP B 69 -12.41 -9.62 -43.15
N TYR B 70 -11.94 -10.14 -44.29
CA TYR B 70 -11.74 -11.59 -44.44
C TYR B 70 -13.03 -12.37 -44.20
N GLU B 71 -14.16 -11.77 -44.55
CA GLU B 71 -15.46 -12.22 -44.06
C GLU B 71 -15.82 -13.65 -44.48
N ASP B 72 -15.30 -14.10 -45.62
CA ASP B 72 -15.64 -15.45 -46.09
C ASP B 72 -14.62 -16.51 -45.67
N GLY B 73 -13.75 -16.18 -44.72
CA GLY B 73 -12.84 -17.15 -44.17
C GLY B 73 -13.26 -17.67 -42.80
N THR B 74 -12.68 -18.79 -42.39
CA THR B 74 -12.90 -19.33 -41.06
C THR B 74 -11.56 -19.66 -40.41
N LEU B 75 -11.54 -19.61 -39.08
CA LEU B 75 -10.31 -19.82 -38.33
C LEU B 75 -10.64 -20.11 -36.87
N ASN B 76 -9.63 -20.49 -36.10
CA ASN B 76 -9.80 -20.61 -34.66
C ASN B 76 -8.62 -19.91 -33.98
N LEU B 77 -8.92 -18.94 -33.13
CA LEU B 77 -7.85 -18.19 -32.48
C LEU B 77 -6.98 -19.08 -31.61
N ALA B 78 -7.62 -19.97 -30.83
CA ALA B 78 -6.86 -20.84 -29.94
C ALA B 78 -5.94 -21.78 -30.74
N ALA B 79 -6.39 -22.24 -31.90
CA ALA B 79 -5.52 -23.09 -32.73
C ALA B 79 -4.30 -22.29 -33.22
N ASN B 80 -4.52 -21.03 -33.54
CA ASN B 80 -3.40 -20.17 -33.97
C ASN B 80 -2.45 -19.82 -32.84
N CYS B 81 -2.97 -19.75 -31.61
CA CYS B 81 -2.14 -19.38 -30.47
C CYS B 81 -1.50 -20.59 -29.78
N LEU B 82 -2.00 -21.78 -30.10
CA LEU B 82 -1.57 -22.97 -29.36
C LEU B 82 -1.28 -24.18 -30.26
N ASP B 83 -2.33 -24.76 -30.81
CA ASP B 83 -2.22 -26.02 -31.56
C ASP B 83 -1.15 -26.05 -32.65
N ARG B 84 -1.13 -25.00 -33.49
CA ARG B 84 -0.23 -24.98 -34.64
C ARG B 84 1.24 -24.91 -34.27
N HIS B 85 1.51 -24.55 -33.02
CA HIS B 85 2.88 -24.50 -32.54
C HIS B 85 3.36 -25.81 -31.93
N LEU B 86 2.49 -26.81 -31.81
CA LEU B 86 2.85 -27.99 -31.03
C LEU B 86 3.88 -28.92 -31.70
N GLN B 87 3.72 -29.14 -33.00
CA GLN B 87 4.57 -30.11 -33.70
C GLN B 87 6.05 -29.71 -33.66
N GLU B 88 6.34 -28.45 -33.99
CA GLU B 88 7.70 -27.93 -33.98
C GLU B 88 8.12 -27.42 -32.61
N ASN B 89 7.21 -26.76 -31.89
CA ASN B 89 7.62 -26.02 -30.69
C ASN B 89 6.83 -26.30 -29.42
N GLY B 90 6.26 -27.49 -29.28
CA GLY B 90 5.49 -27.85 -28.10
C GLY B 90 6.22 -27.68 -26.78
N ASP B 91 7.53 -27.90 -26.80
CA ASP B 91 8.33 -27.76 -25.58
C ASP B 91 8.87 -26.35 -25.36
N ARG B 92 8.69 -25.46 -26.33
CA ARG B 92 9.04 -24.06 -26.13
C ARG B 92 8.16 -23.47 -25.02
N THR B 93 8.73 -22.59 -24.20
CA THR B 93 7.92 -21.89 -23.20
C THR B 93 6.98 -20.90 -23.87
N ALA B 94 5.69 -21.05 -23.63
CA ALA B 94 4.68 -20.10 -24.05
C ALA B 94 4.57 -18.94 -23.07
N ILE B 95 4.42 -19.25 -21.78
CA ILE B 95 4.28 -18.21 -20.76
C ILE B 95 5.30 -18.40 -19.65
N ILE B 96 6.10 -17.37 -19.41
CA ILE B 96 6.86 -17.33 -18.17
C ILE B 96 6.02 -16.57 -17.15
N TRP B 97 5.69 -17.18 -16.02
CA TRP B 97 4.95 -16.46 -14.97
C TRP B 97 5.88 -16.12 -13.84
N GLU B 98 5.99 -14.82 -13.53
CA GLU B 98 6.76 -14.33 -12.41
C GLU B 98 5.83 -13.86 -11.29
N GLY B 99 5.96 -14.47 -10.11
CA GLY B 99 5.08 -14.11 -9.01
C GLY B 99 5.38 -12.78 -8.35
N ASP B 100 4.41 -12.27 -7.61
CA ASP B 100 4.57 -11.07 -6.78
C ASP B 100 5.76 -11.30 -5.85
N ASP B 101 5.77 -12.47 -5.22
CA ASP B 101 6.91 -12.94 -4.45
C ASP B 101 7.95 -13.52 -5.41
N THR B 102 9.17 -13.03 -5.35
CA THR B 102 10.15 -13.40 -6.36
C THR B 102 10.64 -14.84 -6.26
N SER B 103 10.30 -15.52 -5.16
CA SER B 103 10.58 -16.94 -5.03
C SER B 103 9.63 -17.80 -5.87
N GLN B 104 8.60 -17.17 -6.41
CA GLN B 104 7.55 -17.90 -7.11
C GLN B 104 7.58 -17.62 -8.60
N SER B 105 7.66 -18.68 -9.39
CA SER B 105 7.64 -18.55 -10.85
C SER B 105 7.26 -19.89 -11.50
N LYS B 106 6.86 -19.80 -12.77
CA LYS B 106 6.47 -20.97 -13.55
C LYS B 106 6.96 -20.79 -14.98
N HIS B 107 7.29 -21.90 -15.62
CA HIS B 107 7.49 -21.93 -17.06
C HIS B 107 6.45 -22.86 -17.65
N ILE B 108 5.59 -22.33 -18.51
CA ILE B 108 4.51 -23.14 -19.09
C ILE B 108 4.73 -23.30 -20.58
N SER B 109 4.97 -24.54 -21.02
CA SER B 109 5.28 -24.79 -22.43
C SER B 109 4.03 -24.66 -23.29
N TYR B 110 4.20 -24.57 -24.59
CA TYR B 110 3.04 -24.52 -25.49
C TYR B 110 2.18 -25.76 -25.30
N ARG B 111 2.82 -26.91 -25.10
CA ARG B 111 2.10 -28.17 -24.90
CA ARG B 111 2.08 -28.16 -24.90
C ARG B 111 1.27 -28.13 -23.61
N GLU B 112 1.88 -27.65 -22.53
CA GLU B 112 1.18 -27.57 -21.24
C GLU B 112 -0.03 -26.60 -21.34
N LEU B 113 0.20 -25.45 -21.96
CA LEU B 113 -0.85 -24.45 -22.08
C LEU B 113 -2.00 -24.96 -22.96
N HIS B 114 -1.65 -25.60 -24.06
CA HIS B 114 -2.63 -26.24 -24.93
C HIS B 114 -3.47 -27.24 -24.14
N ARG B 115 -2.80 -28.11 -23.38
CA ARG B 115 -3.53 -29.09 -22.58
C ARG B 115 -4.51 -28.46 -21.60
N ASP B 116 -4.07 -27.45 -20.87
CA ASP B 116 -4.99 -26.84 -19.90
C ASP B 116 -6.11 -26.07 -20.58
N VAL B 117 -5.82 -25.45 -21.73
CA VAL B 117 -6.87 -24.79 -22.49
C VAL B 117 -7.91 -25.79 -23.01
N CYS B 118 -7.46 -26.97 -23.41
CA CYS B 118 -8.42 -28.01 -23.82
C CYS B 118 -9.28 -28.46 -22.63
N ARG B 119 -8.62 -28.71 -21.50
CA ARG B 119 -9.37 -29.10 -20.32
C ARG B 119 -10.40 -28.02 -19.96
N PHE B 120 -10.02 -26.77 -20.01
CA PHE B 120 -10.94 -25.72 -19.57
C PHE B 120 -12.02 -25.44 -20.62
N ALA B 121 -11.71 -25.67 -21.91
CA ALA B 121 -12.72 -25.56 -22.96
C ALA B 121 -13.80 -26.60 -22.70
N ASN B 122 -13.35 -27.83 -22.44
CA ASN B 122 -14.30 -28.88 -22.08
C ASN B 122 -15.07 -28.56 -20.80
N THR B 123 -14.41 -27.94 -19.83
CA THR B 123 -15.05 -27.49 -18.59
C THR B 123 -16.18 -26.54 -18.93
N LEU B 124 -15.90 -25.56 -19.79
CA LEU B 124 -16.90 -24.57 -20.15
C LEU B 124 -18.09 -25.23 -20.86
N LEU B 125 -17.78 -26.13 -21.79
CA LEU B 125 -18.84 -26.79 -22.55
C LEU B 125 -19.72 -27.64 -21.66
N ASP B 126 -19.12 -28.33 -20.70
CA ASP B 126 -19.87 -29.21 -19.81
C ASP B 126 -20.75 -28.42 -18.83
N LEU B 127 -20.44 -27.14 -18.64
CA LEU B 127 -21.21 -26.26 -17.78
C LEU B 127 -22.35 -25.60 -18.54
N GLY B 128 -22.39 -25.83 -19.84
CA GLY B 128 -23.48 -25.32 -20.65
C GLY B 128 -23.17 -24.03 -21.38
N ILE B 129 -21.92 -23.61 -21.36
CA ILE B 129 -21.53 -22.42 -22.10
C ILE B 129 -21.47 -22.76 -23.59
N LYS B 130 -22.06 -21.89 -24.41
CA LYS B 130 -22.16 -22.11 -25.85
C LYS B 130 -21.50 -20.99 -26.63
N LYS B 131 -21.17 -21.28 -27.90
CA LYS B 131 -20.70 -20.24 -28.80
C LYS B 131 -21.62 -19.02 -28.70
N GLY B 132 -21.02 -17.85 -28.55
CA GLY B 132 -21.79 -16.61 -28.45
C GLY B 132 -22.13 -16.14 -27.04
N ASP B 133 -22.05 -17.04 -26.05
CA ASP B 133 -22.29 -16.65 -24.65
C ASP B 133 -21.16 -15.76 -24.16
N VAL B 134 -21.51 -14.76 -23.35
CA VAL B 134 -20.49 -13.91 -22.76
C VAL B 134 -20.05 -14.51 -21.43
N VAL B 135 -18.74 -14.56 -21.25
CA VAL B 135 -18.14 -15.06 -20.02
C VAL B 135 -17.34 -13.93 -19.40
N ALA B 136 -17.69 -13.55 -18.17
CA ALA B 136 -16.97 -12.50 -17.46
C ALA B 136 -15.74 -13.07 -16.77
N ILE B 137 -14.61 -12.37 -16.91
CA ILE B 137 -13.36 -12.83 -16.33
C ILE B 137 -12.82 -11.72 -15.42
N TYR B 138 -12.72 -12.02 -14.13
CA TYR B 138 -12.33 -11.01 -13.13
C TYR B 138 -11.19 -11.61 -12.34
N MET B 139 -9.98 -11.49 -12.90
CA MET B 139 -8.85 -12.30 -12.49
C MET B 139 -7.59 -11.49 -12.23
N PRO B 140 -6.72 -11.99 -11.35
CA PRO B 140 -5.40 -11.40 -11.18
C PRO B 140 -4.48 -11.85 -12.31
N MET B 141 -3.24 -11.36 -12.33
CA MET B 141 -2.25 -11.78 -13.34
C MET B 141 -1.62 -13.11 -13.01
N VAL B 142 -2.40 -14.17 -13.22
CA VAL B 142 -1.95 -15.54 -13.08
C VAL B 142 -2.30 -16.28 -14.37
N PRO B 143 -1.54 -17.34 -14.71
CA PRO B 143 -1.71 -18.05 -15.98
C PRO B 143 -3.15 -18.50 -16.26
N GLU B 144 -3.90 -18.81 -15.22
CA GLU B 144 -5.28 -19.24 -15.38
C GLU B 144 -6.14 -18.17 -16.06
N ALA B 145 -5.76 -16.90 -15.95
CA ALA B 145 -6.49 -15.86 -16.69
C ALA B 145 -6.37 -16.06 -18.19
N ALA B 146 -5.15 -16.36 -18.62
CA ALA B 146 -4.87 -16.63 -20.04
C ALA B 146 -5.56 -17.91 -20.46
N VAL B 147 -5.51 -18.92 -19.60
CA VAL B 147 -6.22 -20.18 -19.90
C VAL B 147 -7.71 -19.92 -20.15
N ALA B 148 -8.33 -19.14 -19.26
CA ALA B 148 -9.76 -18.83 -19.40
C ALA B 148 -10.05 -18.08 -20.71
N MET B 149 -9.24 -17.07 -20.99
CA MET B 149 -9.46 -16.30 -22.21
C MET B 149 -9.35 -17.17 -23.47
N LEU B 150 -8.28 -17.95 -23.51
CA LEU B 150 -8.00 -18.81 -24.66
C LEU B 150 -9.07 -19.89 -24.84
N ALA B 151 -9.61 -20.41 -23.73
CA ALA B 151 -10.64 -21.44 -23.82
C ALA B 151 -11.96 -20.87 -24.32
N CYS B 152 -12.30 -19.67 -23.82
CA CYS B 152 -13.45 -18.94 -24.34
C CYS B 152 -13.31 -18.79 -25.85
N ALA B 153 -12.15 -18.28 -26.29
CA ALA B 153 -11.93 -18.09 -27.72
C ALA B 153 -12.03 -19.41 -28.48
N ARG B 154 -11.50 -20.47 -27.90
CA ARG B 154 -11.47 -21.78 -28.56
C ARG B 154 -12.88 -22.25 -28.89
N ILE B 155 -13.82 -22.04 -27.95
CA ILE B 155 -15.19 -22.52 -28.24
C ILE B 155 -16.15 -21.45 -28.81
N GLY B 156 -15.63 -20.27 -29.11
CA GLY B 156 -16.47 -19.21 -29.65
C GLY B 156 -17.33 -18.50 -28.63
N ALA B 157 -17.08 -18.73 -27.34
CA ALA B 157 -17.67 -17.87 -26.31
C ALA B 157 -17.03 -16.50 -26.43
N VAL B 158 -17.67 -15.51 -25.85
CA VAL B 158 -17.20 -14.13 -25.97
C VAL B 158 -16.72 -13.68 -24.60
N HIS B 159 -15.41 -13.58 -24.36
CA HIS B 159 -15.03 -13.17 -23.02
C HIS B 159 -15.12 -11.65 -22.86
N SER B 160 -15.39 -11.26 -21.62
CA SER B 160 -15.38 -9.86 -21.21
C SER B 160 -14.54 -9.81 -19.95
N VAL B 161 -13.27 -9.42 -20.13
CA VAL B 161 -12.34 -9.36 -19.02
C VAL B 161 -12.59 -8.04 -18.27
N ILE B 162 -12.80 -8.15 -16.96
CA ILE B 162 -13.00 -7.01 -16.08
C ILE B 162 -11.77 -6.79 -15.18
N PHE B 163 -11.12 -5.65 -15.34
CA PHE B 163 -9.95 -5.29 -14.54
C PHE B 163 -10.24 -5.51 -13.04
N GLY B 164 -9.31 -6.20 -12.38
CA GLY B 164 -9.51 -6.64 -11.00
C GLY B 164 -9.65 -5.51 -10.01
N GLY B 165 -9.26 -4.32 -10.43
CA GLY B 165 -9.37 -3.14 -9.60
C GLY B 165 -10.74 -2.48 -9.59
N PHE B 166 -11.68 -3.00 -10.38
CA PHE B 166 -13.04 -2.44 -10.38
C PHE B 166 -13.85 -2.86 -9.16
N SER B 167 -14.71 -1.96 -8.69
CA SER B 167 -15.58 -2.19 -7.54
C SER B 167 -16.73 -3.15 -7.85
N PRO B 168 -17.35 -3.73 -6.81
CA PRO B 168 -18.54 -4.55 -7.07
C PRO B 168 -19.58 -3.88 -7.95
N GLU B 169 -19.80 -2.58 -7.77
CA GLU B 169 -20.78 -1.85 -8.59
C GLU B 169 -20.39 -1.83 -10.08
N ALA B 170 -19.10 -1.62 -10.34
CA ALA B 170 -18.57 -1.59 -11.71
C ALA B 170 -18.67 -2.98 -12.38
N VAL B 171 -18.36 -4.00 -11.57
CA VAL B 171 -18.45 -5.39 -12.00
C VAL B 171 -19.90 -5.74 -12.36
N ALA B 172 -20.82 -5.37 -11.47
CA ALA B 172 -22.23 -5.60 -11.70
C ALA B 172 -22.69 -4.91 -12.98
N GLY B 173 -22.28 -3.66 -13.18
CA GLY B 173 -22.70 -2.93 -14.38
C GLY B 173 -22.30 -3.64 -15.66
N ARG B 174 -21.04 -4.09 -15.68
CA ARG B 174 -20.57 -4.82 -16.87
C ARG B 174 -21.29 -6.17 -17.08
N ILE B 175 -21.52 -6.89 -15.97
CA ILE B 175 -22.25 -8.16 -16.05
C ILE B 175 -23.69 -7.98 -16.58
N ILE B 176 -24.35 -6.93 -16.10
CA ILE B 176 -25.70 -6.62 -16.52
C ILE B 176 -25.75 -6.26 -18.00
N ASP B 177 -24.87 -5.34 -18.43
CA ASP B 177 -24.92 -4.95 -19.84
C ASP B 177 -24.59 -6.11 -20.77
N SER B 178 -23.67 -6.98 -20.37
CA SER B 178 -23.24 -8.07 -21.26
C SER B 178 -24.06 -9.36 -21.12
N SER B 179 -24.98 -9.39 -20.16
CA SER B 179 -25.65 -10.62 -19.76
C SER B 179 -24.68 -11.79 -19.61
N SER B 180 -23.58 -11.57 -18.89
CA SER B 180 -22.59 -12.62 -18.68
C SER B 180 -23.21 -13.82 -18.01
N ARG B 181 -22.93 -15.01 -18.54
CA ARG B 181 -23.54 -16.25 -18.05
C ARG B 181 -22.70 -16.93 -16.97
N LEU B 182 -21.46 -16.48 -16.83
CA LEU B 182 -20.48 -17.16 -15.99
C LEU B 182 -19.48 -16.11 -15.55
N VAL B 183 -19.03 -16.17 -14.30
CA VAL B 183 -17.93 -15.31 -13.86
C VAL B 183 -16.78 -16.21 -13.46
N ILE B 184 -15.59 -15.90 -13.95
CA ILE B 184 -14.39 -16.63 -13.59
C ILE B 184 -13.52 -15.68 -12.77
N THR B 185 -13.17 -16.09 -11.56
CA THR B 185 -12.45 -15.20 -10.65
C THR B 185 -11.53 -16.01 -9.72
N ALA B 186 -10.94 -15.33 -8.75
CA ALA B 186 -10.08 -16.00 -7.77
C ALA B 186 -10.54 -15.61 -6.38
N ASP B 187 -10.14 -16.35 -5.35
CA ASP B 187 -10.51 -15.93 -4.01
C ASP B 187 -9.90 -14.56 -3.72
N GLU B 188 -8.59 -14.43 -3.96
CA GLU B 188 -7.89 -13.14 -3.80
C GLU B 188 -6.78 -12.98 -4.82
N GLY B 189 -6.44 -11.73 -5.13
CA GLY B 189 -5.23 -11.42 -5.88
C GLY B 189 -4.08 -11.12 -4.92
N VAL B 190 -2.85 -11.30 -5.39
CA VAL B 190 -1.65 -11.02 -4.62
C VAL B 190 -0.85 -9.95 -5.35
N ARG B 191 -0.62 -8.82 -4.70
CA ARG B 191 -0.03 -7.68 -5.39
C ARG B 191 0.72 -6.77 -4.43
N ALA B 192 2.02 -6.60 -4.67
CA ALA B 192 2.87 -5.77 -3.82
C ALA B 192 2.78 -6.23 -2.35
N GLY B 193 2.65 -7.54 -2.17
CA GLY B 193 2.58 -8.11 -0.84
C GLY B 193 1.19 -8.14 -0.23
N ARG B 194 0.25 -7.40 -0.81
CA ARG B 194 -1.08 -7.28 -0.25
C ARG B 194 -2.09 -8.21 -0.95
N SER B 195 -3.21 -8.49 -0.30
CA SER B 195 -4.28 -9.27 -0.93
C SER B 195 -5.39 -8.37 -1.45
N ILE B 196 -6.03 -8.79 -2.54
CA ILE B 196 -7.15 -8.06 -3.14
C ILE B 196 -8.38 -8.97 -3.18
N PRO B 197 -9.51 -8.56 -2.57
CA PRO B 197 -10.67 -9.45 -2.34
C PRO B 197 -11.59 -9.73 -3.55
N LEU B 198 -11.09 -10.40 -4.57
CA LEU B 198 -11.84 -10.57 -5.81
C LEU B 198 -13.19 -11.31 -5.65
N LYS B 199 -13.15 -12.50 -5.06
CA LYS B 199 -14.38 -13.28 -4.95
C LYS B 199 -15.44 -12.54 -4.13
N LYS B 200 -15.04 -11.89 -3.05
CA LYS B 200 -15.98 -11.13 -2.24
C LYS B 200 -16.65 -10.04 -3.06
N ASN B 201 -15.87 -9.42 -3.95
CA ASN B 201 -16.42 -8.38 -4.82
C ASN B 201 -17.44 -8.95 -5.79
N VAL B 202 -17.17 -10.15 -6.31
CA VAL B 202 -18.14 -10.81 -7.15
C VAL B 202 -19.43 -11.14 -6.39
N ASP B 203 -19.30 -11.70 -5.18
CA ASP B 203 -20.45 -11.94 -4.33
C ASP B 203 -21.28 -10.69 -4.19
N ASP B 204 -20.62 -9.57 -3.88
CA ASP B 204 -21.35 -8.33 -3.69
C ASP B 204 -22.02 -7.87 -4.97
N ALA B 205 -21.32 -8.04 -6.10
CA ALA B 205 -21.88 -7.68 -7.40
C ALA B 205 -23.15 -8.48 -7.72
N LEU B 206 -23.15 -9.77 -7.42
CA LEU B 206 -24.26 -10.65 -7.80
C LEU B 206 -25.48 -10.44 -6.91
N LYS B 207 -25.31 -9.71 -5.80
CA LYS B 207 -26.42 -9.35 -4.94
C LYS B 207 -27.32 -8.29 -5.58
N ASN B 208 -26.76 -7.56 -6.54
CA ASN B 208 -27.53 -6.59 -7.31
C ASN B 208 -28.73 -7.30 -7.93
N PRO B 209 -29.95 -6.80 -7.65
CA PRO B 209 -31.15 -7.51 -8.12
C PRO B 209 -31.25 -7.57 -9.64
N ASN B 210 -30.61 -6.63 -10.33
CA ASN B 210 -30.59 -6.61 -11.78
C ASN B 210 -29.61 -7.62 -12.41
N VAL B 211 -28.74 -8.18 -11.60
CA VAL B 211 -27.84 -9.23 -12.08
C VAL B 211 -28.57 -10.56 -12.03
N THR B 212 -29.02 -11.03 -13.20
CA THR B 212 -29.79 -12.26 -13.27
C THR B 212 -29.20 -13.31 -14.22
N SER B 213 -28.15 -12.96 -14.96
CA SER B 213 -27.69 -13.85 -16.03
C SER B 213 -26.61 -14.86 -15.60
N VAL B 214 -26.01 -14.65 -14.42
CA VAL B 214 -24.90 -15.50 -14.01
C VAL B 214 -25.38 -16.82 -13.39
N GLU B 215 -25.02 -17.92 -14.02
CA GLU B 215 -25.45 -19.25 -13.58
C GLU B 215 -24.41 -19.95 -12.71
N HIS B 216 -23.14 -19.60 -12.89
CA HIS B 216 -22.07 -20.16 -12.07
C HIS B 216 -20.98 -19.15 -11.83
N VAL B 217 -20.22 -19.35 -10.78
CA VAL B 217 -18.97 -18.63 -10.57
C VAL B 217 -17.87 -19.66 -10.37
N ILE B 218 -16.85 -19.61 -11.22
CA ILE B 218 -15.68 -20.47 -11.07
C ILE B 218 -14.61 -19.69 -10.32
N VAL B 219 -14.12 -20.28 -9.24
CA VAL B 219 -13.16 -19.64 -8.36
C VAL B 219 -11.82 -20.40 -8.34
N LEU B 220 -10.76 -19.68 -8.68
CA LEU B 220 -9.40 -20.19 -8.53
C LEU B 220 -8.91 -19.97 -7.09
N LYS B 221 -8.39 -21.02 -6.46
CA LYS B 221 -7.78 -20.83 -5.16
C LYS B 221 -6.37 -20.30 -5.35
N ARG B 222 -6.22 -18.98 -5.18
CA ARG B 222 -4.92 -18.32 -5.29
C ARG B 222 -4.26 -18.14 -3.92
N THR B 223 -5.06 -17.82 -2.91
CA THR B 223 -4.53 -17.58 -1.56
C THR B 223 -5.15 -18.45 -0.48
N GLY B 224 -6.28 -19.09 -0.77
CA GLY B 224 -6.95 -19.94 0.21
C GLY B 224 -7.50 -19.19 1.41
N SER B 225 -7.80 -17.91 1.21
CA SER B 225 -8.36 -17.09 2.28
C SER B 225 -9.81 -17.49 2.57
N ASP B 226 -10.32 -17.05 3.70
CA ASP B 226 -11.70 -17.33 4.07
C ASP B 226 -12.67 -16.58 3.15
N ILE B 227 -13.42 -17.33 2.35
CA ILE B 227 -14.43 -16.71 1.50
C ILE B 227 -15.79 -17.35 1.74
N ASP B 228 -16.84 -16.58 1.46
CA ASP B 228 -18.18 -17.10 1.47
C ASP B 228 -18.36 -17.99 0.24
N TRP B 229 -19.25 -18.98 0.36
CA TRP B 229 -19.41 -19.97 -0.69
C TRP B 229 -20.88 -20.31 -0.84
N GLN B 230 -21.40 -20.15 -2.04
CA GLN B 230 -22.80 -20.43 -2.28
C GLN B 230 -23.02 -21.74 -3.03
N GLU B 231 -23.72 -22.65 -2.35
CA GLU B 231 -24.14 -23.94 -2.90
C GLU B 231 -24.75 -23.83 -4.29
N GLY B 232 -24.35 -24.71 -5.19
CA GLY B 232 -24.94 -24.76 -6.53
C GLY B 232 -24.33 -23.81 -7.55
N ARG B 233 -23.91 -22.63 -7.11
CA ARG B 233 -23.38 -21.59 -7.99
C ARG B 233 -21.85 -21.62 -8.10
N ASP B 234 -21.20 -21.63 -6.94
CA ASP B 234 -19.74 -21.53 -6.90
C ASP B 234 -19.09 -22.91 -7.11
N LEU B 235 -18.00 -22.90 -7.88
CA LEU B 235 -17.24 -24.10 -8.22
C LEU B 235 -15.75 -23.81 -8.19
N TRP B 236 -14.93 -24.72 -7.66
CA TRP B 236 -13.50 -24.52 -7.64
C TRP B 236 -12.86 -24.83 -9.00
N TRP B 237 -12.00 -23.92 -9.45
CA TRP B 237 -11.23 -24.13 -10.68
C TRP B 237 -10.54 -25.49 -10.74
N ARG B 238 -9.79 -25.84 -9.69
CA ARG B 238 -9.01 -27.07 -9.69
C ARG B 238 -9.88 -28.32 -9.87
N ASP B 239 -10.97 -28.39 -9.11
CA ASP B 239 -11.90 -29.52 -9.19
C ASP B 239 -12.33 -29.75 -10.63
N LEU B 240 -12.89 -28.68 -11.22
CA LEU B 240 -13.40 -28.69 -12.57
C LEU B 240 -12.35 -29.09 -13.60
N ILE B 241 -11.20 -28.44 -13.56
CA ILE B 241 -10.25 -28.64 -14.66
C ILE B 241 -9.61 -30.01 -14.52
N GLU B 242 -9.50 -30.50 -13.29
CA GLU B 242 -8.90 -31.81 -13.11
C GLU B 242 -9.88 -32.90 -13.49
N LYS B 243 -11.19 -32.65 -13.46
CA LYS B 243 -12.08 -33.71 -13.95
C LYS B 243 -12.26 -33.70 -15.48
N ALA B 244 -11.72 -32.69 -16.15
CA ALA B 244 -12.02 -32.49 -17.56
C ALA B 244 -11.07 -33.25 -18.50
N SER B 245 -11.59 -33.65 -19.66
CA SER B 245 -10.75 -34.25 -20.71
C SER B 245 -9.77 -33.24 -21.28
N PRO B 246 -8.51 -33.65 -21.46
CA PRO B 246 -7.45 -32.82 -22.07
C PRO B 246 -7.51 -32.85 -23.59
N GLU B 247 -8.50 -33.57 -24.14
CA GLU B 247 -8.67 -33.64 -25.57
C GLU B 247 -9.81 -32.74 -26.00
N HIS B 248 -9.52 -31.77 -26.87
CA HIS B 248 -10.59 -30.95 -27.42
C HIS B 248 -10.27 -30.55 -28.84
N GLN B 249 -11.20 -30.82 -29.76
CA GLN B 249 -11.02 -30.44 -31.16
C GLN B 249 -11.54 -29.03 -31.42
N PRO B 250 -10.69 -28.15 -31.94
CA PRO B 250 -11.20 -26.80 -32.16
C PRO B 250 -12.15 -26.74 -33.35
N GLU B 251 -13.27 -26.07 -33.16
CA GLU B 251 -14.22 -25.79 -34.24
C GLU B 251 -13.85 -24.52 -35.01
N ALA B 252 -14.22 -24.49 -36.29
CA ALA B 252 -14.00 -23.30 -37.12
C ALA B 252 -14.96 -22.17 -36.78
N MET B 253 -14.40 -20.96 -36.64
CA MET B 253 -15.20 -19.77 -36.41
C MET B 253 -15.14 -18.86 -37.63
N ASN B 254 -16.22 -18.14 -37.89
CA ASN B 254 -16.21 -17.14 -38.96
C ASN B 254 -15.30 -15.99 -38.59
N ALA B 255 -14.68 -15.38 -39.59
CA ALA B 255 -13.80 -14.24 -39.35
C ALA B 255 -14.49 -13.15 -38.54
N GLU B 256 -15.79 -12.96 -38.78
CA GLU B 256 -16.52 -11.91 -38.09
C GLU B 256 -17.34 -12.40 -36.89
N ASP B 257 -17.08 -13.62 -36.41
CA ASP B 257 -17.66 -14.02 -35.14
C ASP B 257 -17.07 -13.14 -34.04
N PRO B 258 -17.91 -12.70 -33.10
CA PRO B 258 -17.37 -11.91 -31.97
C PRO B 258 -16.37 -12.71 -31.14
N LEU B 259 -15.30 -12.04 -30.74
CA LEU B 259 -14.23 -12.63 -29.98
C LEU B 259 -14.24 -12.15 -28.54
N PHE B 260 -14.29 -10.83 -28.34
CA PHE B 260 -14.39 -10.33 -26.98
C PHE B 260 -15.04 -8.97 -26.93
N ILE B 261 -15.46 -8.60 -25.74
CA ILE B 261 -16.00 -7.29 -25.41
C ILE B 261 -15.14 -6.70 -24.32
N LEU B 262 -14.74 -5.44 -24.46
CA LEU B 262 -13.96 -4.77 -23.42
C LEU B 262 -14.65 -3.46 -23.04
N TYR B 263 -15.14 -3.37 -21.81
CA TYR B 263 -15.85 -2.15 -21.41
C TYR B 263 -14.85 -1.02 -21.27
N THR B 264 -15.23 0.11 -21.87
CA THR B 264 -14.32 1.21 -22.13
C THR B 264 -15.00 2.54 -21.81
N SER B 265 -14.31 3.42 -21.11
CA SER B 265 -14.88 4.72 -20.73
C SER B 265 -14.95 5.67 -21.91
N GLY B 266 -16.00 6.47 -21.93
CA GLY B 266 -16.19 7.47 -22.97
C GLY B 266 -16.20 8.88 -22.44
N SER B 267 -16.26 9.85 -23.34
CA SER B 267 -16.27 11.27 -22.97
C SER B 267 -17.49 11.60 -22.10
N THR B 268 -18.62 11.02 -22.47
CA THR B 268 -19.85 11.11 -21.70
C THR B 268 -20.36 9.71 -21.42
N GLY B 269 -21.34 9.59 -20.51
CA GLY B 269 -21.97 8.32 -20.24
C GLY B 269 -21.13 7.31 -19.49
N LYS B 270 -21.72 6.14 -19.22
CA LYS B 270 -21.03 5.03 -18.54
C LYS B 270 -20.30 4.16 -19.58
N PRO B 271 -19.37 3.31 -19.11
CA PRO B 271 -18.57 2.51 -20.06
C PRO B 271 -19.39 1.65 -21.00
N LYS B 272 -18.91 1.55 -22.24
CA LYS B 272 -19.55 0.76 -23.28
C LYS B 272 -18.67 -0.40 -23.69
N GLY B 273 -19.31 -1.49 -24.12
CA GLY B 273 -18.58 -2.70 -24.44
C GLY B 273 -18.01 -2.69 -25.85
N VAL B 274 -16.73 -2.35 -25.96
CA VAL B 274 -16.08 -2.31 -27.27
C VAL B 274 -15.92 -3.75 -27.77
N LEU B 275 -16.46 -4.04 -28.95
CA LEU B 275 -16.50 -5.42 -29.43
C LEU B 275 -15.53 -5.64 -30.60
N HIS B 276 -14.72 -6.70 -30.46
CA HIS B 276 -13.78 -7.12 -31.50
C HIS B 276 -14.19 -8.46 -32.02
N THR B 277 -14.08 -8.65 -33.34
CA THR B 277 -14.30 -9.97 -33.90
C THR B 277 -12.97 -10.71 -34.03
N THR B 278 -12.91 -11.76 -34.85
CA THR B 278 -11.82 -12.73 -34.72
C THR B 278 -10.71 -12.62 -35.75
N GLY B 279 -11.06 -12.65 -37.02
CA GLY B 279 -10.04 -12.74 -38.07
C GLY B 279 -9.13 -11.51 -38.19
N GLY B 280 -9.73 -10.37 -38.54
CA GLY B 280 -8.99 -9.14 -38.69
C GLY B 280 -8.25 -8.77 -37.42
N TYR B 281 -8.92 -8.91 -36.28
CA TYR B 281 -8.29 -8.60 -35.00
C TYR B 281 -7.00 -9.40 -34.81
N LEU B 282 -7.04 -10.70 -35.06
CA LEU B 282 -5.89 -11.55 -34.77
C LEU B 282 -4.78 -11.37 -35.82
N VAL B 283 -5.17 -11.19 -37.08
CA VAL B 283 -4.18 -10.83 -38.11
C VAL B 283 -3.44 -9.55 -37.70
N TYR B 284 -4.21 -8.54 -37.28
CA TYR B 284 -3.62 -7.24 -36.97
C TYR B 284 -2.74 -7.32 -35.71
N ALA B 285 -3.18 -8.06 -34.68
CA ALA B 285 -2.41 -8.23 -33.45
C ALA B 285 -1.08 -8.96 -33.71
N ALA B 286 -1.17 -10.06 -34.48
CA ALA B 286 0.03 -10.81 -34.82
C ALA B 286 1.00 -9.97 -35.67
N THR B 287 0.48 -9.27 -36.67
CA THR B 287 1.31 -8.49 -37.62
C THR B 287 2.02 -7.32 -36.92
N THR B 288 1.24 -6.58 -36.12
CA THR B 288 1.83 -5.47 -35.38
C THR B 288 2.85 -5.96 -34.34
N PHE B 289 2.51 -7.01 -33.61
CA PHE B 289 3.45 -7.57 -32.64
C PHE B 289 4.76 -7.95 -33.31
N LYS B 290 4.65 -8.68 -34.42
CA LYS B 290 5.83 -9.21 -35.09
C LYS B 290 6.72 -8.10 -35.64
N TYR B 291 6.14 -7.14 -36.34
CA TYR B 291 6.98 -6.15 -36.99
C TYR B 291 7.46 -5.04 -36.05
N VAL B 292 6.62 -4.64 -35.09
CA VAL B 292 7.00 -3.53 -34.22
C VAL B 292 8.00 -3.97 -33.17
N PHE B 293 7.93 -5.21 -32.71
CA PHE B 293 8.91 -5.68 -31.73
C PHE B 293 9.99 -6.49 -32.39
N ASP B 294 9.94 -6.53 -33.73
CA ASP B 294 10.96 -7.18 -34.56
C ASP B 294 11.18 -8.61 -34.08
N TYR B 295 10.09 -9.33 -33.86
CA TYR B 295 10.15 -10.63 -33.21
C TYR B 295 10.89 -11.68 -34.04
N HIS B 296 11.91 -12.29 -33.42
CA HIS B 296 12.57 -13.47 -33.97
C HIS B 296 12.38 -14.64 -33.03
N PRO B 297 12.23 -15.85 -33.59
CA PRO B 297 12.21 -17.06 -32.76
C PRO B 297 13.30 -17.03 -31.70
N GLY B 298 12.91 -17.28 -30.45
CA GLY B 298 13.84 -17.28 -29.34
C GLY B 298 13.80 -16.03 -28.47
N ASP B 299 13.28 -14.94 -29.02
CA ASP B 299 13.17 -13.69 -28.26
C ASP B 299 12.27 -13.89 -27.05
N ILE B 300 12.67 -13.34 -25.92
CA ILE B 300 11.86 -13.37 -24.71
C ILE B 300 11.18 -12.00 -24.55
N TYR B 301 9.86 -12.00 -24.53
CA TYR B 301 9.06 -10.77 -24.60
C TYR B 301 8.28 -10.52 -23.30
N TRP B 302 8.34 -9.29 -22.78
CA TRP B 302 7.60 -8.94 -21.56
C TRP B 302 6.82 -7.64 -21.73
N CYS B 303 5.51 -7.79 -21.84
CA CYS B 303 4.57 -6.68 -21.77
C CYS B 303 4.04 -6.58 -20.35
N THR B 304 4.06 -5.38 -19.75
CA THR B 304 3.70 -5.27 -18.34
C THR B 304 2.22 -4.96 -18.09
N ALA B 305 1.46 -4.78 -19.17
CA ALA B 305 0.07 -4.38 -19.03
C ALA B 305 -0.82 -5.46 -18.45
N ASP B 306 -1.82 -5.03 -17.68
CA ASP B 306 -2.76 -5.95 -17.09
C ASP B 306 -3.66 -6.59 -18.13
N VAL B 307 -3.98 -7.85 -17.86
CA VAL B 307 -4.86 -8.64 -18.69
C VAL B 307 -6.25 -7.96 -18.86
N GLY B 308 -6.62 -7.11 -17.91
CA GLY B 308 -7.91 -6.44 -17.94
C GLY B 308 -8.04 -5.27 -18.88
N TRP B 309 -6.97 -4.96 -19.61
CA TRP B 309 -6.99 -3.84 -20.55
C TRP B 309 -6.61 -4.33 -21.95
N VAL B 310 -6.84 -3.49 -22.96
CA VAL B 310 -6.67 -3.97 -24.34
C VAL B 310 -5.22 -4.38 -24.63
N THR B 311 -4.25 -3.70 -24.01
CA THR B 311 -2.87 -4.09 -24.23
C THR B 311 -2.61 -5.49 -23.71
N GLY B 312 -3.26 -5.84 -22.60
CA GLY B 312 -3.16 -7.19 -22.07
C GLY B 312 -3.79 -8.25 -22.97
N HIS B 313 -4.77 -7.84 -23.77
CA HIS B 313 -5.36 -8.75 -24.75
C HIS B 313 -4.43 -8.93 -25.93
N SER B 314 -4.12 -7.80 -26.58
CA SER B 314 -3.42 -7.85 -27.85
C SER B 314 -1.94 -8.18 -27.75
N TYR B 315 -1.27 -7.69 -26.70
CA TYR B 315 0.19 -7.78 -26.68
C TYR B 315 0.75 -8.57 -25.51
N LEU B 316 -0.01 -8.75 -24.43
CA LEU B 316 0.37 -9.70 -23.40
CA LEU B 316 0.41 -9.71 -23.42
C LEU B 316 0.16 -11.13 -23.91
N LEU B 317 -0.98 -11.36 -24.56
CA LEU B 317 -1.36 -12.71 -24.96
C LEU B 317 -1.46 -12.98 -26.47
N TYR B 318 -2.46 -12.41 -27.14
CA TYR B 318 -2.84 -12.94 -28.46
C TYR B 318 -1.80 -12.71 -29.56
N GLY B 319 -1.25 -11.49 -29.63
CA GLY B 319 -0.17 -11.24 -30.58
C GLY B 319 1.03 -12.15 -30.41
N PRO B 320 1.60 -12.20 -29.19
CA PRO B 320 2.79 -13.04 -29.06
C PRO B 320 2.52 -14.53 -29.24
N LEU B 321 1.42 -15.05 -28.67
CA LEU B 321 1.14 -16.48 -28.79
C LEU B 321 0.81 -16.86 -30.24
N ALA B 322 0.13 -15.98 -30.98
CA ALA B 322 -0.09 -16.27 -32.40
C ALA B 322 1.25 -16.49 -33.10
N CYS B 323 2.23 -15.67 -32.75
CA CYS B 323 3.54 -15.74 -33.39
C CYS B 323 4.47 -16.81 -32.82
N GLY B 324 4.04 -17.48 -31.76
CA GLY B 324 4.83 -18.54 -31.13
C GLY B 324 5.93 -18.04 -30.21
N ALA B 325 5.78 -16.80 -29.74
CA ALA B 325 6.75 -16.20 -28.83
C ALA B 325 6.66 -16.74 -27.41
N THR B 326 7.71 -16.48 -26.63
CA THR B 326 7.65 -16.65 -25.18
C THR B 326 7.24 -15.33 -24.55
N THR B 327 6.10 -15.32 -23.85
CA THR B 327 5.59 -14.06 -23.29
C THR B 327 5.59 -14.16 -21.76
N LEU B 328 5.96 -13.07 -21.10
CA LEU B 328 6.07 -13.06 -19.64
C LEU B 328 4.86 -12.39 -19.00
N MET B 329 4.23 -13.12 -18.08
CA MET B 329 3.16 -12.55 -17.24
C MET B 329 3.69 -12.36 -15.82
N PHE B 330 3.77 -11.11 -15.39
CA PHE B 330 4.22 -10.71 -14.05
C PHE B 330 3.01 -10.42 -13.17
N GLU B 331 2.99 -11.00 -11.98
CA GLU B 331 1.84 -10.86 -11.08
C GLU B 331 1.84 -9.52 -10.34
N GLY B 332 3.01 -8.93 -10.13
CA GLY B 332 3.13 -7.80 -9.21
C GLY B 332 3.30 -6.42 -9.82
N VAL B 333 4.12 -5.60 -9.16
CA VAL B 333 4.34 -4.22 -9.57
C VAL B 333 5.84 -3.96 -9.75
N PRO B 334 6.21 -2.99 -10.61
CA PRO B 334 7.59 -2.82 -11.04
C PRO B 334 8.54 -2.40 -9.93
N ASN B 335 8.00 -1.95 -8.80
CA ASN B 335 8.84 -1.41 -7.73
C ASN B 335 8.60 -2.08 -6.38
N TRP B 336 8.10 -3.32 -6.39
CA TRP B 336 8.00 -4.07 -5.13
C TRP B 336 8.66 -5.43 -5.26
N PRO B 337 9.48 -5.82 -4.27
CA PRO B 337 9.74 -5.12 -3.00
C PRO B 337 10.55 -3.82 -3.10
N THR B 338 11.37 -3.67 -4.14
CA THR B 338 12.21 -2.47 -4.26
C THR B 338 12.08 -1.89 -5.68
N PRO B 339 12.55 -0.64 -5.88
CA PRO B 339 12.45 -0.05 -7.22
C PRO B 339 13.20 -0.80 -8.32
N ALA B 340 14.10 -1.72 -7.97
CA ALA B 340 14.87 -2.44 -8.95
C ALA B 340 14.14 -3.66 -9.50
N ARG B 341 12.96 -3.96 -8.96
CA ARG B 341 12.25 -5.19 -9.30
C ARG B 341 12.09 -5.41 -10.81
N MET B 342 11.58 -4.42 -11.53
CA MET B 342 11.39 -4.60 -12.99
C MET B 342 12.66 -5.10 -13.67
N CYS B 343 13.78 -4.43 -13.39
CA CYS B 343 15.04 -4.80 -14.03
C CYS B 343 15.58 -6.13 -13.49
N GLN B 344 15.25 -6.46 -12.24
CA GLN B 344 15.54 -7.77 -11.70
C GLN B 344 14.80 -8.89 -12.43
N VAL B 345 13.54 -8.64 -12.81
CA VAL B 345 12.77 -9.60 -13.58
C VAL B 345 13.42 -9.75 -14.96
N VAL B 346 13.82 -8.61 -15.53
CA VAL B 346 14.50 -8.61 -16.82
C VAL B 346 15.76 -9.49 -16.77
N ASP B 347 16.55 -9.35 -15.72
CA ASP B 347 17.76 -10.17 -15.60
C ASP B 347 17.43 -11.65 -15.37
N LYS B 348 16.49 -11.89 -14.46
CA LYS B 348 16.13 -13.23 -14.03
C LYS B 348 15.70 -14.06 -15.21
N HIS B 349 14.89 -13.46 -16.08
CA HIS B 349 14.33 -14.23 -17.19
C HIS B 349 14.93 -13.89 -18.55
N GLN B 350 16.00 -13.09 -18.53
CA GLN B 350 16.76 -12.73 -19.72
C GLN B 350 15.83 -12.19 -20.82
N VAL B 351 14.99 -11.25 -20.40
CA VAL B 351 14.05 -10.56 -21.28
C VAL B 351 14.77 -9.79 -22.38
N ASN B 352 14.31 -9.94 -23.62
CA ASN B 352 14.91 -9.27 -24.78
C ASN B 352 14.11 -8.07 -25.24
N ILE B 353 12.80 -8.09 -24.97
CA ILE B 353 11.89 -7.03 -25.39
C ILE B 353 11.05 -6.62 -24.20
N LEU B 354 11.10 -5.34 -23.82
CA LEU B 354 10.32 -4.85 -22.68
C LEU B 354 9.33 -3.79 -23.14
N TYR B 355 8.07 -3.99 -22.80
CA TYR B 355 7.01 -3.10 -23.26
C TYR B 355 6.22 -2.67 -22.03
N THR B 356 6.37 -1.40 -21.64
CA THR B 356 5.81 -0.97 -20.36
C THR B 356 5.24 0.45 -20.45
N ALA B 357 4.72 0.96 -19.34
CA ALA B 357 3.94 2.20 -19.37
C ALA B 357 4.73 3.41 -18.91
N PRO B 358 4.46 4.59 -19.51
CA PRO B 358 5.08 5.83 -19.03
C PRO B 358 4.85 6.07 -17.54
N THR B 359 3.71 5.70 -16.97
CA THR B 359 3.53 5.91 -15.53
C THR B 359 4.51 5.07 -14.71
N ALA B 360 4.72 3.81 -15.11
CA ALA B 360 5.69 2.98 -14.41
C ALA B 360 7.09 3.57 -14.57
N ILE B 361 7.40 3.99 -15.81
CA ILE B 361 8.68 4.59 -16.09
C ILE B 361 8.95 5.83 -15.21
N ARG B 362 7.94 6.68 -15.05
CA ARG B 362 8.11 7.88 -14.23
C ARG B 362 8.22 7.54 -12.75
N ALA B 363 7.48 6.52 -12.34
CA ALA B 363 7.58 6.01 -10.97
C ALA B 363 9.00 5.52 -10.65
N LEU B 364 9.60 4.76 -11.57
CA LEU B 364 10.99 4.33 -11.40
C LEU B 364 12.02 5.49 -11.48
N MET B 365 11.77 6.39 -12.44
CA MET B 365 12.65 7.54 -12.66
C MET B 365 12.72 8.39 -11.41
N ALA B 366 11.61 8.47 -10.68
CA ALA B 366 11.57 9.21 -9.41
C ALA B 366 12.49 8.58 -8.36
N GLU B 367 12.83 7.31 -8.54
CA GLU B 367 13.74 6.62 -7.64
C GLU B 367 15.15 6.67 -8.19
N GLY B 368 15.26 7.06 -9.45
CA GLY B 368 16.57 7.34 -10.02
C GLY B 368 17.39 6.07 -10.18
N ASP B 369 18.68 6.12 -9.84
CA ASP B 369 19.54 4.97 -10.11
C ASP B 369 19.17 3.74 -9.27
N LYS B 370 18.30 3.92 -8.27
CA LYS B 370 17.82 2.78 -7.50
C LYS B 370 16.95 1.84 -8.35
N ALA B 371 16.38 2.35 -9.44
CA ALA B 371 15.63 1.50 -10.36
C ALA B 371 16.52 0.49 -11.08
N ILE B 372 17.82 0.75 -11.17
CA ILE B 372 18.70 -0.17 -11.90
C ILE B 372 19.83 -0.74 -11.05
N GLU B 373 19.97 -0.23 -9.83
CA GLU B 373 21.04 -0.68 -8.94
C GLU B 373 21.09 -2.20 -8.82
N GLY B 374 22.27 -2.77 -9.05
CA GLY B 374 22.48 -4.20 -8.91
C GLY B 374 22.04 -5.04 -10.09
N THR B 375 21.41 -4.41 -11.08
CA THR B 375 20.94 -5.15 -12.24
C THR B 375 21.82 -4.91 -13.46
N ASP B 376 21.69 -5.80 -14.43
CA ASP B 376 22.58 -5.84 -15.57
C ASP B 376 21.93 -5.31 -16.85
N ARG B 377 20.72 -5.81 -17.14
CA ARG B 377 19.87 -5.36 -18.26
C ARG B 377 20.45 -5.64 -19.66
N SER B 378 21.52 -6.42 -19.75
CA SER B 378 22.17 -6.61 -21.06
C SER B 378 21.38 -7.46 -22.04
N SER B 379 20.40 -8.21 -21.54
CA SER B 379 19.61 -9.05 -22.44
C SER B 379 18.65 -8.22 -23.32
N LEU B 380 18.36 -6.99 -22.92
CA LEU B 380 17.39 -6.17 -23.65
C LEU B 380 17.95 -5.74 -25.00
N ARG B 381 17.10 -5.79 -26.02
CA ARG B 381 17.46 -5.27 -27.32
C ARG B 381 16.47 -4.22 -27.79
N ILE B 382 15.21 -4.36 -27.37
CA ILE B 382 14.14 -3.48 -27.84
C ILE B 382 13.25 -3.07 -26.66
N LEU B 383 12.96 -1.77 -26.56
CA LEU B 383 12.05 -1.26 -25.54
C LEU B 383 10.80 -0.70 -26.19
N GLY B 384 9.70 -0.66 -25.44
CA GLY B 384 8.47 -0.05 -25.92
C GLY B 384 7.74 0.70 -24.81
N SER B 385 6.88 1.64 -25.20
CA SER B 385 6.13 2.47 -24.28
C SER B 385 4.67 2.51 -24.71
N VAL B 386 3.75 2.28 -23.77
CA VAL B 386 2.34 2.10 -24.15
C VAL B 386 1.37 2.82 -23.25
N GLY B 387 0.29 3.34 -23.83
CA GLY B 387 -0.92 3.59 -23.06
C GLY B 387 -1.21 5.03 -22.69
N GLU B 388 -0.26 5.93 -22.95
CA GLU B 388 -0.41 7.33 -22.57
C GLU B 388 0.73 8.10 -23.21
N PRO B 389 0.61 9.43 -23.28
CA PRO B 389 1.74 10.21 -23.77
C PRO B 389 2.99 9.96 -22.92
N ILE B 390 4.17 10.01 -23.53
CA ILE B 390 5.41 10.02 -22.76
C ILE B 390 6.20 11.25 -23.15
N ASN B 391 6.57 12.06 -22.16
CA ASN B 391 7.29 13.30 -22.43
C ASN B 391 8.75 12.95 -22.73
N PRO B 392 9.45 13.85 -23.44
CA PRO B 392 10.83 13.57 -23.84
C PRO B 392 11.79 13.23 -22.68
N GLU B 393 11.64 13.85 -21.53
CA GLU B 393 12.52 13.56 -20.40
C GLU B 393 12.43 12.10 -19.94
N ALA B 394 11.19 11.61 -19.80
CA ALA B 394 10.96 10.22 -19.42
C ALA B 394 11.43 9.25 -20.50
N TRP B 395 11.19 9.61 -21.76
CA TRP B 395 11.66 8.81 -22.90
C TRP B 395 13.18 8.65 -22.86
N GLU B 396 13.87 9.77 -22.64
CA GLU B 396 15.32 9.79 -22.52
C GLU B 396 15.82 8.96 -21.34
N TRP B 397 15.18 9.09 -20.19
CA TRP B 397 15.58 8.30 -19.03
C TRP B 397 15.41 6.80 -19.28
N TYR B 398 14.26 6.42 -19.83
CA TYR B 398 13.98 5.03 -20.21
C TYR B 398 15.05 4.48 -21.15
N TRP B 399 15.32 5.28 -22.18
CA TRP B 399 16.28 4.93 -23.22
C TRP B 399 17.71 4.75 -22.65
N LYS B 400 18.09 5.66 -21.76
CA LYS B 400 19.45 5.65 -21.20
C LYS B 400 19.65 4.63 -20.09
N LYS B 401 18.78 4.68 -19.09
CA LYS B 401 18.93 3.88 -17.89
C LYS B 401 18.49 2.43 -18.05
N ILE B 402 17.38 2.20 -18.75
CA ILE B 402 16.92 0.82 -18.91
C ILE B 402 17.56 0.16 -20.13
N GLY B 403 17.61 0.88 -21.25
CA GLY B 403 18.16 0.33 -22.49
C GLY B 403 19.64 0.60 -22.72
N LYS B 404 20.29 1.32 -21.81
CA LYS B 404 21.73 1.59 -21.87
C LYS B 404 22.14 2.31 -23.16
N GLU B 405 21.20 3.09 -23.71
CA GLU B 405 21.35 3.84 -24.97
C GLU B 405 21.53 2.92 -26.20
N LYS B 406 21.26 1.63 -26.03
CA LYS B 406 21.43 0.63 -27.08
C LYS B 406 20.14 0.15 -27.73
N CYS B 407 19.00 0.49 -27.14
CA CYS B 407 17.72 -0.10 -27.57
C CYS B 407 16.75 0.92 -28.15
N PRO B 408 16.24 0.65 -29.36
CA PRO B 408 15.17 1.52 -29.85
C PRO B 408 13.98 1.48 -28.89
N VAL B 409 13.32 2.61 -28.72
CA VAL B 409 12.06 2.70 -27.98
C VAL B 409 10.92 2.82 -28.97
N VAL B 410 9.99 1.87 -28.97
CA VAL B 410 8.80 2.03 -29.79
C VAL B 410 7.66 2.62 -28.94
N ASP B 411 7.39 3.89 -29.20
CA ASP B 411 6.29 4.62 -28.59
C ASP B 411 5.04 4.38 -29.44
N THR B 412 4.20 3.44 -28.99
CA THR B 412 3.07 2.98 -29.79
C THR B 412 1.78 3.74 -29.48
N TRP B 413 1.22 4.46 -30.46
CA TRP B 413 -0.10 5.04 -30.25
C TRP B 413 -1.17 4.13 -30.85
N TRP B 414 -2.19 3.82 -30.05
CA TRP B 414 -3.37 3.09 -30.50
C TRP B 414 -4.40 3.17 -29.39
N GLN B 415 -5.55 2.51 -29.59
CA GLN B 415 -6.67 2.63 -28.63
C GLN B 415 -7.41 1.31 -28.52
N THR B 416 -8.25 1.18 -27.50
CA THR B 416 -9.05 -0.03 -27.36
C THR B 416 -9.81 -0.29 -28.65
N GLU B 417 -10.39 0.75 -29.23
CA GLU B 417 -11.18 0.60 -30.45
C GLU B 417 -10.38 0.31 -31.73
N THR B 418 -9.05 0.34 -31.65
CA THR B 418 -8.27 0.10 -32.88
C THR B 418 -7.63 -1.28 -32.92
N GLY B 419 -7.75 -2.05 -31.83
CA GLY B 419 -7.32 -3.43 -31.80
C GLY B 419 -5.82 -3.66 -31.69
N GLY B 420 -5.04 -2.85 -32.40
CA GLY B 420 -3.58 -2.94 -32.35
C GLY B 420 -2.91 -1.62 -32.73
N PHE B 421 -1.58 -1.62 -32.76
CA PHE B 421 -0.78 -0.41 -33.00
C PHE B 421 -1.23 0.36 -34.26
N MET B 422 -1.27 1.68 -34.17
CA MET B 422 -1.73 2.52 -35.27
C MET B 422 -0.66 3.48 -35.80
N ILE B 423 0.00 4.19 -34.89
CA ILE B 423 1.15 5.03 -35.24
C ILE B 423 2.30 4.60 -34.32
N THR B 424 3.43 4.22 -34.89
CA THR B 424 4.48 3.59 -34.09
C THR B 424 5.76 3.49 -34.89
N PRO B 425 6.93 3.62 -34.23
CA PRO B 425 8.15 3.27 -34.96
C PRO B 425 8.21 1.79 -35.26
N LEU B 426 8.97 1.42 -36.29
CA LEU B 426 9.44 0.05 -36.45
C LEU B 426 10.93 0.16 -36.21
N PRO B 427 11.49 -0.71 -35.36
CA PRO B 427 12.81 -0.42 -34.80
C PRO B 427 13.95 -0.45 -35.82
N GLY B 428 13.80 -1.18 -36.91
CA GLY B 428 14.81 -1.19 -37.94
C GLY B 428 14.49 -0.32 -39.15
N ALA B 429 13.40 0.44 -39.10
CA ALA B 429 12.99 1.22 -40.28
C ALA B 429 12.82 2.72 -40.03
N ILE B 430 12.61 3.11 -38.78
CA ILE B 430 12.26 4.50 -38.46
C ILE B 430 13.15 5.07 -37.37
N GLU B 431 13.86 6.15 -37.70
CA GLU B 431 14.68 6.83 -36.73
C GLU B 431 13.77 7.49 -35.68
N LEU B 432 14.25 7.55 -34.44
CA LEU B 432 13.39 7.98 -33.34
C LEU B 432 13.55 9.44 -32.96
N LYS B 433 12.44 10.04 -32.55
CA LYS B 433 12.44 11.31 -31.85
C LYS B 433 11.81 11.10 -30.47
N ALA B 434 12.46 11.59 -29.42
CA ALA B 434 11.94 11.36 -28.07
C ALA B 434 10.57 11.98 -27.89
N GLY B 435 9.58 11.15 -27.57
CA GLY B 435 8.23 11.64 -27.33
C GLY B 435 7.27 11.51 -28.51
N SER B 436 7.78 11.02 -29.64
CA SER B 436 6.96 10.89 -30.86
C SER B 436 6.61 9.45 -31.19
N ALA B 437 5.34 9.23 -31.55
CA ALA B 437 4.91 7.93 -32.02
C ALA B 437 5.42 7.66 -33.45
N THR B 438 5.82 8.73 -34.13
CA THR B 438 6.42 8.73 -35.50
C THR B 438 5.37 8.46 -36.59
N ARG B 439 5.49 7.35 -37.32
CA ARG B 439 4.73 7.17 -38.56
C ARG B 439 3.63 6.11 -38.46
N PRO B 440 2.62 6.21 -39.34
CA PRO B 440 1.54 5.21 -39.29
C PRO B 440 1.97 3.80 -39.63
N PHE B 441 1.31 2.83 -39.02
CA PHE B 441 1.53 1.42 -39.36
C PHE B 441 0.91 1.08 -40.74
N PHE B 442 1.34 -0.04 -41.32
CA PHE B 442 0.73 -0.57 -42.52
C PHE B 442 -0.79 -0.58 -42.41
N GLY B 443 -1.45 -0.02 -43.43
CA GLY B 443 -2.90 -0.06 -43.48
C GLY B 443 -3.60 1.07 -42.74
N VAL B 444 -2.81 1.98 -42.16
CA VAL B 444 -3.35 3.07 -41.36
C VAL B 444 -3.16 4.41 -42.06
N GLN B 445 -4.26 5.11 -42.29
CA GLN B 445 -4.19 6.44 -42.89
C GLN B 445 -4.67 7.48 -41.91
N PRO B 446 -3.73 8.11 -41.18
CA PRO B 446 -4.15 9.15 -40.25
C PRO B 446 -4.36 10.47 -40.97
N ALA B 447 -5.13 11.36 -40.35
CA ALA B 447 -5.21 12.76 -40.79
C ALA B 447 -5.43 13.61 -39.56
N LEU B 448 -5.12 14.90 -39.68
CA LEU B 448 -5.44 15.87 -38.66
C LEU B 448 -6.49 16.80 -39.26
N VAL B 449 -7.66 16.87 -38.64
CA VAL B 449 -8.72 17.78 -39.11
C VAL B 449 -9.02 18.91 -38.12
N ASP B 450 -9.47 20.05 -38.62
CA ASP B 450 -9.89 21.13 -37.72
C ASP B 450 -11.26 20.78 -37.14
N ASN B 451 -11.87 21.73 -36.45
CA ASN B 451 -13.13 21.48 -35.78
C ASN B 451 -14.32 21.41 -36.73
N GLU B 452 -14.10 21.76 -37.99
CA GLU B 452 -15.12 21.59 -39.02
C GLU B 452 -14.87 20.34 -39.88
N GLY B 453 -13.85 19.56 -39.51
CA GLY B 453 -13.55 18.34 -40.25
C GLY B 453 -12.73 18.48 -41.52
N HIS B 454 -12.12 19.65 -41.71
CA HIS B 454 -11.27 19.86 -42.88
C HIS B 454 -9.84 19.42 -42.62
N PRO B 455 -9.29 18.55 -43.48
CA PRO B 455 -7.92 18.09 -43.27
C PRO B 455 -6.91 19.23 -43.28
N GLN B 456 -5.98 19.15 -42.33
CA GLN B 456 -4.93 20.15 -42.22
C GLN B 456 -3.64 19.57 -42.78
N GLU B 457 -2.99 20.29 -43.69
CA GLU B 457 -1.84 19.75 -44.40
C GLU B 457 -0.51 20.23 -43.85
N GLY B 458 0.53 19.46 -44.13
CA GLY B 458 1.89 19.82 -43.72
C GLY B 458 2.11 19.77 -42.23
N ALA B 459 3.09 20.53 -41.75
CA ALA B 459 3.38 20.59 -40.33
C ALA B 459 2.28 21.39 -39.63
N THR B 460 1.51 20.73 -38.79
CA THR B 460 0.27 21.35 -38.28
C THR B 460 -0.25 20.58 -37.08
N GLU B 461 -1.43 20.94 -36.58
CA GLU B 461 -2.01 20.21 -35.46
C GLU B 461 -3.53 20.23 -35.54
N GLY B 462 -4.16 19.18 -35.03
CA GLY B 462 -5.61 19.13 -35.04
C GLY B 462 -6.13 17.86 -34.41
N ASN B 463 -7.37 17.53 -34.75
CA ASN B 463 -8.03 16.33 -34.26
C ASN B 463 -7.57 15.11 -35.05
N LEU B 464 -7.20 14.04 -34.34
CA LEU B 464 -6.59 12.89 -35.00
C LEU B 464 -7.66 11.91 -35.45
N VAL B 465 -7.75 11.73 -36.77
CA VAL B 465 -8.73 10.81 -37.34
C VAL B 465 -8.01 9.75 -38.16
N ILE B 466 -8.71 8.64 -38.42
CA ILE B 466 -8.23 7.62 -39.36
C ILE B 466 -9.28 7.53 -40.47
N THR B 467 -8.85 7.68 -41.72
CA THR B 467 -9.81 7.97 -42.77
C THR B 467 -10.29 6.75 -43.55
N ASP B 468 -9.74 5.58 -43.24
CA ASP B 468 -10.24 4.32 -43.80
C ASP B 468 -10.04 3.22 -42.77
N SER B 469 -10.68 2.08 -42.98
CA SER B 469 -10.62 0.99 -42.00
C SER B 469 -9.27 0.27 -42.04
N TRP B 470 -9.04 -0.58 -41.03
CA TRP B 470 -7.86 -1.44 -40.90
C TRP B 470 -8.36 -2.73 -40.20
N PRO B 471 -7.63 -3.84 -40.37
CA PRO B 471 -8.24 -5.12 -40.00
C PRO B 471 -8.59 -5.27 -38.52
N GLY B 472 -7.85 -4.60 -37.63
CA GLY B 472 -8.08 -4.77 -36.22
C GLY B 472 -9.14 -3.86 -35.62
N GLN B 473 -9.81 -3.08 -36.45
CA GLN B 473 -10.79 -2.11 -35.96
C GLN B 473 -11.95 -2.74 -35.19
N ALA B 474 -12.31 -2.16 -34.04
CA ALA B 474 -13.48 -2.63 -33.32
C ALA B 474 -14.70 -2.50 -34.23
N ARG B 475 -15.62 -3.46 -34.14
CA ARG B 475 -16.70 -3.53 -35.11
C ARG B 475 -17.99 -2.85 -34.63
N THR B 476 -18.17 -2.76 -33.32
CA THR B 476 -19.36 -2.16 -32.75
C THR B 476 -19.20 -1.90 -31.27
N LEU B 477 -20.22 -1.32 -30.66
CA LEU B 477 -20.39 -1.32 -29.21
C LEU B 477 -21.50 -2.32 -28.90
N PHE B 478 -21.25 -3.22 -27.97
CA PHE B 478 -22.20 -4.28 -27.67
C PHE B 478 -23.59 -3.70 -27.35
N GLY B 479 -24.58 -4.13 -28.12
CA GLY B 479 -25.96 -3.74 -27.90
C GLY B 479 -26.28 -2.33 -28.34
N ASP B 480 -25.33 -1.65 -28.98
CA ASP B 480 -25.54 -0.23 -29.29
C ASP B 480 -24.73 0.28 -30.47
N HIS B 481 -25.09 -0.20 -31.65
CA HIS B 481 -24.38 0.22 -32.86
C HIS B 481 -24.64 1.69 -33.19
N GLU B 482 -25.80 2.21 -32.77
N GLU B 482 -25.80 2.20 -32.77
CA GLU B 482 -26.13 3.62 -33.00
CA GLU B 482 -26.13 3.61 -33.00
C GLU B 482 -25.12 4.51 -32.30
C GLU B 482 -25.13 4.50 -32.29
N ARG B 483 -24.85 4.17 -31.03
CA ARG B 483 -23.88 4.89 -30.23
C ARG B 483 -22.48 4.75 -30.83
N PHE B 484 -22.15 3.56 -31.33
CA PHE B 484 -20.88 3.32 -32.03
C PHE B 484 -20.70 4.33 -33.20
N GLU B 485 -21.71 4.38 -34.08
CA GLU B 485 -21.67 5.33 -35.19
C GLU B 485 -21.55 6.76 -34.69
N GLN B 486 -22.34 7.13 -33.68
CA GLN B 486 -22.31 8.53 -33.23
C GLN B 486 -20.99 8.95 -32.58
N THR B 487 -20.52 8.14 -31.64
CA THR B 487 -19.29 8.43 -30.93
C THR B 487 -18.07 8.47 -31.85
N TYR B 488 -17.94 7.49 -32.78
CA TYR B 488 -16.69 7.44 -33.54
C TYR B 488 -16.75 8.01 -34.95
N PHE B 489 -17.96 8.13 -35.49
CA PHE B 489 -18.09 8.47 -36.90
C PHE B 489 -19.02 9.65 -37.22
N SER B 490 -19.54 10.36 -36.22
CA SER B 490 -20.48 11.43 -36.54
C SER B 490 -19.90 12.84 -36.41
N THR B 491 -18.86 13.00 -35.60
CA THR B 491 -18.25 14.31 -35.39
C THR B 491 -17.62 14.81 -36.69
N PHE B 492 -16.90 13.91 -37.34
CA PHE B 492 -16.28 14.17 -38.63
C PHE B 492 -16.76 13.10 -39.58
N LYS B 493 -17.65 13.47 -40.49
CA LYS B 493 -18.34 12.49 -41.32
C LYS B 493 -17.35 11.67 -42.15
N ASN B 494 -17.63 10.37 -42.22
CA ASN B 494 -16.87 9.41 -43.02
C ASN B 494 -15.45 9.18 -42.52
N MET B 495 -15.21 9.51 -41.25
CA MET B 495 -13.90 9.29 -40.64
C MET B 495 -14.03 8.67 -39.26
N TYR B 496 -13.04 7.86 -38.88
CA TYR B 496 -12.97 7.39 -37.50
C TYR B 496 -12.35 8.49 -36.66
N PHE B 497 -13.09 9.02 -35.69
CA PHE B 497 -12.54 10.04 -34.76
C PHE B 497 -12.00 9.40 -33.48
N SER B 498 -10.70 9.58 -33.25
CA SER B 498 -10.02 8.93 -32.11
C SER B 498 -10.36 9.56 -30.78
N GLY B 499 -10.71 10.84 -30.78
CA GLY B 499 -10.87 11.57 -29.53
C GLY B 499 -9.54 12.12 -29.04
N ASP B 500 -8.45 11.82 -29.76
CA ASP B 500 -7.12 12.34 -29.44
C ASP B 500 -6.77 13.54 -30.34
N GLY B 501 -5.89 14.40 -29.84
CA GLY B 501 -5.35 15.46 -30.66
C GLY B 501 -3.90 15.17 -30.96
N ALA B 502 -3.40 15.67 -32.09
CA ALA B 502 -1.98 15.48 -32.38
C ALA B 502 -1.43 16.59 -33.23
N ARG B 503 -0.10 16.66 -33.22
CA ARG B 503 0.69 17.54 -34.07
C ARG B 503 1.48 16.65 -35.03
N ARG B 504 1.65 17.11 -36.26
CA ARG B 504 2.51 16.43 -37.24
C ARG B 504 3.61 17.41 -37.60
N ASP B 505 4.86 16.96 -37.58
CA ASP B 505 5.98 17.88 -37.83
C ASP B 505 6.39 17.84 -39.31
N GLU B 506 7.48 18.52 -39.63
CA GLU B 506 7.95 18.63 -41.01
C GLU B 506 8.37 17.29 -41.61
N ASP B 507 8.76 16.35 -40.77
CA ASP B 507 9.16 15.03 -41.23
C ASP B 507 7.96 14.09 -41.35
N GLY B 508 6.78 14.57 -41.00
CA GLY B 508 5.58 13.75 -41.07
C GLY B 508 5.44 12.86 -39.84
N TYR B 509 6.24 13.13 -38.81
CA TYR B 509 6.14 12.42 -37.53
C TYR B 509 4.97 12.96 -36.72
N TYR B 510 4.21 12.06 -36.10
CA TYR B 510 3.10 12.46 -35.25
C TYR B 510 3.50 12.55 -33.77
N TRP B 511 2.91 13.53 -33.10
CA TRP B 511 3.08 13.77 -31.69
C TRP B 511 1.72 13.83 -31.05
N ILE B 512 1.34 12.81 -30.28
CA ILE B 512 -0.01 12.79 -29.74
C ILE B 512 -0.01 13.49 -28.38
N THR B 513 -0.81 14.54 -28.26
CA THR B 513 -0.70 15.43 -27.12
C THR B 513 -1.65 15.05 -25.98
N GLY B 514 -2.75 14.36 -26.32
CA GLY B 514 -3.70 13.94 -25.31
C GLY B 514 -5.09 13.98 -25.88
N ARG B 515 -6.05 13.49 -25.11
CA ARG B 515 -7.45 13.51 -25.54
C ARG B 515 -7.95 14.94 -25.72
N VAL B 516 -8.80 15.14 -26.73
CA VAL B 516 -9.45 16.43 -26.92
C VAL B 516 -10.92 16.36 -26.51
N ASP B 517 -11.41 15.16 -26.21
CA ASP B 517 -12.72 15.02 -25.60
C ASP B 517 -12.52 15.05 -24.09
N ASP B 518 -13.53 14.62 -23.33
CA ASP B 518 -13.45 14.69 -21.88
C ASP B 518 -13.00 13.37 -21.24
N VAL B 519 -12.26 12.58 -22.00
CA VAL B 519 -11.70 11.34 -21.47
C VAL B 519 -10.38 11.65 -20.75
N LEU B 520 -10.22 11.12 -19.54
CA LEU B 520 -9.01 11.27 -18.75
C LEU B 520 -8.09 10.06 -18.88
N ASN B 521 -6.80 10.28 -18.67
CA ASN B 521 -5.83 9.20 -18.67
C ASN B 521 -5.01 9.28 -17.40
N VAL B 522 -5.39 8.46 -16.43
CA VAL B 522 -4.83 8.52 -15.08
C VAL B 522 -4.03 7.25 -14.81
N SER B 523 -2.70 7.38 -14.73
CA SER B 523 -1.81 6.23 -14.62
C SER B 523 -2.02 5.18 -15.72
N GLY B 524 -2.38 5.63 -16.92
CA GLY B 524 -2.66 4.73 -18.02
C GLY B 524 -4.09 4.22 -18.03
N HIS B 525 -4.89 4.64 -17.05
CA HIS B 525 -6.28 4.19 -16.97
C HIS B 525 -7.21 5.20 -17.61
N ARG B 526 -7.93 4.75 -18.62
CA ARG B 526 -8.87 5.58 -19.37
C ARG B 526 -10.18 5.72 -18.61
N LEU B 527 -10.55 6.95 -18.26
CA LEU B 527 -11.71 7.18 -17.41
C LEU B 527 -12.54 8.31 -18.01
N GLY B 528 -13.86 8.29 -17.82
CA GLY B 528 -14.69 9.35 -18.33
C GLY B 528 -14.95 10.44 -17.30
N THR B 529 -14.87 11.70 -17.74
CA THR B 529 -15.22 12.84 -16.89
C THR B 529 -16.64 12.69 -16.34
N ALA B 530 -17.56 12.47 -17.26
CA ALA B 530 -18.98 12.39 -16.94
C ALA B 530 -19.27 11.28 -15.96
N GLU B 531 -18.61 10.13 -16.11
CA GLU B 531 -18.94 8.98 -15.26
C GLU B 531 -18.49 9.23 -13.80
N ILE B 532 -17.38 9.96 -13.64
CA ILE B 532 -16.91 10.28 -12.30
C ILE B 532 -17.81 11.36 -11.68
N GLU B 533 -18.21 12.33 -12.49
CA GLU B 533 -19.19 13.31 -12.00
C GLU B 533 -20.49 12.63 -11.56
N SER B 534 -20.99 11.70 -12.36
CA SER B 534 -22.21 10.95 -12.04
C SER B 534 -22.04 10.16 -10.75
N ALA B 535 -20.89 9.49 -10.61
CA ALA B 535 -20.62 8.80 -9.35
C ALA B 535 -20.66 9.76 -8.15
N LEU B 536 -20.04 10.92 -8.28
CA LEU B 536 -20.06 11.90 -7.20
C LEU B 536 -21.47 12.39 -6.85
N VAL B 537 -22.26 12.70 -7.88
CA VAL B 537 -23.57 13.31 -7.65
C VAL B 537 -24.55 12.25 -7.08
N ALA B 538 -24.21 10.97 -7.25
CA ALA B 538 -25.04 9.93 -6.65
C ALA B 538 -24.96 9.96 -5.11
N HIS B 539 -23.91 10.59 -4.56
CA HIS B 539 -23.80 10.68 -3.11
C HIS B 539 -24.89 11.62 -2.60
N PRO B 540 -25.62 11.21 -1.55
CA PRO B 540 -26.77 11.99 -1.07
C PRO B 540 -26.45 13.44 -0.68
N LYS B 541 -25.21 13.70 -0.25
CA LYS B 541 -24.86 15.05 0.21
C LYS B 541 -24.31 15.97 -0.87
N ILE B 542 -24.13 15.43 -2.08
CA ILE B 542 -23.53 16.19 -3.17
C ILE B 542 -24.60 16.64 -4.16
N ALA B 543 -24.60 17.94 -4.48
CA ALA B 543 -25.54 18.50 -5.42
C ALA B 543 -25.00 18.47 -6.84
N GLU B 544 -23.76 18.93 -7.01
CA GLU B 544 -23.16 18.97 -8.34
C GLU B 544 -21.69 18.69 -8.25
N ALA B 545 -21.12 18.27 -9.38
CA ALA B 545 -19.69 18.03 -9.43
C ALA B 545 -19.17 18.33 -10.83
N ALA B 546 -17.94 18.83 -10.88
CA ALA B 546 -17.26 19.06 -12.15
C ALA B 546 -15.85 18.48 -12.02
N VAL B 547 -15.54 17.50 -12.86
CA VAL B 547 -14.28 16.79 -12.76
C VAL B 547 -13.32 17.18 -13.87
N VAL B 548 -12.07 17.46 -13.52
CA VAL B 548 -11.05 17.75 -14.53
C VAL B 548 -9.78 16.97 -14.23
N GLY B 549 -8.97 16.78 -15.27
CA GLY B 549 -7.66 16.17 -15.11
C GLY B 549 -6.62 17.26 -15.01
N ILE B 550 -5.69 17.12 -14.07
CA ILE B 550 -4.58 18.06 -13.95
C ILE B 550 -3.26 17.33 -14.17
N PRO B 551 -2.23 18.07 -14.61
CA PRO B 551 -0.92 17.41 -14.77
C PRO B 551 -0.43 16.78 -13.47
N HIS B 552 0.19 15.62 -13.57
CA HIS B 552 0.77 14.95 -12.40
C HIS B 552 2.07 14.26 -12.82
N ALA B 553 3.14 14.54 -12.09
CA ALA B 553 4.49 14.12 -12.44
C ALA B 553 4.66 12.60 -12.56
N ILE B 554 3.86 11.84 -11.84
CA ILE B 554 3.91 10.37 -11.94
C ILE B 554 2.76 9.82 -12.77
N LYS B 555 1.54 10.25 -12.44
CA LYS B 555 0.34 9.65 -13.01
C LYS B 555 -0.06 10.19 -14.38
N GLY B 556 0.58 11.27 -14.82
CA GLY B 556 0.23 11.85 -16.11
C GLY B 556 -0.88 12.86 -15.88
N GLN B 557 -2.07 12.33 -15.59
CA GLN B 557 -3.19 13.15 -15.12
C GLN B 557 -3.67 12.66 -13.76
N ALA B 558 -4.02 13.60 -12.90
CA ALA B 558 -4.67 13.27 -11.63
C ALA B 558 -6.07 13.81 -11.68
N ILE B 559 -6.95 13.20 -10.89
CA ILE B 559 -8.35 13.59 -10.83
C ILE B 559 -8.60 14.70 -9.79
N TYR B 560 -9.09 15.81 -10.30
CA TYR B 560 -9.42 17.00 -9.51
C TYR B 560 -10.92 17.21 -9.59
N ALA B 561 -11.62 17.09 -8.47
CA ALA B 561 -13.07 17.25 -8.48
C ALA B 561 -13.54 18.51 -7.75
N TYR B 562 -14.15 19.43 -8.48
CA TYR B 562 -14.92 20.52 -7.88
C TYR B 562 -16.28 19.97 -7.40
N VAL B 563 -16.61 20.16 -6.13
CA VAL B 563 -17.80 19.56 -5.57
C VAL B 563 -18.68 20.59 -4.85
N THR B 564 -19.94 20.65 -5.25
CA THR B 564 -20.95 21.49 -4.62
C THR B 564 -21.85 20.63 -3.77
N LEU B 565 -21.84 20.93 -2.46
CA LEU B 565 -22.61 20.21 -1.46
C LEU B 565 -24.02 20.75 -1.32
N ASN B 566 -24.95 19.85 -1.03
CA ASN B 566 -26.29 20.26 -0.64
C ASN B 566 -26.24 21.10 0.62
N HIS B 567 -27.26 21.94 0.81
CA HIS B 567 -27.37 22.75 2.01
C HIS B 567 -27.41 21.88 3.26
N GLY B 568 -26.84 22.41 4.36
CA GLY B 568 -26.86 21.70 5.62
C GLY B 568 -25.61 20.86 5.80
N GLU B 569 -24.87 20.68 4.71
CA GLU B 569 -23.63 19.91 4.74
C GLU B 569 -22.43 20.82 4.71
N GLU B 570 -21.47 20.55 5.59
CA GLU B 570 -20.24 21.33 5.62
C GLU B 570 -19.03 20.41 5.53
N PRO B 571 -17.97 20.89 4.87
CA PRO B 571 -16.75 20.09 4.72
C PRO B 571 -16.16 19.74 6.08
N SER B 572 -15.69 18.51 6.19
CA SER B 572 -15.01 18.03 7.38
C SER B 572 -14.01 16.98 6.92
N PRO B 573 -13.05 16.61 7.77
CA PRO B 573 -12.19 15.47 7.39
C PRO B 573 -13.00 14.18 7.12
N GLU B 574 -14.06 13.96 7.91
CA GLU B 574 -14.95 12.82 7.69
C GLU B 574 -15.56 12.89 6.30
N LEU B 575 -16.07 14.05 5.91
CA LEU B 575 -16.77 14.13 4.65
C LEU B 575 -15.81 14.01 3.46
N TYR B 576 -14.60 14.55 3.62
CA TYR B 576 -13.56 14.45 2.59
C TYR B 576 -13.27 12.98 2.31
N ALA B 577 -12.99 12.26 3.40
CA ALA B 577 -12.74 10.82 3.29
C ALA B 577 -13.93 10.08 2.69
N GLU B 578 -15.14 10.43 3.15
CA GLU B 578 -16.35 9.73 2.72
C GLU B 578 -16.62 9.91 1.22
N VAL B 579 -16.34 11.09 0.68
CA VAL B 579 -16.59 11.35 -0.74
C VAL B 579 -15.54 10.64 -1.61
N ARG B 580 -14.26 10.71 -1.18
CA ARG B 580 -13.24 9.93 -1.91
C ARG B 580 -13.59 8.42 -1.93
N ASN B 581 -13.94 7.90 -0.77
CA ASN B 581 -14.29 6.47 -0.67
C ASN B 581 -15.55 6.14 -1.46
N TRP B 582 -16.47 7.09 -1.57
CA TRP B 582 -17.69 6.91 -2.35
C TRP B 582 -17.35 6.67 -3.81
N VAL B 583 -16.42 7.47 -4.36
CA VAL B 583 -15.99 7.14 -5.72
C VAL B 583 -15.24 5.79 -5.78
N ARG B 584 -14.44 5.49 -4.77
CA ARG B 584 -13.82 4.15 -4.73
C ARG B 584 -14.87 3.02 -4.78
N LYS B 585 -16.03 3.23 -4.16
CA LYS B 585 -17.11 2.26 -4.14
C LYS B 585 -17.86 2.17 -5.46
N GLU B 586 -18.12 3.32 -6.06
CA GLU B 586 -18.93 3.37 -7.28
C GLU B 586 -18.21 2.81 -8.50
N ILE B 587 -16.91 3.06 -8.57
CA ILE B 587 -16.13 2.69 -9.75
C ILE B 587 -14.93 1.85 -9.34
N GLY B 588 -14.13 2.37 -8.42
CA GLY B 588 -12.96 1.66 -7.93
C GLY B 588 -11.84 2.60 -7.54
N PRO B 589 -10.81 2.07 -6.88
CA PRO B 589 -9.68 2.90 -6.47
C PRO B 589 -9.01 3.64 -7.63
N LEU B 590 -9.03 3.11 -8.85
CA LEU B 590 -8.37 3.78 -9.97
CA LEU B 590 -8.39 3.78 -9.98
C LEU B 590 -9.00 5.15 -10.26
N ALA B 591 -10.26 5.34 -9.86
CA ALA B 591 -10.97 6.58 -10.18
C ALA B 591 -11.11 7.52 -8.99
N THR B 592 -10.46 7.20 -7.88
CA THR B 592 -10.50 8.06 -6.69
C THR B 592 -9.93 9.44 -6.97
N PRO B 593 -10.70 10.49 -6.66
CA PRO B 593 -10.15 11.83 -6.87
C PRO B 593 -8.92 12.08 -6.00
N ASP B 594 -7.89 12.69 -6.59
CA ASP B 594 -6.71 13.11 -5.85
C ASP B 594 -7.05 14.33 -5.03
N VAL B 595 -7.84 15.23 -5.62
CA VAL B 595 -8.21 16.46 -4.92
C VAL B 595 -9.71 16.69 -4.90
N LEU B 596 -10.24 17.12 -3.76
CA LEU B 596 -11.61 17.61 -3.67
C LEU B 596 -11.58 19.09 -3.37
N HIS B 597 -12.30 19.88 -4.17
CA HIS B 597 -12.35 21.32 -4.02
C HIS B 597 -13.80 21.71 -3.78
N TRP B 598 -14.16 22.02 -2.53
CA TRP B 598 -15.55 22.37 -2.21
C TRP B 598 -15.85 23.76 -2.73
N THR B 599 -16.97 23.92 -3.41
CA THR B 599 -17.30 25.23 -3.97
C THR B 599 -18.79 25.43 -4.18
N ASP B 600 -19.22 26.69 -4.20
CA ASP B 600 -20.57 27.02 -4.62
C ASP B 600 -20.52 27.84 -5.91
N SER B 601 -19.37 27.86 -6.56
CA SER B 601 -19.15 28.77 -7.67
C SER B 601 -18.82 28.08 -8.98
N LEU B 602 -19.54 27.00 -9.30
CA LEU B 602 -19.33 26.33 -10.60
C LEU B 602 -19.73 27.24 -11.76
N PRO B 603 -18.81 27.43 -12.71
CA PRO B 603 -19.09 28.28 -13.87
C PRO B 603 -20.11 27.66 -14.80
N LYS B 604 -21.08 28.43 -15.26
CA LYS B 604 -22.13 27.89 -16.11
C LYS B 604 -22.52 28.87 -17.21
N THR B 605 -22.99 28.34 -18.34
CA THR B 605 -23.54 29.17 -19.39
C THR B 605 -24.89 29.73 -18.97
N ARG B 606 -25.41 30.67 -19.75
CA ARG B 606 -26.73 31.22 -19.46
C ARG B 606 -27.82 30.17 -19.59
N SER B 607 -27.54 29.06 -20.29
CA SER B 607 -28.49 27.95 -20.37
C SER B 607 -28.32 26.95 -19.23
N GLY B 608 -27.25 27.09 -18.47
CA GLY B 608 -27.11 26.32 -17.24
C GLY B 608 -26.09 25.21 -17.29
N LYS B 609 -25.38 25.09 -18.40
CA LYS B 609 -24.47 23.96 -18.57
C LYS B 609 -23.08 24.29 -18.07
N ILE B 610 -22.41 23.27 -17.55
CA ILE B 610 -21.09 23.40 -16.94
C ILE B 610 -20.05 23.79 -17.97
N MET B 611 -19.16 24.68 -17.58
CA MET B 611 -18.03 25.05 -18.43
C MET B 611 -16.76 24.54 -17.78
N ARG B 612 -16.15 23.52 -18.36
CA ARG B 612 -15.04 22.85 -17.70
C ARG B 612 -13.65 23.35 -18.09
N ARG B 613 -13.52 24.01 -19.24
CA ARG B 613 -12.19 24.45 -19.70
C ARG B 613 -11.49 25.36 -18.69
N ILE B 614 -12.24 26.37 -18.25
CA ILE B 614 -11.73 27.31 -17.27
C ILE B 614 -11.39 26.60 -15.95
N LEU B 615 -12.21 25.63 -15.56
CA LEU B 615 -11.93 24.86 -14.35
C LEU B 615 -10.65 24.06 -14.46
N ARG B 616 -10.42 23.52 -15.65
CA ARG B 616 -9.20 22.76 -15.94
C ARG B 616 -7.99 23.66 -15.78
N LYS B 617 -8.03 24.79 -16.46
CA LYS B 617 -6.92 25.76 -16.39
C LYS B 617 -6.64 26.21 -14.95
N ILE B 618 -7.71 26.55 -14.21
CA ILE B 618 -7.58 26.97 -12.82
C ILE B 618 -6.98 25.88 -11.93
N ALA B 619 -7.47 24.65 -12.07
CA ALA B 619 -7.00 23.57 -11.22
C ALA B 619 -5.54 23.25 -11.51
N ALA B 620 -5.14 23.43 -12.77
CA ALA B 620 -3.76 23.13 -13.16
C ALA B 620 -2.77 24.12 -12.56
N GLY B 621 -3.27 25.27 -12.12
CA GLY B 621 -2.41 26.28 -11.51
C GLY B 621 -2.19 27.49 -12.40
N ASP B 622 -2.94 27.54 -13.50
CA ASP B 622 -2.84 28.70 -14.39
C ASP B 622 -3.56 29.89 -13.77
N THR B 623 -3.05 31.09 -14.02
CA THR B 623 -3.63 32.30 -13.46
C THR B 623 -3.70 33.41 -14.51
N SER B 624 -2.96 33.24 -15.60
CA SER B 624 -2.81 34.29 -16.60
C SER B 624 -3.81 34.19 -17.74
N ASN B 625 -3.41 33.51 -18.80
CA ASN B 625 -4.24 33.39 -20.00
C ASN B 625 -5.37 32.39 -19.84
N LEU B 626 -6.36 32.74 -19.01
CA LEU B 626 -7.46 31.83 -18.71
C LEU B 626 -8.43 31.72 -19.89
N GLY B 627 -8.52 32.78 -20.68
CA GLY B 627 -9.34 32.76 -21.88
C GLY B 627 -10.77 33.22 -21.69
N ASP B 628 -11.62 32.80 -22.62
CA ASP B 628 -13.02 33.21 -22.73
C ASP B 628 -13.85 32.93 -21.49
N THR B 629 -14.36 34.00 -20.86
CA THR B 629 -15.28 33.92 -19.74
C THR B 629 -16.63 34.54 -20.12
N SER B 630 -16.82 34.79 -21.42
CA SER B 630 -17.95 35.60 -21.88
C SER B 630 -19.25 34.83 -22.04
N THR B 631 -19.17 33.51 -22.05
CA THR B 631 -20.39 32.73 -22.12
C THR B 631 -20.90 32.40 -20.72
N LEU B 632 -20.22 32.87 -19.67
CA LEU B 632 -20.62 32.55 -18.31
C LEU B 632 -21.76 33.42 -17.81
N ALA B 633 -22.76 32.78 -17.19
CA ALA B 633 -23.89 33.50 -16.60
C ALA B 633 -23.43 34.41 -15.48
N ASP B 634 -22.37 33.98 -14.79
CA ASP B 634 -21.76 34.76 -13.72
C ASP B 634 -20.23 34.65 -13.80
N PRO B 635 -19.59 35.53 -14.56
CA PRO B 635 -18.12 35.47 -14.75
C PRO B 635 -17.34 35.69 -13.44
N GLY B 636 -17.98 36.33 -12.48
CA GLY B 636 -17.37 36.56 -11.18
C GLY B 636 -16.81 35.30 -10.55
N VAL B 637 -17.50 34.18 -10.78
CA VAL B 637 -17.11 32.88 -10.21
C VAL B 637 -15.63 32.60 -10.49
N VAL B 638 -15.15 33.04 -11.65
CA VAL B 638 -13.76 32.79 -12.01
C VAL B 638 -12.86 33.29 -10.91
N GLU B 639 -12.99 34.57 -10.57
CA GLU B 639 -12.15 35.16 -9.54
C GLU B 639 -12.24 34.34 -8.27
N LYS B 640 -13.46 33.99 -7.90
CA LYS B 640 -13.69 33.27 -6.65
C LYS B 640 -12.95 31.94 -6.69
N LEU B 641 -13.05 31.26 -7.83
CA LEU B 641 -12.45 29.94 -7.95
C LEU B 641 -10.95 30.07 -7.87
N LEU B 642 -10.42 31.20 -8.33
CA LEU B 642 -8.99 31.43 -8.25
C LEU B 642 -8.57 31.59 -6.79
N GLU B 643 -9.43 32.24 -6.01
CA GLU B 643 -9.13 32.49 -4.61
C GLU B 643 -9.13 31.19 -3.82
N GLU B 644 -10.17 30.39 -4.04
CA GLU B 644 -10.29 29.09 -3.38
C GLU B 644 -9.13 28.17 -3.72
#